data_3I9X
# 
_entry.id   3I9X 
# 
_audit_conform.dict_name       mmcif_pdbx.dic 
_audit_conform.dict_version    5.387 
_audit_conform.dict_location   http://mmcif.pdb.org/dictionaries/ascii/mmcif_pdbx.dic 
# 
loop_
_database_2.database_id 
_database_2.database_code 
_database_2.pdbx_database_accession 
_database_2.pdbx_DOI 
PDB   3I9X         pdb_00003i9x 10.2210/pdb3i9x/pdb 
RCSB  RCSB054148   ?            ?                   
WWPDB D_1000054148 ?            ?                   
# 
loop_
_pdbx_audit_revision_history.ordinal 
_pdbx_audit_revision_history.data_content_type 
_pdbx_audit_revision_history.major_revision 
_pdbx_audit_revision_history.minor_revision 
_pdbx_audit_revision_history.revision_date 
1 'Structure model' 1 0 2009-07-28 
2 'Structure model' 1 1 2011-07-13 
3 'Structure model' 1 2 2017-11-01 
4 'Structure model' 1 3 2018-11-21 
5 'Structure model' 1 4 2021-02-10 
6 'Structure model' 1 5 2024-02-21 
# 
_pdbx_audit_revision_details.ordinal             1 
_pdbx_audit_revision_details.revision_ordinal    1 
_pdbx_audit_revision_details.data_content_type   'Structure model' 
_pdbx_audit_revision_details.provider            repository 
_pdbx_audit_revision_details.type                'Initial release' 
_pdbx_audit_revision_details.description         ? 
_pdbx_audit_revision_details.details             ? 
# 
loop_
_pdbx_audit_revision_group.ordinal 
_pdbx_audit_revision_group.revision_ordinal 
_pdbx_audit_revision_group.data_content_type 
_pdbx_audit_revision_group.group 
1  2 'Structure model' 'Non-polymer description'   
2  2 'Structure model' 'Version format compliance' 
3  3 'Structure model' 'Refinement description'    
4  4 'Structure model' 'Data collection'           
5  4 'Structure model' 'Structure summary'         
6  5 'Structure model' 'Database references'       
7  5 'Structure model' 'Derived calculations'      
8  5 'Structure model' 'Structure summary'         
9  6 'Structure model' 'Data collection'           
10 6 'Structure model' 'Database references'       
# 
loop_
_pdbx_audit_revision_category.ordinal 
_pdbx_audit_revision_category.revision_ordinal 
_pdbx_audit_revision_category.data_content_type 
_pdbx_audit_revision_category.category 
1 3 'Structure model' software        
2 4 'Structure model' audit_author    
3 5 'Structure model' audit_author    
4 5 'Structure model' citation_author 
5 5 'Structure model' struct_site     
6 6 'Structure model' chem_comp_atom  
7 6 'Structure model' chem_comp_bond  
8 6 'Structure model' database_2      
# 
loop_
_pdbx_audit_revision_item.ordinal 
_pdbx_audit_revision_item.revision_ordinal 
_pdbx_audit_revision_item.data_content_type 
_pdbx_audit_revision_item.item 
1 4 'Structure model' '_audit_author.identifier_ORCID'      
2 5 'Structure model' '_audit_author.identifier_ORCID'      
3 5 'Structure model' '_citation_author.identifier_ORCID'   
4 5 'Structure model' '_struct_site.pdbx_auth_asym_id'      
5 5 'Structure model' '_struct_site.pdbx_auth_comp_id'      
6 5 'Structure model' '_struct_site.pdbx_auth_seq_id'       
7 6 'Structure model' '_database_2.pdbx_DOI'                
8 6 'Structure model' '_database_2.pdbx_database_accession' 
# 
_pdbx_database_status.entry_id                        3I9X 
_pdbx_database_status.status_code                     REL 
_pdbx_database_status.deposit_site                    RCSB 
_pdbx_database_status.process_site                    RCSB 
_pdbx_database_status.recvd_initial_deposition_date   2009-07-13 
_pdbx_database_status.status_code_sf                  REL 
_pdbx_database_status.status_code_mr                  ? 
_pdbx_database_status.SG_entry                        Y 
_pdbx_database_status.pdb_format_compatible           Y 
_pdbx_database_status.status_code_cs                  ? 
_pdbx_database_status.methods_development_category    ? 
_pdbx_database_status.status_code_nmr_data            ? 
# 
_pdbx_database_related.db_name        TargetDB 
_pdbx_database_related.db_id          NYSGXRC-11177n 
_pdbx_database_related.details        . 
_pdbx_database_related.content_type   unspecified 
# 
loop_
_audit_author.name 
_audit_author.pdbx_ordinal 
_audit_author.identifier_ORCID 
'Bonanno, J.B.'                                                  1 ?                   
'Gilmore, M.'                                                    2 ?                   
'Bain, K.T.'                                                     3 ?                   
'Miller, S.'                                                     4 ?                   
'Romero, R.'                                                     5 ?                   
'Sauder, J.M.'                                                   6 0000-0002-0254-4955 
'Burley, S.K.'                                                   7 0000-0002-2487-9713 
'Almo, S.C.'                                                     8 ?                   
'New York SGX Research Center for Structural Genomics (NYSGXRC)' 9 ?                   
# 
_citation.id                        primary 
_citation.title                     'Crystal structure of a mutT/nudix family protein from Listeria innocua' 
_citation.journal_abbrev            'To be Published' 
_citation.journal_volume            ? 
_citation.page_first                ? 
_citation.page_last                 ? 
_citation.year                      ? 
_citation.journal_id_ASTM           ? 
_citation.country                   ? 
_citation.journal_id_ISSN           ? 
_citation.journal_id_CSD            0353 
_citation.book_publisher            ? 
_citation.pdbx_database_id_PubMed   ? 
_citation.pdbx_database_id_DOI      ? 
# 
loop_
_citation_author.citation_id 
_citation_author.name 
_citation_author.ordinal 
_citation_author.identifier_ORCID 
primary 'Bonanno, J.B.' 1 ?                   
primary 'Gilmore, M.'   2 ?                   
primary 'Bain, K.T.'    3 ?                   
primary 'Miller, S.'    4 ?                   
primary 'Romero, R.'    5 ?                   
primary 'Sauder, J.M.'  6 ?                   
primary 'Burley, S.K.'  7 0000-0002-2487-9713 
primary 'Almo, S.C.'    8 ?                   
# 
loop_
_entity.id 
_entity.type 
_entity.src_method 
_entity.pdbx_description 
_entity.formula_weight 
_entity.pdbx_number_of_molecules 
_entity.pdbx_ec 
_entity.pdbx_mutation 
_entity.pdbx_fragment 
_entity.details 
1 polymer     man 'mutT/nudix family protein' 20924.576 1  ? ? ? ? 
2 non-polymer syn GLYCEROL                    92.094    1  ? ? ? ? 
3 water       nat water                       18.015    25 ? ? ? ? 
# 
_entity_poly.entity_id                      1 
_entity_poly.type                           'polypeptide(L)' 
_entity_poly.nstd_linkage                   no 
_entity_poly.nstd_monomer                   no 
_entity_poly.pdbx_seq_one_letter_code       
;MSLTEEFVNKEDALKNYNAKEFRTPDGYTSDMILTTVKELNGKPTLHILLIKRSLTNAEGKPNMEGGKWAVPGGFVDENE
SAEQAAERELEEETSLTDIPLIPFGVFDKPGRDPRGWIISRAFYAIVPPEALEKRAAGDDAAEIGLFPMTEALELPLAFD
HLDMLKKAFSAITEEFLLTEGHHHHHH
;
_entity_poly.pdbx_seq_one_letter_code_can   
;MSLTEEFVNKEDALKNYNAKEFRTPDGYTSDMILTTVKELNGKPTLHILLIKRSLTNAEGKPNMEGGKWAVPGGFVDENE
SAEQAAERELEEETSLTDIPLIPFGVFDKPGRDPRGWIISRAFYAIVPPEALEKRAAGDDAAEIGLFPMTEALELPLAFD
HLDMLKKAFSAITEEFLLTEGHHHHHH
;
_entity_poly.pdbx_strand_id                 A 
_entity_poly.pdbx_target_identifier         NYSGXRC-11177n 
# 
loop_
_pdbx_entity_nonpoly.entity_id 
_pdbx_entity_nonpoly.name 
_pdbx_entity_nonpoly.comp_id 
2 GLYCEROL GOL 
3 water    HOH 
# 
loop_
_entity_poly_seq.entity_id 
_entity_poly_seq.num 
_entity_poly_seq.mon_id 
_entity_poly_seq.hetero 
1 1   MET n 
1 2   SER n 
1 3   LEU n 
1 4   THR n 
1 5   GLU n 
1 6   GLU n 
1 7   PHE n 
1 8   VAL n 
1 9   ASN n 
1 10  LYS n 
1 11  GLU n 
1 12  ASP n 
1 13  ALA n 
1 14  LEU n 
1 15  LYS n 
1 16  ASN n 
1 17  TYR n 
1 18  ASN n 
1 19  ALA n 
1 20  LYS n 
1 21  GLU n 
1 22  PHE n 
1 23  ARG n 
1 24  THR n 
1 25  PRO n 
1 26  ASP n 
1 27  GLY n 
1 28  TYR n 
1 29  THR n 
1 30  SER n 
1 31  ASP n 
1 32  MET n 
1 33  ILE n 
1 34  LEU n 
1 35  THR n 
1 36  THR n 
1 37  VAL n 
1 38  LYS n 
1 39  GLU n 
1 40  LEU n 
1 41  ASN n 
1 42  GLY n 
1 43  LYS n 
1 44  PRO n 
1 45  THR n 
1 46  LEU n 
1 47  HIS n 
1 48  ILE n 
1 49  LEU n 
1 50  LEU n 
1 51  ILE n 
1 52  LYS n 
1 53  ARG n 
1 54  SER n 
1 55  LEU n 
1 56  THR n 
1 57  ASN n 
1 58  ALA n 
1 59  GLU n 
1 60  GLY n 
1 61  LYS n 
1 62  PRO n 
1 63  ASN n 
1 64  MET n 
1 65  GLU n 
1 66  GLY n 
1 67  GLY n 
1 68  LYS n 
1 69  TRP n 
1 70  ALA n 
1 71  VAL n 
1 72  PRO n 
1 73  GLY n 
1 74  GLY n 
1 75  PHE n 
1 76  VAL n 
1 77  ASP n 
1 78  GLU n 
1 79  ASN n 
1 80  GLU n 
1 81  SER n 
1 82  ALA n 
1 83  GLU n 
1 84  GLN n 
1 85  ALA n 
1 86  ALA n 
1 87  GLU n 
1 88  ARG n 
1 89  GLU n 
1 90  LEU n 
1 91  GLU n 
1 92  GLU n 
1 93  GLU n 
1 94  THR n 
1 95  SER n 
1 96  LEU n 
1 97  THR n 
1 98  ASP n 
1 99  ILE n 
1 100 PRO n 
1 101 LEU n 
1 102 ILE n 
1 103 PRO n 
1 104 PHE n 
1 105 GLY n 
1 106 VAL n 
1 107 PHE n 
1 108 ASP n 
1 109 LYS n 
1 110 PRO n 
1 111 GLY n 
1 112 ARG n 
1 113 ASP n 
1 114 PRO n 
1 115 ARG n 
1 116 GLY n 
1 117 TRP n 
1 118 ILE n 
1 119 ILE n 
1 120 SER n 
1 121 ARG n 
1 122 ALA n 
1 123 PHE n 
1 124 TYR n 
1 125 ALA n 
1 126 ILE n 
1 127 VAL n 
1 128 PRO n 
1 129 PRO n 
1 130 GLU n 
1 131 ALA n 
1 132 LEU n 
1 133 GLU n 
1 134 LYS n 
1 135 ARG n 
1 136 ALA n 
1 137 ALA n 
1 138 GLY n 
1 139 ASP n 
1 140 ASP n 
1 141 ALA n 
1 142 ALA n 
1 143 GLU n 
1 144 ILE n 
1 145 GLY n 
1 146 LEU n 
1 147 PHE n 
1 148 PRO n 
1 149 MET n 
1 150 THR n 
1 151 GLU n 
1 152 ALA n 
1 153 LEU n 
1 154 GLU n 
1 155 LEU n 
1 156 PRO n 
1 157 LEU n 
1 158 ALA n 
1 159 PHE n 
1 160 ASP n 
1 161 HIS n 
1 162 LEU n 
1 163 ASP n 
1 164 MET n 
1 165 LEU n 
1 166 LYS n 
1 167 LYS n 
1 168 ALA n 
1 169 PHE n 
1 170 SER n 
1 171 ALA n 
1 172 ILE n 
1 173 THR n 
1 174 GLU n 
1 175 GLU n 
1 176 PHE n 
1 177 LEU n 
1 178 LEU n 
1 179 THR n 
1 180 GLU n 
1 181 GLY n 
1 182 HIS n 
1 183 HIS n 
1 184 HIS n 
1 185 HIS n 
1 186 HIS n 
1 187 HIS n 
# 
_entity_src_gen.entity_id                          1 
_entity_src_gen.pdbx_src_id                        1 
_entity_src_gen.pdbx_alt_source_flag               sample 
_entity_src_gen.pdbx_seq_type                      ? 
_entity_src_gen.pdbx_beg_seq_num                   ? 
_entity_src_gen.pdbx_end_seq_num                   ? 
_entity_src_gen.gene_src_common_name               ? 
_entity_src_gen.gene_src_genus                     ? 
_entity_src_gen.pdbx_gene_src_gene                 lin0490 
_entity_src_gen.gene_src_species                   ? 
_entity_src_gen.gene_src_strain                    ? 
_entity_src_gen.gene_src_tissue                    ? 
_entity_src_gen.gene_src_tissue_fraction           ? 
_entity_src_gen.gene_src_details                   ? 
_entity_src_gen.pdbx_gene_src_fragment             ? 
_entity_src_gen.pdbx_gene_src_scientific_name      'Listeria innocua' 
_entity_src_gen.pdbx_gene_src_ncbi_taxonomy_id     1642 
_entity_src_gen.pdbx_gene_src_variant              ? 
_entity_src_gen.pdbx_gene_src_cell_line            ? 
_entity_src_gen.pdbx_gene_src_atcc                 ? 
_entity_src_gen.pdbx_gene_src_organ                ? 
_entity_src_gen.pdbx_gene_src_organelle            ? 
_entity_src_gen.pdbx_gene_src_cell                 ? 
_entity_src_gen.pdbx_gene_src_cellular_location    ? 
_entity_src_gen.host_org_common_name               ? 
_entity_src_gen.pdbx_host_org_scientific_name      'Escherichia coli BL21(DE3)' 
_entity_src_gen.pdbx_host_org_ncbi_taxonomy_id     469008 
_entity_src_gen.host_org_genus                     ? 
_entity_src_gen.pdbx_host_org_gene                 ? 
_entity_src_gen.pdbx_host_org_organ                ? 
_entity_src_gen.host_org_species                   ? 
_entity_src_gen.pdbx_host_org_tissue               ? 
_entity_src_gen.pdbx_host_org_tissue_fraction      ? 
_entity_src_gen.pdbx_host_org_strain               'BL21(DE3)' 
_entity_src_gen.pdbx_host_org_variant              ? 
_entity_src_gen.pdbx_host_org_cell_line            ? 
_entity_src_gen.pdbx_host_org_atcc                 ? 
_entity_src_gen.pdbx_host_org_culture_collection   ? 
_entity_src_gen.pdbx_host_org_cell                 ? 
_entity_src_gen.pdbx_host_org_organelle            ? 
_entity_src_gen.pdbx_host_org_cellular_location    ? 
_entity_src_gen.pdbx_host_org_vector_type          plasmid 
_entity_src_gen.pdbx_host_org_vector               ? 
_entity_src_gen.host_org_details                   ? 
_entity_src_gen.expression_system_id               ? 
_entity_src_gen.plasmid_name                       'modified pET26' 
_entity_src_gen.plasmid_details                    ? 
_entity_src_gen.pdbx_description                   ? 
# 
loop_
_chem_comp.id 
_chem_comp.type 
_chem_comp.mon_nstd_flag 
_chem_comp.name 
_chem_comp.pdbx_synonyms 
_chem_comp.formula 
_chem_comp.formula_weight 
ALA 'L-peptide linking' y ALANINE         ?                               'C3 H7 N O2'     89.093  
ARG 'L-peptide linking' y ARGININE        ?                               'C6 H15 N4 O2 1' 175.209 
ASN 'L-peptide linking' y ASPARAGINE      ?                               'C4 H8 N2 O3'    132.118 
ASP 'L-peptide linking' y 'ASPARTIC ACID' ?                               'C4 H7 N O4'     133.103 
GLN 'L-peptide linking' y GLUTAMINE       ?                               'C5 H10 N2 O3'   146.144 
GLU 'L-peptide linking' y 'GLUTAMIC ACID' ?                               'C5 H9 N O4'     147.129 
GLY 'peptide linking'   y GLYCINE         ?                               'C2 H5 N O2'     75.067  
GOL non-polymer         . GLYCEROL        'GLYCERIN; PROPANE-1,2,3-TRIOL' 'C3 H8 O3'       92.094  
HIS 'L-peptide linking' y HISTIDINE       ?                               'C6 H10 N3 O2 1' 156.162 
HOH non-polymer         . WATER           ?                               'H2 O'           18.015  
ILE 'L-peptide linking' y ISOLEUCINE      ?                               'C6 H13 N O2'    131.173 
LEU 'L-peptide linking' y LEUCINE         ?                               'C6 H13 N O2'    131.173 
LYS 'L-peptide linking' y LYSINE          ?                               'C6 H15 N2 O2 1' 147.195 
MET 'L-peptide linking' y METHIONINE      ?                               'C5 H11 N O2 S'  149.211 
PHE 'L-peptide linking' y PHENYLALANINE   ?                               'C9 H11 N O2'    165.189 
PRO 'L-peptide linking' y PROLINE         ?                               'C5 H9 N O2'     115.130 
SER 'L-peptide linking' y SERINE          ?                               'C3 H7 N O3'     105.093 
THR 'L-peptide linking' y THREONINE       ?                               'C4 H9 N O3'     119.119 
TRP 'L-peptide linking' y TRYPTOPHAN      ?                               'C11 H12 N2 O2'  204.225 
TYR 'L-peptide linking' y TYROSINE        ?                               'C9 H11 N O3'    181.189 
VAL 'L-peptide linking' y VALINE          ?                               'C5 H11 N O2'    117.146 
# 
loop_
_pdbx_poly_seq_scheme.asym_id 
_pdbx_poly_seq_scheme.entity_id 
_pdbx_poly_seq_scheme.seq_id 
_pdbx_poly_seq_scheme.mon_id 
_pdbx_poly_seq_scheme.ndb_seq_num 
_pdbx_poly_seq_scheme.pdb_seq_num 
_pdbx_poly_seq_scheme.auth_seq_num 
_pdbx_poly_seq_scheme.pdb_mon_id 
_pdbx_poly_seq_scheme.auth_mon_id 
_pdbx_poly_seq_scheme.pdb_strand_id 
_pdbx_poly_seq_scheme.pdb_ins_code 
_pdbx_poly_seq_scheme.hetero 
A 1 1   MET 1   -1  ?   ?   ?   A . n 
A 1 2   SER 2   0   ?   ?   ?   A . n 
A 1 3   LEU 3   1   ?   ?   ?   A . n 
A 1 4   THR 4   2   ?   ?   ?   A . n 
A 1 5   GLU 5   3   ?   ?   ?   A . n 
A 1 6   GLU 6   4   ?   ?   ?   A . n 
A 1 7   PHE 7   5   ?   ?   ?   A . n 
A 1 8   VAL 8   6   ?   ?   ?   A . n 
A 1 9   ASN 9   7   ?   ?   ?   A . n 
A 1 10  LYS 10  8   ?   ?   ?   A . n 
A 1 11  GLU 11  9   ?   ?   ?   A . n 
A 1 12  ASP 12  10  ?   ?   ?   A . n 
A 1 13  ALA 13  11  ?   ?   ?   A . n 
A 1 14  LEU 14  12  ?   ?   ?   A . n 
A 1 15  LYS 15  13  ?   ?   ?   A . n 
A 1 16  ASN 16  14  ?   ?   ?   A . n 
A 1 17  TYR 17  15  ?   ?   ?   A . n 
A 1 18  ASN 18  16  ?   ?   ?   A . n 
A 1 19  ALA 19  17  ?   ?   ?   A . n 
A 1 20  LYS 20  18  ?   ?   ?   A . n 
A 1 21  GLU 21  19  ?   ?   ?   A . n 
A 1 22  PHE 22  20  ?   ?   ?   A . n 
A 1 23  ARG 23  21  21  ARG ARG A . n 
A 1 24  THR 24  22  22  THR THR A . n 
A 1 25  PRO 25  23  23  PRO PRO A . n 
A 1 26  ASP 26  24  24  ASP ASP A . n 
A 1 27  GLY 27  25  25  GLY GLY A . n 
A 1 28  TYR 28  26  26  TYR TYR A . n 
A 1 29  THR 29  27  27  THR THR A . n 
A 1 30  SER 30  28  28  SER SER A . n 
A 1 31  ASP 31  29  29  ASP ASP A . n 
A 1 32  MET 32  30  30  MET MET A . n 
A 1 33  ILE 33  31  31  ILE ILE A . n 
A 1 34  LEU 34  32  32  LEU LEU A . n 
A 1 35  THR 35  33  33  THR THR A . n 
A 1 36  THR 36  34  34  THR THR A . n 
A 1 37  VAL 37  35  35  VAL VAL A . n 
A 1 38  LYS 38  36  36  LYS LYS A . n 
A 1 39  GLU 39  37  37  GLU GLU A . n 
A 1 40  LEU 40  38  38  LEU LEU A . n 
A 1 41  ASN 41  39  39  ASN ASN A . n 
A 1 42  GLY 42  40  40  GLY GLY A . n 
A 1 43  LYS 43  41  41  LYS LYS A . n 
A 1 44  PRO 44  42  42  PRO PRO A . n 
A 1 45  THR 45  43  43  THR THR A . n 
A 1 46  LEU 46  44  44  LEU LEU A . n 
A 1 47  HIS 47  45  45  HIS HIS A . n 
A 1 48  ILE 48  46  46  ILE ILE A . n 
A 1 49  LEU 49  47  47  LEU LEU A . n 
A 1 50  LEU 50  48  48  LEU LEU A . n 
A 1 51  ILE 51  49  49  ILE ILE A . n 
A 1 52  LYS 52  50  50  LYS LYS A . n 
A 1 53  ARG 53  51  51  ARG ARG A . n 
A 1 54  SER 54  52  52  SER SER A . n 
A 1 55  LEU 55  53  53  LEU LEU A . n 
A 1 56  THR 56  54  54  THR THR A . n 
A 1 57  ASN 57  55  55  ASN ASN A . n 
A 1 58  ALA 58  56  56  ALA ALA A . n 
A 1 59  GLU 59  57  57  GLU GLU A . n 
A 1 60  GLY 60  58  58  GLY GLY A . n 
A 1 61  LYS 61  59  59  LYS LYS A . n 
A 1 62  PRO 62  60  60  PRO PRO A . n 
A 1 63  ASN 63  61  61  ASN ASN A . n 
A 1 64  MET 64  62  62  MET MET A . n 
A 1 65  GLU 65  63  63  GLU GLU A . n 
A 1 66  GLY 66  64  64  GLY GLY A . n 
A 1 67  GLY 67  65  65  GLY GLY A . n 
A 1 68  LYS 68  66  66  LYS LYS A . n 
A 1 69  TRP 69  67  67  TRP TRP A . n 
A 1 70  ALA 70  68  68  ALA ALA A . n 
A 1 71  VAL 71  69  69  VAL VAL A . n 
A 1 72  PRO 72  70  70  PRO PRO A . n 
A 1 73  GLY 73  71  71  GLY GLY A . n 
A 1 74  GLY 74  72  72  GLY GLY A . n 
A 1 75  PHE 75  73  73  PHE PHE A . n 
A 1 76  VAL 76  74  74  VAL VAL A . n 
A 1 77  ASP 77  75  75  ASP ASP A . n 
A 1 78  GLU 78  76  76  GLU GLU A . n 
A 1 79  ASN 79  77  77  ASN ASN A . n 
A 1 80  GLU 80  78  78  GLU GLU A . n 
A 1 81  SER 81  79  79  SER SER A . n 
A 1 82  ALA 82  80  80  ALA ALA A . n 
A 1 83  GLU 83  81  81  GLU GLU A . n 
A 1 84  GLN 84  82  82  GLN GLN A . n 
A 1 85  ALA 85  83  83  ALA ALA A . n 
A 1 86  ALA 86  84  84  ALA ALA A . n 
A 1 87  GLU 87  85  85  GLU GLU A . n 
A 1 88  ARG 88  86  86  ARG ARG A . n 
A 1 89  GLU 89  87  87  GLU GLU A . n 
A 1 90  LEU 90  88  88  LEU LEU A . n 
A 1 91  GLU 91  89  89  GLU GLU A . n 
A 1 92  GLU 92  90  90  GLU GLU A . n 
A 1 93  GLU 93  91  91  GLU GLU A . n 
A 1 94  THR 94  92  92  THR THR A . n 
A 1 95  SER 95  93  93  SER SER A . n 
A 1 96  LEU 96  94  94  LEU LEU A . n 
A 1 97  THR 97  95  95  THR THR A . n 
A 1 98  ASP 98  96  96  ASP ASP A . n 
A 1 99  ILE 99  97  97  ILE ILE A . n 
A 1 100 PRO 100 98  98  PRO PRO A . n 
A 1 101 LEU 101 99  99  LEU LEU A . n 
A 1 102 ILE 102 100 100 ILE ILE A . n 
A 1 103 PRO 103 101 101 PRO PRO A . n 
A 1 104 PHE 104 102 102 PHE PHE A . n 
A 1 105 GLY 105 103 103 GLY GLY A . n 
A 1 106 VAL 106 104 104 VAL VAL A . n 
A 1 107 PHE 107 105 105 PHE PHE A . n 
A 1 108 ASP 108 106 106 ASP ASP A . n 
A 1 109 LYS 109 107 107 LYS LYS A . n 
A 1 110 PRO 110 108 108 PRO PRO A . n 
A 1 111 GLY 111 109 109 GLY GLY A . n 
A 1 112 ARG 112 110 110 ARG ARG A . n 
A 1 113 ASP 113 111 111 ASP ASP A . n 
A 1 114 PRO 114 112 112 PRO PRO A . n 
A 1 115 ARG 115 113 113 ARG ARG A . n 
A 1 116 GLY 116 114 114 GLY GLY A . n 
A 1 117 TRP 117 115 115 TRP TRP A . n 
A 1 118 ILE 118 116 116 ILE ILE A . n 
A 1 119 ILE 119 117 117 ILE ILE A . n 
A 1 120 SER 120 118 118 SER SER A . n 
A 1 121 ARG 121 119 119 ARG ARG A . n 
A 1 122 ALA 122 120 120 ALA ALA A . n 
A 1 123 PHE 123 121 121 PHE PHE A . n 
A 1 124 TYR 124 122 122 TYR TYR A . n 
A 1 125 ALA 125 123 123 ALA ALA A . n 
A 1 126 ILE 126 124 124 ILE ILE A . n 
A 1 127 VAL 127 125 125 VAL VAL A . n 
A 1 128 PRO 128 126 126 PRO PRO A . n 
A 1 129 PRO 129 127 127 PRO PRO A . n 
A 1 130 GLU 130 128 128 GLU GLU A . n 
A 1 131 ALA 131 129 129 ALA ALA A . n 
A 1 132 LEU 132 130 130 LEU LEU A . n 
A 1 133 GLU 133 131 131 GLU GLU A . n 
A 1 134 LYS 134 132 132 LYS LYS A . n 
A 1 135 ARG 135 133 133 ARG ARG A . n 
A 1 136 ALA 136 134 134 ALA ALA A . n 
A 1 137 ALA 137 135 135 ALA ALA A . n 
A 1 138 GLY 138 136 136 GLY GLY A . n 
A 1 139 ASP 139 137 137 ASP ASP A . n 
A 1 140 ASP 140 138 138 ASP ASP A . n 
A 1 141 ALA 141 139 139 ALA ALA A . n 
A 1 142 ALA 142 140 140 ALA ALA A . n 
A 1 143 GLU 143 141 141 GLU GLU A . n 
A 1 144 ILE 144 142 142 ILE ILE A . n 
A 1 145 GLY 145 143 143 GLY GLY A . n 
A 1 146 LEU 146 144 144 LEU LEU A . n 
A 1 147 PHE 147 145 145 PHE PHE A . n 
A 1 148 PRO 148 146 146 PRO PRO A . n 
A 1 149 MET 149 147 147 MET MET A . n 
A 1 150 THR 150 148 148 THR THR A . n 
A 1 151 GLU 151 149 149 GLU GLU A . n 
A 1 152 ALA 152 150 150 ALA ALA A . n 
A 1 153 LEU 153 151 151 LEU LEU A . n 
A 1 154 GLU 154 152 152 GLU GLU A . n 
A 1 155 LEU 155 153 153 LEU LEU A . n 
A 1 156 PRO 156 154 154 PRO PRO A . n 
A 1 157 LEU 157 155 155 LEU LEU A . n 
A 1 158 ALA 158 156 156 ALA ALA A . n 
A 1 159 PHE 159 157 157 PHE PHE A . n 
A 1 160 ASP 160 158 158 ASP ASP A . n 
A 1 161 HIS 161 159 159 HIS HIS A . n 
A 1 162 LEU 162 160 160 LEU LEU A . n 
A 1 163 ASP 163 161 161 ASP ASP A . n 
A 1 164 MET 164 162 162 MET MET A . n 
A 1 165 LEU 165 163 163 LEU LEU A . n 
A 1 166 LYS 166 164 164 LYS LYS A . n 
A 1 167 LYS 167 165 165 LYS LYS A . n 
A 1 168 ALA 168 166 166 ALA ALA A . n 
A 1 169 PHE 169 167 167 PHE PHE A . n 
A 1 170 SER 170 168 168 SER SER A . n 
A 1 171 ALA 171 169 169 ALA ALA A . n 
A 1 172 ILE 172 170 170 ILE ILE A . n 
A 1 173 THR 173 171 171 THR THR A . n 
A 1 174 GLU 174 172 172 GLU GLU A . n 
A 1 175 GLU 175 173 173 GLU GLU A . n 
A 1 176 PHE 176 174 174 PHE PHE A . n 
A 1 177 LEU 177 175 175 LEU LEU A . n 
A 1 178 LEU 178 176 176 LEU LEU A . n 
A 1 179 THR 179 177 177 THR THR A . n 
A 1 180 GLU 180 178 ?   ?   ?   A . n 
A 1 181 GLY 181 179 ?   ?   ?   A . n 
A 1 182 HIS 182 180 ?   ?   ?   A . n 
A 1 183 HIS 183 181 ?   ?   ?   A . n 
A 1 184 HIS 184 182 ?   ?   ?   A . n 
A 1 185 HIS 185 183 ?   ?   ?   A . n 
A 1 186 HIS 186 184 ?   ?   ?   A . n 
A 1 187 HIS 187 185 ?   ?   ?   A . n 
# 
loop_
_pdbx_nonpoly_scheme.asym_id 
_pdbx_nonpoly_scheme.entity_id 
_pdbx_nonpoly_scheme.mon_id 
_pdbx_nonpoly_scheme.ndb_seq_num 
_pdbx_nonpoly_scheme.pdb_seq_num 
_pdbx_nonpoly_scheme.auth_seq_num 
_pdbx_nonpoly_scheme.pdb_mon_id 
_pdbx_nonpoly_scheme.auth_mon_id 
_pdbx_nonpoly_scheme.pdb_strand_id 
_pdbx_nonpoly_scheme.pdb_ins_code 
B 2 GOL 1  186 1  GOL GOL A . 
C 3 HOH 1  187 1  HOH HOH A . 
C 3 HOH 2  188 2  HOH HOH A . 
C 3 HOH 3  189 3  HOH HOH A . 
C 3 HOH 4  190 4  HOH HOH A . 
C 3 HOH 5  191 7  HOH HOH A . 
C 3 HOH 6  192 8  HOH HOH A . 
C 3 HOH 7  193 9  HOH HOH A . 
C 3 HOH 8  194 17 HOH HOH A . 
C 3 HOH 9  195 19 HOH HOH A . 
C 3 HOH 10 196 25 HOH HOH A . 
C 3 HOH 11 197 27 HOH HOH A . 
C 3 HOH 12 198 28 HOH HOH A . 
C 3 HOH 13 199 33 HOH HOH A . 
C 3 HOH 14 200 43 HOH HOH A . 
C 3 HOH 15 201 65 HOH HOH A . 
C 3 HOH 16 202 74 HOH HOH A . 
C 3 HOH 17 203 79 HOH HOH A . 
C 3 HOH 18 204 80 HOH HOH A . 
C 3 HOH 19 205 81 HOH HOH A . 
C 3 HOH 20 206 82 HOH HOH A . 
C 3 HOH 21 207 83 HOH HOH A . 
C 3 HOH 22 208 84 HOH HOH A . 
C 3 HOH 23 209 85 HOH HOH A . 
C 3 HOH 24 210 86 HOH HOH A . 
C 3 HOH 25 211 87 HOH HOH A . 
# 
loop_
_pdbx_unobs_or_zero_occ_atoms.id 
_pdbx_unobs_or_zero_occ_atoms.PDB_model_num 
_pdbx_unobs_or_zero_occ_atoms.polymer_flag 
_pdbx_unobs_or_zero_occ_atoms.occupancy_flag 
_pdbx_unobs_or_zero_occ_atoms.auth_asym_id 
_pdbx_unobs_or_zero_occ_atoms.auth_comp_id 
_pdbx_unobs_or_zero_occ_atoms.auth_seq_id 
_pdbx_unobs_or_zero_occ_atoms.PDB_ins_code 
_pdbx_unobs_or_zero_occ_atoms.auth_atom_id 
_pdbx_unobs_or_zero_occ_atoms.label_alt_id 
_pdbx_unobs_or_zero_occ_atoms.label_asym_id 
_pdbx_unobs_or_zero_occ_atoms.label_comp_id 
_pdbx_unobs_or_zero_occ_atoms.label_seq_id 
_pdbx_unobs_or_zero_occ_atoms.label_atom_id 
1  1 Y 1 A ASP 96  ? CG  ? A ASP 98  CG  
2  1 Y 1 A ASP 96  ? OD1 ? A ASP 98  OD1 
3  1 Y 1 A ASP 96  ? OD2 ? A ASP 98  OD2 
4  1 Y 1 A LYS 107 ? CG  ? A LYS 109 CG  
5  1 Y 1 A LYS 107 ? CD  ? A LYS 109 CD  
6  1 Y 1 A LYS 107 ? CE  ? A LYS 109 CE  
7  1 Y 1 A LYS 107 ? NZ  ? A LYS 109 NZ  
8  1 Y 1 A LYS 165 ? CG  ? A LYS 167 CG  
9  1 Y 1 A LYS 165 ? CD  ? A LYS 167 CD  
10 1 Y 1 A LYS 165 ? CE  ? A LYS 167 CE  
11 1 Y 1 A LYS 165 ? NZ  ? A LYS 167 NZ  
# 
loop_
_software.pdbx_ordinal 
_software.name 
_software.version 
_software.date 
_software.type 
_software.contact_author 
_software.contact_author_email 
_software.classification 
_software.location 
_software.language 
_software.citation_id 
1 SCALA       3.3.9 2008/10/21      other   'Phil R. Evans'      pre@mrc-lmb.cam.ac.uk 'data scaling'    
http://www.ccp4.ac.uk/dist/html/scala.html   Fortran_77 ? 
2 REFMAC      .     ?               program 'Garib N. Murshudov' garib@ysbl.york.ac.uk refinement        
http://www.ccp4.ac.uk/dist/html/refmac5.html Fortran_77 ? 
3 PDB_EXTRACT 3.005 'June 11, 2008' package PDB                  help@deposit.rcsb.org 'data extraction' 
http://sw-tools.pdb.org/apps/PDB_EXTRACT/    C++        ? 
4 MAR345      CCD   ?               ?       ?                    ?                     'data collection' ? ?          ? 
5 MOSFLM      .     ?               ?       ?                    ?                     'data reduction'  ? ?          ? 
6 SHELXCD     .     ?               ?       ?                    ?                     phasing           ? ?          ? 
7 SHELXE      .     ?               ?       ?                    ?                     'model building'  ? ?          ? 
# 
_cell.length_a           96.129 
_cell.length_b           96.129 
_cell.length_c           97.594 
_cell.angle_alpha        90.000 
_cell.angle_beta         90.000 
_cell.angle_gamma        120.000 
_cell.entry_id           3I9X 
_cell.pdbx_unique_axis   ? 
_cell.Z_PDB              12 
_cell.length_a_esd       ? 
_cell.length_b_esd       ? 
_cell.length_c_esd       ? 
_cell.angle_alpha_esd    ? 
_cell.angle_beta_esd     ? 
_cell.angle_gamma_esd    ? 
# 
_symmetry.space_group_name_H-M             'P 65 2 2' 
_symmetry.entry_id                         3I9X 
_symmetry.Int_Tables_number                179 
_symmetry.pdbx_full_space_group_name_H-M   ? 
_symmetry.cell_setting                     ? 
_symmetry.space_group_name_Hall            ? 
# 
_exptl.crystals_number   1 
_exptl.entry_id          3I9X 
_exptl.method            'X-RAY DIFFRACTION' 
# 
_exptl_crystal.id                    1 
_exptl_crystal.density_Matthews      3.11 
_exptl_crystal.density_meas          ? 
_exptl_crystal.density_percent_sol   60.46 
_exptl_crystal.description           ? 
_exptl_crystal.F_000                 ? 
_exptl_crystal.preparation           ? 
# 
_exptl_crystal_grow.crystal_id      1 
_exptl_crystal_grow.method          'VAPOR DIFFUSION' 
_exptl_crystal_grow.pH              7.5 
_exptl_crystal_grow.temp            294 
_exptl_crystal_grow.pdbx_details    '100mM Hepes pH 7.5, 4% glycerol, 1.3M tri-sodium citrate, vapor diffusion, temperature 294K' 
_exptl_crystal_grow.temp_details    ? 
_exptl_crystal_grow.pdbx_pH_range   ? 
# 
_diffrn.id                     1 
_diffrn.ambient_temp           100 
_diffrn.ambient_temp_details   ? 
_diffrn.crystal_id             1 
# 
_diffrn_detector.diffrn_id              1 
_diffrn_detector.detector               CCD 
_diffrn_detector.type                   'MARMOSAIC 225 mm CCD' 
_diffrn_detector.pdbx_collection_date   2009-07-11 
_diffrn_detector.details                ? 
# 
_diffrn_radiation.diffrn_id                        1 
_diffrn_radiation.pdbx_diffrn_protocol             'SINGLE WAVELENGTH' 
_diffrn_radiation.monochromator                    diamond 
_diffrn_radiation.wavelength_id                    1 
_diffrn_radiation.pdbx_monochromatic_or_laue_m_l   M 
_diffrn_radiation.pdbx_scattering_type             x-ray 
# 
_diffrn_radiation_wavelength.id           1 
_diffrn_radiation_wavelength.wavelength   0.97958 
_diffrn_radiation_wavelength.wt           1.0 
# 
_diffrn_source.diffrn_id                   1 
_diffrn_source.source                      SYNCHROTRON 
_diffrn_source.type                        'APS BEAMLINE 31-ID' 
_diffrn_source.pdbx_wavelength_list        0.97958 
_diffrn_source.pdbx_wavelength             ? 
_diffrn_source.pdbx_synchrotron_site       APS 
_diffrn_source.pdbx_synchrotron_beamline   31-ID 
# 
_reflns.entry_id                     3I9X 
_reflns.d_resolution_high            2.200 
_reflns.d_resolution_low             31.668 
_reflns.number_all                   14089 
_reflns.number_obs                   14075 
_reflns.pdbx_Rsym_value              0.105 
_reflns.pdbx_redundancy              42.400 
_reflns.percent_possible_obs         99.900 
_reflns.observed_criterion_sigma_F   0 
_reflns.observed_criterion_sigma_I   0 
_reflns.pdbx_Rmerge_I_obs            0.105 
_reflns.pdbx_netI_over_sigmaI        26.4 
_reflns.B_iso_Wilson_estimate        38.9 
_reflns.R_free_details               ? 
_reflns.limit_h_max                  ? 
_reflns.limit_h_min                  ? 
_reflns.limit_k_max                  ? 
_reflns.limit_k_min                  ? 
_reflns.limit_l_max                  ? 
_reflns.limit_l_min                  ? 
_reflns.observed_criterion_F_max     ? 
_reflns.observed_criterion_F_min     ? 
_reflns.pdbx_chi_squared             ? 
_reflns.pdbx_scaling_rejects         ? 
_reflns.pdbx_ordinal                 1 
_reflns.pdbx_diffrn_id               1 
# 
_reflns_shell.d_res_high             2.20 
_reflns_shell.d_res_low              2.32 
_reflns_shell.percent_possible_obs   ? 
_reflns_shell.percent_possible_all   100.0 
_reflns_shell.Rmerge_I_obs           0.449 
_reflns_shell.meanI_over_sigI_obs    9.9 
_reflns_shell.pdbx_Rsym_value        0.449 
_reflns_shell.pdbx_redundancy        43.3 
_reflns_shell.number_unique_all      2001 
_reflns_shell.number_measured_all    ? 
_reflns_shell.number_measured_obs    ? 
_reflns_shell.number_unique_obs      ? 
_reflns_shell.pdbx_chi_squared       ? 
_reflns_shell.pdbx_ordinal           1 
_reflns_shell.pdbx_diffrn_id         1 
# 
_refine.entry_id                                 3I9X 
_refine.ls_d_res_high                            2.200 
_refine.ls_d_res_low                             20.000 
_refine.pdbx_ls_sigma_F                          0.00 
_refine.pdbx_data_cutoff_high_absF               ? 
_refine.pdbx_data_cutoff_low_absF                ? 
_refine.ls_percent_reflns_obs                    99.890 
_refine.ls_number_reflns_obs                     14015 
_refine.ls_number_reflns_all                     14030 
_refine.pdbx_ls_cross_valid_method               THROUGHOUT 
_refine.pdbx_R_Free_selection_details            RANDOM 
_refine.details                                  'HYDROGENS HAVE BEEN ADDED IN THE RIDING POSITIONS' 
_refine.ls_R_factor_all                          ? 
_refine.ls_R_factor_obs                          0.225 
_refine.ls_R_factor_R_work                       0.223 
_refine.ls_wR_factor_R_work                      0.239 
_refine.ls_R_factor_R_free                       0.276 
_refine.ls_wR_factor_R_free                      0.295 
_refine.ls_percent_reflns_R_free                 4.900 
_refine.ls_number_reflns_R_free                  685 
_refine.ls_R_factor_R_free_error                 ? 
_refine.B_iso_mean                               50.271 
_refine.solvent_model_param_bsol                 ? 
_refine.solvent_model_param_ksol                 ? 
_refine.pdbx_isotropic_thermal_model             ? 
_refine.aniso_B[1][1]                            -3.730 
_refine.aniso_B[2][2]                            -3.730 
_refine.aniso_B[3][3]                            5.600 
_refine.aniso_B[1][2]                            -1.870 
_refine.aniso_B[1][3]                            0.000 
_refine.aniso_B[2][3]                            0.000 
_refine.correlation_coeff_Fo_to_Fc               0.944 
_refine.correlation_coeff_Fo_to_Fc_free          0.913 
_refine.overall_SU_R_Cruickshank_DPI             0.191 
_refine.overall_SU_R_free                        0.188 
_refine.pdbx_overall_ESU_R                       0.191 
_refine.pdbx_overall_ESU_R_Free                  0.188 
_refine.overall_SU_ML                            0.130 
_refine.overall_SU_B                             5.018 
_refine.solvent_model_details                    'BABINET MODEL WITH MASK' 
_refine.pdbx_solvent_vdw_probe_radii             1.400 
_refine.pdbx_solvent_ion_probe_radii             0.800 
_refine.pdbx_solvent_shrinkage_radii             0.800 
_refine.ls_number_parameters                     ? 
_refine.ls_number_restraints                     ? 
_refine.pdbx_starting_model                      ? 
_refine.pdbx_method_to_determine_struct          SAD 
_refine.pdbx_stereochemistry_target_values       'MAXIMUM LIKELIHOOD' 
_refine.pdbx_stereochem_target_val_spec_case     ? 
_refine.overall_FOM_work_R_set                   0.813 
_refine.B_iso_max                                80.97 
_refine.B_iso_min                                31.29 
_refine.occupancy_max                            1.00 
_refine.occupancy_min                            0.50 
_refine.pdbx_ls_sigma_I                          0 
_refine.ls_redundancy_reflns_obs                 ? 
_refine.ls_R_factor_R_free_error_details         ? 
_refine.pdbx_data_cutoff_high_rms_absF           ? 
_refine.overall_FOM_free_R_set                   ? 
_refine.pdbx_overall_phase_error                 ? 
_refine.pdbx_refine_id                           'X-RAY DIFFRACTION' 
_refine.pdbx_diffrn_id                           1 
_refine.pdbx_TLS_residual_ADP_flag               ? 
_refine.pdbx_overall_SU_R_free_Cruickshank_DPI   ? 
_refine.pdbx_overall_SU_R_Blow_DPI               ? 
_refine.pdbx_overall_SU_R_free_Blow_DPI          ? 
# 
_refine_hist.pdbx_refine_id                   'X-RAY DIFFRACTION' 
_refine_hist.cycle_id                         LAST 
_refine_hist.pdbx_number_atoms_protein        1206 
_refine_hist.pdbx_number_atoms_nucleic_acid   0 
_refine_hist.pdbx_number_atoms_ligand         6 
_refine_hist.number_atoms_solvent             25 
_refine_hist.number_atoms_total               1237 
_refine_hist.d_res_high                       2.200 
_refine_hist.d_res_low                        20.000 
# 
loop_
_refine_ls_restr.type 
_refine_ls_restr.number 
_refine_ls_restr.dev_ideal 
_refine_ls_restr.dev_ideal_target 
_refine_ls_restr.weight 
_refine_ls_restr.pdbx_refine_id 
_refine_ls_restr.pdbx_restraint_function 
r_bond_refined_d       1238 0.018  0.022  ? 'X-RAY DIFFRACTION' ? 
r_bond_other_d         846  0.002  0.020  ? 'X-RAY DIFFRACTION' ? 
r_angle_refined_deg    1681 1.653  1.995  ? 'X-RAY DIFFRACTION' ? 
r_angle_other_deg      2073 0.992  3.000  ? 'X-RAY DIFFRACTION' ? 
r_dihedral_angle_1_deg 156  6.776  5.000  ? 'X-RAY DIFFRACTION' ? 
r_dihedral_angle_2_deg 53   39.639 24.717 ? 'X-RAY DIFFRACTION' ? 
r_dihedral_angle_3_deg 204  18.367 15.000 ? 'X-RAY DIFFRACTION' ? 
r_dihedral_angle_4_deg 7    11.085 15.000 ? 'X-RAY DIFFRACTION' ? 
r_chiral_restr         189  0.094  0.200  ? 'X-RAY DIFFRACTION' ? 
r_gen_planes_refined   1371 0.008  0.021  ? 'X-RAY DIFFRACTION' ? 
r_gen_planes_other     234  0.001  0.020  ? 'X-RAY DIFFRACTION' ? 
r_mcbond_it            784  1.122  1.500  ? 'X-RAY DIFFRACTION' ? 
r_mcbond_other         313  0.215  1.500  ? 'X-RAY DIFFRACTION' ? 
r_mcangle_it           1260 2.056  2.000  ? 'X-RAY DIFFRACTION' ? 
r_scbond_it            454  2.669  3.000  ? 'X-RAY DIFFRACTION' ? 
r_scangle_it           421  4.408  4.500  ? 'X-RAY DIFFRACTION' ? 
# 
_refine_ls_shell.d_res_high                       2.200 
_refine_ls_shell.d_res_low                        2.256 
_refine_ls_shell.pdbx_total_number_of_bins_used   20 
_refine_ls_shell.percent_reflns_obs               100.000 
_refine_ls_shell.number_reflns_R_work             951 
_refine_ls_shell.R_factor_all                     ? 
_refine_ls_shell.R_factor_R_work                  0.253 
_refine_ls_shell.R_factor_R_free                  0.326 
_refine_ls_shell.percent_reflns_R_free            ? 
_refine_ls_shell.number_reflns_R_free             44 
_refine_ls_shell.R_factor_R_free_error            ? 
_refine_ls_shell.number_reflns_all                995 
_refine_ls_shell.number_reflns_obs                951 
_refine_ls_shell.redundancy_reflns_obs            ? 
_refine_ls_shell.pdbx_refine_id                   'X-RAY DIFFRACTION' 
# 
_struct.entry_id                  3I9X 
_struct.title                     'Crystal structure of a mutT/nudix family protein from Listeria innocua' 
_struct.pdbx_model_details        ? 
_struct.pdbx_CASP_flag            ? 
_struct.pdbx_model_type_details   ? 
# 
_struct_keywords.entry_id        3I9X 
_struct_keywords.text            
'STRUCTURAL GENOMICS, HYDROLASE, PSI-2, Protein Structure Initiative, New York SGX Research Center for Structural Genomics, NYSGXRC' 
_struct_keywords.pdbx_keywords   HYDROLASE 
# 
loop_
_struct_asym.id 
_struct_asym.pdbx_blank_PDB_chainid_flag 
_struct_asym.pdbx_modified 
_struct_asym.entity_id 
_struct_asym.details 
A N N 1 ? 
B N N 2 ? 
C N N 3 ? 
# 
_struct_ref.id                         1 
_struct_ref.db_name                    UNP 
_struct_ref.db_code                    Q92EH0_LISIN 
_struct_ref.pdbx_db_accession          Q92EH0 
_struct_ref.entity_id                  1 
_struct_ref.pdbx_seq_one_letter_code   
;TEEFVNKEDALKNYNAKEFRTPDGYTSDMILTTVKELNGKPTLHILLIKRSLTNAEGKPNMEGGKWAVPGGFVDENESAE
QAAERELEEETSLTDIPLIPFGVFDKPGRDPRGWIISRAFYAIVPPEALEKRAAGDDAAEIGLFPMTEALELPLAFDHLD
MLKKAFSAITEEFLLT
;
_struct_ref.pdbx_align_begin           2 
_struct_ref.pdbx_db_isoform            ? 
# 
_struct_ref_seq.align_id                      1 
_struct_ref_seq.ref_id                        1 
_struct_ref_seq.pdbx_PDB_id_code              3I9X 
_struct_ref_seq.pdbx_strand_id                A 
_struct_ref_seq.seq_align_beg                 4 
_struct_ref_seq.pdbx_seq_align_beg_ins_code   ? 
_struct_ref_seq.seq_align_end                 179 
_struct_ref_seq.pdbx_seq_align_end_ins_code   ? 
_struct_ref_seq.pdbx_db_accession             Q92EH0 
_struct_ref_seq.db_align_beg                  2 
_struct_ref_seq.pdbx_db_align_beg_ins_code    ? 
_struct_ref_seq.db_align_end                  177 
_struct_ref_seq.pdbx_db_align_end_ins_code    ? 
_struct_ref_seq.pdbx_auth_seq_align_beg       2 
_struct_ref_seq.pdbx_auth_seq_align_end       177 
# 
loop_
_struct_ref_seq_dif.align_id 
_struct_ref_seq_dif.pdbx_pdb_id_code 
_struct_ref_seq_dif.mon_id 
_struct_ref_seq_dif.pdbx_pdb_strand_id 
_struct_ref_seq_dif.seq_num 
_struct_ref_seq_dif.pdbx_pdb_ins_code 
_struct_ref_seq_dif.pdbx_seq_db_name 
_struct_ref_seq_dif.pdbx_seq_db_accession_code 
_struct_ref_seq_dif.db_mon_id 
_struct_ref_seq_dif.pdbx_seq_db_seq_num 
_struct_ref_seq_dif.details 
_struct_ref_seq_dif.pdbx_auth_seq_num 
_struct_ref_seq_dif.pdbx_ordinal 
1 3I9X MET A 1   ? UNP Q92EH0 ? ? 'expression tag' -1  1  
1 3I9X SER A 2   ? UNP Q92EH0 ? ? 'expression tag' 0   2  
1 3I9X LEU A 3   ? UNP Q92EH0 ? ? 'expression tag' 1   3  
1 3I9X GLU A 180 ? UNP Q92EH0 ? ? 'expression tag' 178 4  
1 3I9X GLY A 181 ? UNP Q92EH0 ? ? 'expression tag' 179 5  
1 3I9X HIS A 182 ? UNP Q92EH0 ? ? 'expression tag' 180 6  
1 3I9X HIS A 183 ? UNP Q92EH0 ? ? 'expression tag' 181 7  
1 3I9X HIS A 184 ? UNP Q92EH0 ? ? 'expression tag' 182 8  
1 3I9X HIS A 185 ? UNP Q92EH0 ? ? 'expression tag' 183 9  
1 3I9X HIS A 186 ? UNP Q92EH0 ? ? 'expression tag' 184 10 
1 3I9X HIS A 187 ? UNP Q92EH0 ? ? 'expression tag' 185 11 
# 
_pdbx_struct_assembly.id                   1 
_pdbx_struct_assembly.details              author_and_software_defined_assembly 
_pdbx_struct_assembly.method_details       PISA 
_pdbx_struct_assembly.oligomeric_details   dimeric 
_pdbx_struct_assembly.oligomeric_count     2 
# 
loop_
_pdbx_struct_assembly_prop.biol_id 
_pdbx_struct_assembly_prop.type 
_pdbx_struct_assembly_prop.value 
_pdbx_struct_assembly_prop.details 
1 'ABSA (A^2)' 2200  ? 
1 MORE         -8    ? 
1 'SSA (A^2)'  15730 ? 
# 
_pdbx_struct_assembly_gen.assembly_id       1 
_pdbx_struct_assembly_gen.oper_expression   1,2 
_pdbx_struct_assembly_gen.asym_id_list      A,B,C 
# 
loop_
_pdbx_struct_oper_list.id 
_pdbx_struct_oper_list.type 
_pdbx_struct_oper_list.name 
_pdbx_struct_oper_list.symmetry_operation 
_pdbx_struct_oper_list.matrix[1][1] 
_pdbx_struct_oper_list.matrix[1][2] 
_pdbx_struct_oper_list.matrix[1][3] 
_pdbx_struct_oper_list.vector[1] 
_pdbx_struct_oper_list.matrix[2][1] 
_pdbx_struct_oper_list.matrix[2][2] 
_pdbx_struct_oper_list.matrix[2][3] 
_pdbx_struct_oper_list.vector[2] 
_pdbx_struct_oper_list.matrix[3][1] 
_pdbx_struct_oper_list.matrix[3][2] 
_pdbx_struct_oper_list.matrix[3][3] 
_pdbx_struct_oper_list.vector[3] 
1 'identity operation'         1_555  x,y,z            1.0000000000 0.0000000000 0.0000000000  0.0000000000 0.0000000000 1.0000000000  0.0000000000  0.0000000000  0.0000000000  0.0000000000  1.0000000000  0.0000000000  
2 'crystal symmetry operation' 10_665 -y+1,-x+1,-z+1/6 0.7279315720 0.1636748275 -0.6658274381 2.1684466029 0.1636748275 -0.9844962326 -0.0630691590 28.9352873748 -0.6658274381 -0.0630691590 -0.7434353394 12.7403964300 
# 
_struct_biol.id        1 
_struct_biol.details   'possible dimer' 
# 
loop_
_struct_conf.conf_type_id 
_struct_conf.id 
_struct_conf.pdbx_PDB_helix_id 
_struct_conf.beg_label_comp_id 
_struct_conf.beg_label_asym_id 
_struct_conf.beg_label_seq_id 
_struct_conf.pdbx_beg_PDB_ins_code 
_struct_conf.end_label_comp_id 
_struct_conf.end_label_asym_id 
_struct_conf.end_label_seq_id 
_struct_conf.pdbx_end_PDB_ins_code 
_struct_conf.beg_auth_comp_id 
_struct_conf.beg_auth_asym_id 
_struct_conf.beg_auth_seq_id 
_struct_conf.end_auth_comp_id 
_struct_conf.end_auth_asym_id 
_struct_conf.end_auth_seq_id 
_struct_conf.pdbx_PDB_helix_class 
_struct_conf.details 
_struct_conf.pdbx_PDB_helix_length 
HELX_P HELX_P1 1 SER A 81  ? SER A 95  ? SER A 79  SER A 93  1 ? 15 
HELX_P HELX_P2 2 PRO A 128 ? GLY A 138 ? PRO A 126 GLY A 136 1 ? 11 
HELX_P HELX_P3 3 MET A 149 ? LEU A 153 ? MET A 147 LEU A 151 1 ? 5  
HELX_P HELX_P4 4 ASP A 160 ? LEU A 178 ? ASP A 158 LEU A 176 1 ? 19 
# 
_struct_conf_type.id          HELX_P 
_struct_conf_type.criteria    ? 
_struct_conf_type.reference   ? 
# 
loop_
_struct_sheet.id 
_struct_sheet.type 
_struct_sheet.number_strands 
_struct_sheet.details 
A ? 5 ? 
B ? 4 ? 
# 
loop_
_struct_sheet_order.sheet_id 
_struct_sheet_order.range_id_1 
_struct_sheet_order.range_id_2 
_struct_sheet_order.offset 
_struct_sheet_order.sense 
A 1 2 ? anti-parallel 
A 2 3 ? anti-parallel 
A 3 4 ? parallel      
A 4 5 ? anti-parallel 
B 1 2 ? anti-parallel 
B 2 3 ? anti-parallel 
B 3 4 ? anti-parallel 
# 
loop_
_struct_sheet_range.sheet_id 
_struct_sheet_range.id 
_struct_sheet_range.beg_label_comp_id 
_struct_sheet_range.beg_label_asym_id 
_struct_sheet_range.beg_label_seq_id 
_struct_sheet_range.pdbx_beg_PDB_ins_code 
_struct_sheet_range.end_label_comp_id 
_struct_sheet_range.end_label_asym_id 
_struct_sheet_range.end_label_seq_id 
_struct_sheet_range.pdbx_end_PDB_ins_code 
_struct_sheet_range.beg_auth_comp_id 
_struct_sheet_range.beg_auth_asym_id 
_struct_sheet_range.beg_auth_seq_id 
_struct_sheet_range.end_auth_comp_id 
_struct_sheet_range.end_auth_asym_id 
_struct_sheet_range.end_auth_seq_id 
A 1 TRP A 69  ? ALA A 70  ? TRP A 67  ALA A 68  
A 2 LYS A 43  ? LYS A 52  ? LYS A 41  LYS A 50  
A 3 GLY A 27  ? LEU A 40  ? GLY A 25  LEU A 38  
A 4 ILE A 118 ? ILE A 126 ? ILE A 116 ILE A 124 
A 5 ILE A 102 ? PHE A 107 ? ILE A 100 PHE A 105 
B 1 GLY A 73  ? PHE A 75  ? GLY A 71  PHE A 73  
B 2 GLY A 27  ? LEU A 40  ? GLY A 25  LEU A 38  
B 3 LYS A 43  ? LYS A 52  ? LYS A 41  LYS A 50  
B 4 ILE A 144 ? PRO A 148 ? ILE A 142 PRO A 146 
# 
loop_
_pdbx_struct_sheet_hbond.sheet_id 
_pdbx_struct_sheet_hbond.range_id_1 
_pdbx_struct_sheet_hbond.range_id_2 
_pdbx_struct_sheet_hbond.range_1_label_atom_id 
_pdbx_struct_sheet_hbond.range_1_label_comp_id 
_pdbx_struct_sheet_hbond.range_1_label_asym_id 
_pdbx_struct_sheet_hbond.range_1_label_seq_id 
_pdbx_struct_sheet_hbond.range_1_PDB_ins_code 
_pdbx_struct_sheet_hbond.range_1_auth_atom_id 
_pdbx_struct_sheet_hbond.range_1_auth_comp_id 
_pdbx_struct_sheet_hbond.range_1_auth_asym_id 
_pdbx_struct_sheet_hbond.range_1_auth_seq_id 
_pdbx_struct_sheet_hbond.range_2_label_atom_id 
_pdbx_struct_sheet_hbond.range_2_label_comp_id 
_pdbx_struct_sheet_hbond.range_2_label_asym_id 
_pdbx_struct_sheet_hbond.range_2_label_seq_id 
_pdbx_struct_sheet_hbond.range_2_PDB_ins_code 
_pdbx_struct_sheet_hbond.range_2_auth_atom_id 
_pdbx_struct_sheet_hbond.range_2_auth_comp_id 
_pdbx_struct_sheet_hbond.range_2_auth_asym_id 
_pdbx_struct_sheet_hbond.range_2_auth_seq_id 
A 1 2 O ALA A 70  ? O ALA A 68  N ILE A 51  ? N ILE A 49  
A 2 3 O THR A 45  ? O THR A 43  N LYS A 38  ? N LYS A 36  
A 3 4 N THR A 29  ? N THR A 27  O ARG A 121 ? O ARG A 119 
A 4 5 O TYR A 124 ? O TYR A 122 N ILE A 102 ? N ILE A 100 
B 1 2 O GLY A 74  ? O GLY A 72  N SER A 30  ? N SER A 28  
B 2 3 N LYS A 38  ? N LYS A 36  O THR A 45  ? O THR A 43  
B 3 4 N ILE A 48  ? N ILE A 46  O PHE A 147 ? O PHE A 145 
# 
_struct_site.id                   AC1 
_struct_site.pdbx_evidence_code   Software 
_struct_site.pdbx_auth_asym_id    A 
_struct_site.pdbx_auth_comp_id    GOL 
_struct_site.pdbx_auth_seq_id     186 
_struct_site.pdbx_auth_ins_code   ? 
_struct_site.pdbx_num_residues    6 
_struct_site.details              'BINDING SITE FOR RESIDUE GOL A 186' 
# 
loop_
_struct_site_gen.id 
_struct_site_gen.site_id 
_struct_site_gen.pdbx_num_res 
_struct_site_gen.label_comp_id 
_struct_site_gen.label_asym_id 
_struct_site_gen.label_seq_id 
_struct_site_gen.pdbx_auth_ins_code 
_struct_site_gen.auth_comp_id 
_struct_site_gen.auth_asym_id 
_struct_site_gen.auth_seq_id 
_struct_site_gen.label_atom_id 
_struct_site_gen.label_alt_id 
_struct_site_gen.symmetry 
_struct_site_gen.details 
1 AC1 6 THR A 29  ? THR A 27  . ? 1_555 ? 
2 AC1 6 ASP A 31  ? ASP A 29  . ? 1_555 ? 
3 AC1 6 ARG A 112 ? ARG A 110 . ? 1_555 ? 
4 AC1 6 ASP A 113 ? ASP A 111 . ? 1_555 ? 
5 AC1 6 ILE A 118 ? ILE A 116 . ? 1_555 ? 
6 AC1 6 HIS A 161 ? HIS A 159 . ? 1_555 ? 
# 
loop_
_pdbx_validate_torsion.id 
_pdbx_validate_torsion.PDB_model_num 
_pdbx_validate_torsion.auth_comp_id 
_pdbx_validate_torsion.auth_asym_id 
_pdbx_validate_torsion.auth_seq_id 
_pdbx_validate_torsion.PDB_ins_code 
_pdbx_validate_torsion.label_alt_id 
_pdbx_validate_torsion.phi 
_pdbx_validate_torsion.psi 
1 1 THR A 92  ? ? -145.80 -3.48   
2 1 PHE A 157 ? ? 59.79   -136.48 
3 1 LEU A 176 ? ? -59.09  -1.83   
# 
_pdbx_SG_project.id                    1 
_pdbx_SG_project.project_name          'PSI, Protein Structure Initiative' 
_pdbx_SG_project.full_name_of_center   'New York SGX Research Center for Structural Genomics' 
_pdbx_SG_project.initial_of_center     NYSGXRC 
# 
_pdbx_struct_special_symmetry.id              1 
_pdbx_struct_special_symmetry.PDB_model_num   1 
_pdbx_struct_special_symmetry.auth_asym_id    A 
_pdbx_struct_special_symmetry.auth_comp_id    HOH 
_pdbx_struct_special_symmetry.auth_seq_id     203 
_pdbx_struct_special_symmetry.PDB_ins_code    ? 
_pdbx_struct_special_symmetry.label_asym_id   C 
_pdbx_struct_special_symmetry.label_comp_id   HOH 
_pdbx_struct_special_symmetry.label_seq_id    . 
# 
loop_
_pdbx_unobs_or_zero_occ_residues.id 
_pdbx_unobs_or_zero_occ_residues.PDB_model_num 
_pdbx_unobs_or_zero_occ_residues.polymer_flag 
_pdbx_unobs_or_zero_occ_residues.occupancy_flag 
_pdbx_unobs_or_zero_occ_residues.auth_asym_id 
_pdbx_unobs_or_zero_occ_residues.auth_comp_id 
_pdbx_unobs_or_zero_occ_residues.auth_seq_id 
_pdbx_unobs_or_zero_occ_residues.PDB_ins_code 
_pdbx_unobs_or_zero_occ_residues.label_asym_id 
_pdbx_unobs_or_zero_occ_residues.label_comp_id 
_pdbx_unobs_or_zero_occ_residues.label_seq_id 
1  1 Y 1 A MET -1  ? A MET 1   
2  1 Y 1 A SER 0   ? A SER 2   
3  1 Y 1 A LEU 1   ? A LEU 3   
4  1 Y 1 A THR 2   ? A THR 4   
5  1 Y 1 A GLU 3   ? A GLU 5   
6  1 Y 1 A GLU 4   ? A GLU 6   
7  1 Y 1 A PHE 5   ? A PHE 7   
8  1 Y 1 A VAL 6   ? A VAL 8   
9  1 Y 1 A ASN 7   ? A ASN 9   
10 1 Y 1 A LYS 8   ? A LYS 10  
11 1 Y 1 A GLU 9   ? A GLU 11  
12 1 Y 1 A ASP 10  ? A ASP 12  
13 1 Y 1 A ALA 11  ? A ALA 13  
14 1 Y 1 A LEU 12  ? A LEU 14  
15 1 Y 1 A LYS 13  ? A LYS 15  
16 1 Y 1 A ASN 14  ? A ASN 16  
17 1 Y 1 A TYR 15  ? A TYR 17  
18 1 Y 1 A ASN 16  ? A ASN 18  
19 1 Y 1 A ALA 17  ? A ALA 19  
20 1 Y 1 A LYS 18  ? A LYS 20  
21 1 Y 1 A GLU 19  ? A GLU 21  
22 1 Y 1 A PHE 20  ? A PHE 22  
23 1 Y 1 A GLU 178 ? A GLU 180 
24 1 Y 1 A GLY 179 ? A GLY 181 
25 1 Y 1 A HIS 180 ? A HIS 182 
26 1 Y 1 A HIS 181 ? A HIS 183 
27 1 Y 1 A HIS 182 ? A HIS 184 
28 1 Y 1 A HIS 183 ? A HIS 185 
29 1 Y 1 A HIS 184 ? A HIS 186 
30 1 Y 1 A HIS 185 ? A HIS 187 
# 
loop_
_chem_comp_atom.comp_id 
_chem_comp_atom.atom_id 
_chem_comp_atom.type_symbol 
_chem_comp_atom.pdbx_aromatic_flag 
_chem_comp_atom.pdbx_stereo_config 
_chem_comp_atom.pdbx_ordinal 
ALA N    N N N 1   
ALA CA   C N S 2   
ALA C    C N N 3   
ALA O    O N N 4   
ALA CB   C N N 5   
ALA OXT  O N N 6   
ALA H    H N N 7   
ALA H2   H N N 8   
ALA HA   H N N 9   
ALA HB1  H N N 10  
ALA HB2  H N N 11  
ALA HB3  H N N 12  
ALA HXT  H N N 13  
ARG N    N N N 14  
ARG CA   C N S 15  
ARG C    C N N 16  
ARG O    O N N 17  
ARG CB   C N N 18  
ARG CG   C N N 19  
ARG CD   C N N 20  
ARG NE   N N N 21  
ARG CZ   C N N 22  
ARG NH1  N N N 23  
ARG NH2  N N N 24  
ARG OXT  O N N 25  
ARG H    H N N 26  
ARG H2   H N N 27  
ARG HA   H N N 28  
ARG HB2  H N N 29  
ARG HB3  H N N 30  
ARG HG2  H N N 31  
ARG HG3  H N N 32  
ARG HD2  H N N 33  
ARG HD3  H N N 34  
ARG HE   H N N 35  
ARG HH11 H N N 36  
ARG HH12 H N N 37  
ARG HH21 H N N 38  
ARG HH22 H N N 39  
ARG HXT  H N N 40  
ASN N    N N N 41  
ASN CA   C N S 42  
ASN C    C N N 43  
ASN O    O N N 44  
ASN CB   C N N 45  
ASN CG   C N N 46  
ASN OD1  O N N 47  
ASN ND2  N N N 48  
ASN OXT  O N N 49  
ASN H    H N N 50  
ASN H2   H N N 51  
ASN HA   H N N 52  
ASN HB2  H N N 53  
ASN HB3  H N N 54  
ASN HD21 H N N 55  
ASN HD22 H N N 56  
ASN HXT  H N N 57  
ASP N    N N N 58  
ASP CA   C N S 59  
ASP C    C N N 60  
ASP O    O N N 61  
ASP CB   C N N 62  
ASP CG   C N N 63  
ASP OD1  O N N 64  
ASP OD2  O N N 65  
ASP OXT  O N N 66  
ASP H    H N N 67  
ASP H2   H N N 68  
ASP HA   H N N 69  
ASP HB2  H N N 70  
ASP HB3  H N N 71  
ASP HD2  H N N 72  
ASP HXT  H N N 73  
GLN N    N N N 74  
GLN CA   C N S 75  
GLN C    C N N 76  
GLN O    O N N 77  
GLN CB   C N N 78  
GLN CG   C N N 79  
GLN CD   C N N 80  
GLN OE1  O N N 81  
GLN NE2  N N N 82  
GLN OXT  O N N 83  
GLN H    H N N 84  
GLN H2   H N N 85  
GLN HA   H N N 86  
GLN HB2  H N N 87  
GLN HB3  H N N 88  
GLN HG2  H N N 89  
GLN HG3  H N N 90  
GLN HE21 H N N 91  
GLN HE22 H N N 92  
GLN HXT  H N N 93  
GLU N    N N N 94  
GLU CA   C N S 95  
GLU C    C N N 96  
GLU O    O N N 97  
GLU CB   C N N 98  
GLU CG   C N N 99  
GLU CD   C N N 100 
GLU OE1  O N N 101 
GLU OE2  O N N 102 
GLU OXT  O N N 103 
GLU H    H N N 104 
GLU H2   H N N 105 
GLU HA   H N N 106 
GLU HB2  H N N 107 
GLU HB3  H N N 108 
GLU HG2  H N N 109 
GLU HG3  H N N 110 
GLU HE2  H N N 111 
GLU HXT  H N N 112 
GLY N    N N N 113 
GLY CA   C N N 114 
GLY C    C N N 115 
GLY O    O N N 116 
GLY OXT  O N N 117 
GLY H    H N N 118 
GLY H2   H N N 119 
GLY HA2  H N N 120 
GLY HA3  H N N 121 
GLY HXT  H N N 122 
GOL C1   C N N 123 
GOL O1   O N N 124 
GOL C2   C N N 125 
GOL O2   O N N 126 
GOL C3   C N N 127 
GOL O3   O N N 128 
GOL H11  H N N 129 
GOL H12  H N N 130 
GOL HO1  H N N 131 
GOL H2   H N N 132 
GOL HO2  H N N 133 
GOL H31  H N N 134 
GOL H32  H N N 135 
GOL HO3  H N N 136 
HIS N    N N N 137 
HIS CA   C N S 138 
HIS C    C N N 139 
HIS O    O N N 140 
HIS CB   C N N 141 
HIS CG   C Y N 142 
HIS ND1  N Y N 143 
HIS CD2  C Y N 144 
HIS CE1  C Y N 145 
HIS NE2  N Y N 146 
HIS OXT  O N N 147 
HIS H    H N N 148 
HIS H2   H N N 149 
HIS HA   H N N 150 
HIS HB2  H N N 151 
HIS HB3  H N N 152 
HIS HD1  H N N 153 
HIS HD2  H N N 154 
HIS HE1  H N N 155 
HIS HE2  H N N 156 
HIS HXT  H N N 157 
HOH O    O N N 158 
HOH H1   H N N 159 
HOH H2   H N N 160 
ILE N    N N N 161 
ILE CA   C N S 162 
ILE C    C N N 163 
ILE O    O N N 164 
ILE CB   C N S 165 
ILE CG1  C N N 166 
ILE CG2  C N N 167 
ILE CD1  C N N 168 
ILE OXT  O N N 169 
ILE H    H N N 170 
ILE H2   H N N 171 
ILE HA   H N N 172 
ILE HB   H N N 173 
ILE HG12 H N N 174 
ILE HG13 H N N 175 
ILE HG21 H N N 176 
ILE HG22 H N N 177 
ILE HG23 H N N 178 
ILE HD11 H N N 179 
ILE HD12 H N N 180 
ILE HD13 H N N 181 
ILE HXT  H N N 182 
LEU N    N N N 183 
LEU CA   C N S 184 
LEU C    C N N 185 
LEU O    O N N 186 
LEU CB   C N N 187 
LEU CG   C N N 188 
LEU CD1  C N N 189 
LEU CD2  C N N 190 
LEU OXT  O N N 191 
LEU H    H N N 192 
LEU H2   H N N 193 
LEU HA   H N N 194 
LEU HB2  H N N 195 
LEU HB3  H N N 196 
LEU HG   H N N 197 
LEU HD11 H N N 198 
LEU HD12 H N N 199 
LEU HD13 H N N 200 
LEU HD21 H N N 201 
LEU HD22 H N N 202 
LEU HD23 H N N 203 
LEU HXT  H N N 204 
LYS N    N N N 205 
LYS CA   C N S 206 
LYS C    C N N 207 
LYS O    O N N 208 
LYS CB   C N N 209 
LYS CG   C N N 210 
LYS CD   C N N 211 
LYS CE   C N N 212 
LYS NZ   N N N 213 
LYS OXT  O N N 214 
LYS H    H N N 215 
LYS H2   H N N 216 
LYS HA   H N N 217 
LYS HB2  H N N 218 
LYS HB3  H N N 219 
LYS HG2  H N N 220 
LYS HG3  H N N 221 
LYS HD2  H N N 222 
LYS HD3  H N N 223 
LYS HE2  H N N 224 
LYS HE3  H N N 225 
LYS HZ1  H N N 226 
LYS HZ2  H N N 227 
LYS HZ3  H N N 228 
LYS HXT  H N N 229 
MET N    N N N 230 
MET CA   C N S 231 
MET C    C N N 232 
MET O    O N N 233 
MET CB   C N N 234 
MET CG   C N N 235 
MET SD   S N N 236 
MET CE   C N N 237 
MET OXT  O N N 238 
MET H    H N N 239 
MET H2   H N N 240 
MET HA   H N N 241 
MET HB2  H N N 242 
MET HB3  H N N 243 
MET HG2  H N N 244 
MET HG3  H N N 245 
MET HE1  H N N 246 
MET HE2  H N N 247 
MET HE3  H N N 248 
MET HXT  H N N 249 
PHE N    N N N 250 
PHE CA   C N S 251 
PHE C    C N N 252 
PHE O    O N N 253 
PHE CB   C N N 254 
PHE CG   C Y N 255 
PHE CD1  C Y N 256 
PHE CD2  C Y N 257 
PHE CE1  C Y N 258 
PHE CE2  C Y N 259 
PHE CZ   C Y N 260 
PHE OXT  O N N 261 
PHE H    H N N 262 
PHE H2   H N N 263 
PHE HA   H N N 264 
PHE HB2  H N N 265 
PHE HB3  H N N 266 
PHE HD1  H N N 267 
PHE HD2  H N N 268 
PHE HE1  H N N 269 
PHE HE2  H N N 270 
PHE HZ   H N N 271 
PHE HXT  H N N 272 
PRO N    N N N 273 
PRO CA   C N S 274 
PRO C    C N N 275 
PRO O    O N N 276 
PRO CB   C N N 277 
PRO CG   C N N 278 
PRO CD   C N N 279 
PRO OXT  O N N 280 
PRO H    H N N 281 
PRO HA   H N N 282 
PRO HB2  H N N 283 
PRO HB3  H N N 284 
PRO HG2  H N N 285 
PRO HG3  H N N 286 
PRO HD2  H N N 287 
PRO HD3  H N N 288 
PRO HXT  H N N 289 
SER N    N N N 290 
SER CA   C N S 291 
SER C    C N N 292 
SER O    O N N 293 
SER CB   C N N 294 
SER OG   O N N 295 
SER OXT  O N N 296 
SER H    H N N 297 
SER H2   H N N 298 
SER HA   H N N 299 
SER HB2  H N N 300 
SER HB3  H N N 301 
SER HG   H N N 302 
SER HXT  H N N 303 
THR N    N N N 304 
THR CA   C N S 305 
THR C    C N N 306 
THR O    O N N 307 
THR CB   C N R 308 
THR OG1  O N N 309 
THR CG2  C N N 310 
THR OXT  O N N 311 
THR H    H N N 312 
THR H2   H N N 313 
THR HA   H N N 314 
THR HB   H N N 315 
THR HG1  H N N 316 
THR HG21 H N N 317 
THR HG22 H N N 318 
THR HG23 H N N 319 
THR HXT  H N N 320 
TRP N    N N N 321 
TRP CA   C N S 322 
TRP C    C N N 323 
TRP O    O N N 324 
TRP CB   C N N 325 
TRP CG   C Y N 326 
TRP CD1  C Y N 327 
TRP CD2  C Y N 328 
TRP NE1  N Y N 329 
TRP CE2  C Y N 330 
TRP CE3  C Y N 331 
TRP CZ2  C Y N 332 
TRP CZ3  C Y N 333 
TRP CH2  C Y N 334 
TRP OXT  O N N 335 
TRP H    H N N 336 
TRP H2   H N N 337 
TRP HA   H N N 338 
TRP HB2  H N N 339 
TRP HB3  H N N 340 
TRP HD1  H N N 341 
TRP HE1  H N N 342 
TRP HE3  H N N 343 
TRP HZ2  H N N 344 
TRP HZ3  H N N 345 
TRP HH2  H N N 346 
TRP HXT  H N N 347 
TYR N    N N N 348 
TYR CA   C N S 349 
TYR C    C N N 350 
TYR O    O N N 351 
TYR CB   C N N 352 
TYR CG   C Y N 353 
TYR CD1  C Y N 354 
TYR CD2  C Y N 355 
TYR CE1  C Y N 356 
TYR CE2  C Y N 357 
TYR CZ   C Y N 358 
TYR OH   O N N 359 
TYR OXT  O N N 360 
TYR H    H N N 361 
TYR H2   H N N 362 
TYR HA   H N N 363 
TYR HB2  H N N 364 
TYR HB3  H N N 365 
TYR HD1  H N N 366 
TYR HD2  H N N 367 
TYR HE1  H N N 368 
TYR HE2  H N N 369 
TYR HH   H N N 370 
TYR HXT  H N N 371 
VAL N    N N N 372 
VAL CA   C N S 373 
VAL C    C N N 374 
VAL O    O N N 375 
VAL CB   C N N 376 
VAL CG1  C N N 377 
VAL CG2  C N N 378 
VAL OXT  O N N 379 
VAL H    H N N 380 
VAL H2   H N N 381 
VAL HA   H N N 382 
VAL HB   H N N 383 
VAL HG11 H N N 384 
VAL HG12 H N N 385 
VAL HG13 H N N 386 
VAL HG21 H N N 387 
VAL HG22 H N N 388 
VAL HG23 H N N 389 
VAL HXT  H N N 390 
# 
loop_
_chem_comp_bond.comp_id 
_chem_comp_bond.atom_id_1 
_chem_comp_bond.atom_id_2 
_chem_comp_bond.value_order 
_chem_comp_bond.pdbx_aromatic_flag 
_chem_comp_bond.pdbx_stereo_config 
_chem_comp_bond.pdbx_ordinal 
ALA N   CA   sing N N 1   
ALA N   H    sing N N 2   
ALA N   H2   sing N N 3   
ALA CA  C    sing N N 4   
ALA CA  CB   sing N N 5   
ALA CA  HA   sing N N 6   
ALA C   O    doub N N 7   
ALA C   OXT  sing N N 8   
ALA CB  HB1  sing N N 9   
ALA CB  HB2  sing N N 10  
ALA CB  HB3  sing N N 11  
ALA OXT HXT  sing N N 12  
ARG N   CA   sing N N 13  
ARG N   H    sing N N 14  
ARG N   H2   sing N N 15  
ARG CA  C    sing N N 16  
ARG CA  CB   sing N N 17  
ARG CA  HA   sing N N 18  
ARG C   O    doub N N 19  
ARG C   OXT  sing N N 20  
ARG CB  CG   sing N N 21  
ARG CB  HB2  sing N N 22  
ARG CB  HB3  sing N N 23  
ARG CG  CD   sing N N 24  
ARG CG  HG2  sing N N 25  
ARG CG  HG3  sing N N 26  
ARG CD  NE   sing N N 27  
ARG CD  HD2  sing N N 28  
ARG CD  HD3  sing N N 29  
ARG NE  CZ   sing N N 30  
ARG NE  HE   sing N N 31  
ARG CZ  NH1  sing N N 32  
ARG CZ  NH2  doub N N 33  
ARG NH1 HH11 sing N N 34  
ARG NH1 HH12 sing N N 35  
ARG NH2 HH21 sing N N 36  
ARG NH2 HH22 sing N N 37  
ARG OXT HXT  sing N N 38  
ASN N   CA   sing N N 39  
ASN N   H    sing N N 40  
ASN N   H2   sing N N 41  
ASN CA  C    sing N N 42  
ASN CA  CB   sing N N 43  
ASN CA  HA   sing N N 44  
ASN C   O    doub N N 45  
ASN C   OXT  sing N N 46  
ASN CB  CG   sing N N 47  
ASN CB  HB2  sing N N 48  
ASN CB  HB3  sing N N 49  
ASN CG  OD1  doub N N 50  
ASN CG  ND2  sing N N 51  
ASN ND2 HD21 sing N N 52  
ASN ND2 HD22 sing N N 53  
ASN OXT HXT  sing N N 54  
ASP N   CA   sing N N 55  
ASP N   H    sing N N 56  
ASP N   H2   sing N N 57  
ASP CA  C    sing N N 58  
ASP CA  CB   sing N N 59  
ASP CA  HA   sing N N 60  
ASP C   O    doub N N 61  
ASP C   OXT  sing N N 62  
ASP CB  CG   sing N N 63  
ASP CB  HB2  sing N N 64  
ASP CB  HB3  sing N N 65  
ASP CG  OD1  doub N N 66  
ASP CG  OD2  sing N N 67  
ASP OD2 HD2  sing N N 68  
ASP OXT HXT  sing N N 69  
GLN N   CA   sing N N 70  
GLN N   H    sing N N 71  
GLN N   H2   sing N N 72  
GLN CA  C    sing N N 73  
GLN CA  CB   sing N N 74  
GLN CA  HA   sing N N 75  
GLN C   O    doub N N 76  
GLN C   OXT  sing N N 77  
GLN CB  CG   sing N N 78  
GLN CB  HB2  sing N N 79  
GLN CB  HB3  sing N N 80  
GLN CG  CD   sing N N 81  
GLN CG  HG2  sing N N 82  
GLN CG  HG3  sing N N 83  
GLN CD  OE1  doub N N 84  
GLN CD  NE2  sing N N 85  
GLN NE2 HE21 sing N N 86  
GLN NE2 HE22 sing N N 87  
GLN OXT HXT  sing N N 88  
GLU N   CA   sing N N 89  
GLU N   H    sing N N 90  
GLU N   H2   sing N N 91  
GLU CA  C    sing N N 92  
GLU CA  CB   sing N N 93  
GLU CA  HA   sing N N 94  
GLU C   O    doub N N 95  
GLU C   OXT  sing N N 96  
GLU CB  CG   sing N N 97  
GLU CB  HB2  sing N N 98  
GLU CB  HB3  sing N N 99  
GLU CG  CD   sing N N 100 
GLU CG  HG2  sing N N 101 
GLU CG  HG3  sing N N 102 
GLU CD  OE1  doub N N 103 
GLU CD  OE2  sing N N 104 
GLU OE2 HE2  sing N N 105 
GLU OXT HXT  sing N N 106 
GLY N   CA   sing N N 107 
GLY N   H    sing N N 108 
GLY N   H2   sing N N 109 
GLY CA  C    sing N N 110 
GLY CA  HA2  sing N N 111 
GLY CA  HA3  sing N N 112 
GLY C   O    doub N N 113 
GLY C   OXT  sing N N 114 
GLY OXT HXT  sing N N 115 
GOL C1  O1   sing N N 116 
GOL C1  C2   sing N N 117 
GOL C1  H11  sing N N 118 
GOL C1  H12  sing N N 119 
GOL O1  HO1  sing N N 120 
GOL C2  O2   sing N N 121 
GOL C2  C3   sing N N 122 
GOL C2  H2   sing N N 123 
GOL O2  HO2  sing N N 124 
GOL C3  O3   sing N N 125 
GOL C3  H31  sing N N 126 
GOL C3  H32  sing N N 127 
GOL O3  HO3  sing N N 128 
HIS N   CA   sing N N 129 
HIS N   H    sing N N 130 
HIS N   H2   sing N N 131 
HIS CA  C    sing N N 132 
HIS CA  CB   sing N N 133 
HIS CA  HA   sing N N 134 
HIS C   O    doub N N 135 
HIS C   OXT  sing N N 136 
HIS CB  CG   sing N N 137 
HIS CB  HB2  sing N N 138 
HIS CB  HB3  sing N N 139 
HIS CG  ND1  sing Y N 140 
HIS CG  CD2  doub Y N 141 
HIS ND1 CE1  doub Y N 142 
HIS ND1 HD1  sing N N 143 
HIS CD2 NE2  sing Y N 144 
HIS CD2 HD2  sing N N 145 
HIS CE1 NE2  sing Y N 146 
HIS CE1 HE1  sing N N 147 
HIS NE2 HE2  sing N N 148 
HIS OXT HXT  sing N N 149 
HOH O   H1   sing N N 150 
HOH O   H2   sing N N 151 
ILE N   CA   sing N N 152 
ILE N   H    sing N N 153 
ILE N   H2   sing N N 154 
ILE CA  C    sing N N 155 
ILE CA  CB   sing N N 156 
ILE CA  HA   sing N N 157 
ILE C   O    doub N N 158 
ILE C   OXT  sing N N 159 
ILE CB  CG1  sing N N 160 
ILE CB  CG2  sing N N 161 
ILE CB  HB   sing N N 162 
ILE CG1 CD1  sing N N 163 
ILE CG1 HG12 sing N N 164 
ILE CG1 HG13 sing N N 165 
ILE CG2 HG21 sing N N 166 
ILE CG2 HG22 sing N N 167 
ILE CG2 HG23 sing N N 168 
ILE CD1 HD11 sing N N 169 
ILE CD1 HD12 sing N N 170 
ILE CD1 HD13 sing N N 171 
ILE OXT HXT  sing N N 172 
LEU N   CA   sing N N 173 
LEU N   H    sing N N 174 
LEU N   H2   sing N N 175 
LEU CA  C    sing N N 176 
LEU CA  CB   sing N N 177 
LEU CA  HA   sing N N 178 
LEU C   O    doub N N 179 
LEU C   OXT  sing N N 180 
LEU CB  CG   sing N N 181 
LEU CB  HB2  sing N N 182 
LEU CB  HB3  sing N N 183 
LEU CG  CD1  sing N N 184 
LEU CG  CD2  sing N N 185 
LEU CG  HG   sing N N 186 
LEU CD1 HD11 sing N N 187 
LEU CD1 HD12 sing N N 188 
LEU CD1 HD13 sing N N 189 
LEU CD2 HD21 sing N N 190 
LEU CD2 HD22 sing N N 191 
LEU CD2 HD23 sing N N 192 
LEU OXT HXT  sing N N 193 
LYS N   CA   sing N N 194 
LYS N   H    sing N N 195 
LYS N   H2   sing N N 196 
LYS CA  C    sing N N 197 
LYS CA  CB   sing N N 198 
LYS CA  HA   sing N N 199 
LYS C   O    doub N N 200 
LYS C   OXT  sing N N 201 
LYS CB  CG   sing N N 202 
LYS CB  HB2  sing N N 203 
LYS CB  HB3  sing N N 204 
LYS CG  CD   sing N N 205 
LYS CG  HG2  sing N N 206 
LYS CG  HG3  sing N N 207 
LYS CD  CE   sing N N 208 
LYS CD  HD2  sing N N 209 
LYS CD  HD3  sing N N 210 
LYS CE  NZ   sing N N 211 
LYS CE  HE2  sing N N 212 
LYS CE  HE3  sing N N 213 
LYS NZ  HZ1  sing N N 214 
LYS NZ  HZ2  sing N N 215 
LYS NZ  HZ3  sing N N 216 
LYS OXT HXT  sing N N 217 
MET N   CA   sing N N 218 
MET N   H    sing N N 219 
MET N   H2   sing N N 220 
MET CA  C    sing N N 221 
MET CA  CB   sing N N 222 
MET CA  HA   sing N N 223 
MET C   O    doub N N 224 
MET C   OXT  sing N N 225 
MET CB  CG   sing N N 226 
MET CB  HB2  sing N N 227 
MET CB  HB3  sing N N 228 
MET CG  SD   sing N N 229 
MET CG  HG2  sing N N 230 
MET CG  HG3  sing N N 231 
MET SD  CE   sing N N 232 
MET CE  HE1  sing N N 233 
MET CE  HE2  sing N N 234 
MET CE  HE3  sing N N 235 
MET OXT HXT  sing N N 236 
PHE N   CA   sing N N 237 
PHE N   H    sing N N 238 
PHE N   H2   sing N N 239 
PHE CA  C    sing N N 240 
PHE CA  CB   sing N N 241 
PHE CA  HA   sing N N 242 
PHE C   O    doub N N 243 
PHE C   OXT  sing N N 244 
PHE CB  CG   sing N N 245 
PHE CB  HB2  sing N N 246 
PHE CB  HB3  sing N N 247 
PHE CG  CD1  doub Y N 248 
PHE CG  CD2  sing Y N 249 
PHE CD1 CE1  sing Y N 250 
PHE CD1 HD1  sing N N 251 
PHE CD2 CE2  doub Y N 252 
PHE CD2 HD2  sing N N 253 
PHE CE1 CZ   doub Y N 254 
PHE CE1 HE1  sing N N 255 
PHE CE2 CZ   sing Y N 256 
PHE CE2 HE2  sing N N 257 
PHE CZ  HZ   sing N N 258 
PHE OXT HXT  sing N N 259 
PRO N   CA   sing N N 260 
PRO N   CD   sing N N 261 
PRO N   H    sing N N 262 
PRO CA  C    sing N N 263 
PRO CA  CB   sing N N 264 
PRO CA  HA   sing N N 265 
PRO C   O    doub N N 266 
PRO C   OXT  sing N N 267 
PRO CB  CG   sing N N 268 
PRO CB  HB2  sing N N 269 
PRO CB  HB3  sing N N 270 
PRO CG  CD   sing N N 271 
PRO CG  HG2  sing N N 272 
PRO CG  HG3  sing N N 273 
PRO CD  HD2  sing N N 274 
PRO CD  HD3  sing N N 275 
PRO OXT HXT  sing N N 276 
SER N   CA   sing N N 277 
SER N   H    sing N N 278 
SER N   H2   sing N N 279 
SER CA  C    sing N N 280 
SER CA  CB   sing N N 281 
SER CA  HA   sing N N 282 
SER C   O    doub N N 283 
SER C   OXT  sing N N 284 
SER CB  OG   sing N N 285 
SER CB  HB2  sing N N 286 
SER CB  HB3  sing N N 287 
SER OG  HG   sing N N 288 
SER OXT HXT  sing N N 289 
THR N   CA   sing N N 290 
THR N   H    sing N N 291 
THR N   H2   sing N N 292 
THR CA  C    sing N N 293 
THR CA  CB   sing N N 294 
THR CA  HA   sing N N 295 
THR C   O    doub N N 296 
THR C   OXT  sing N N 297 
THR CB  OG1  sing N N 298 
THR CB  CG2  sing N N 299 
THR CB  HB   sing N N 300 
THR OG1 HG1  sing N N 301 
THR CG2 HG21 sing N N 302 
THR CG2 HG22 sing N N 303 
THR CG2 HG23 sing N N 304 
THR OXT HXT  sing N N 305 
TRP N   CA   sing N N 306 
TRP N   H    sing N N 307 
TRP N   H2   sing N N 308 
TRP CA  C    sing N N 309 
TRP CA  CB   sing N N 310 
TRP CA  HA   sing N N 311 
TRP C   O    doub N N 312 
TRP C   OXT  sing N N 313 
TRP CB  CG   sing N N 314 
TRP CB  HB2  sing N N 315 
TRP CB  HB3  sing N N 316 
TRP CG  CD1  doub Y N 317 
TRP CG  CD2  sing Y N 318 
TRP CD1 NE1  sing Y N 319 
TRP CD1 HD1  sing N N 320 
TRP CD2 CE2  doub Y N 321 
TRP CD2 CE3  sing Y N 322 
TRP NE1 CE2  sing Y N 323 
TRP NE1 HE1  sing N N 324 
TRP CE2 CZ2  sing Y N 325 
TRP CE3 CZ3  doub Y N 326 
TRP CE3 HE3  sing N N 327 
TRP CZ2 CH2  doub Y N 328 
TRP CZ2 HZ2  sing N N 329 
TRP CZ3 CH2  sing Y N 330 
TRP CZ3 HZ3  sing N N 331 
TRP CH2 HH2  sing N N 332 
TRP OXT HXT  sing N N 333 
TYR N   CA   sing N N 334 
TYR N   H    sing N N 335 
TYR N   H2   sing N N 336 
TYR CA  C    sing N N 337 
TYR CA  CB   sing N N 338 
TYR CA  HA   sing N N 339 
TYR C   O    doub N N 340 
TYR C   OXT  sing N N 341 
TYR CB  CG   sing N N 342 
TYR CB  HB2  sing N N 343 
TYR CB  HB3  sing N N 344 
TYR CG  CD1  doub Y N 345 
TYR CG  CD2  sing Y N 346 
TYR CD1 CE1  sing Y N 347 
TYR CD1 HD1  sing N N 348 
TYR CD2 CE2  doub Y N 349 
TYR CD2 HD2  sing N N 350 
TYR CE1 CZ   doub Y N 351 
TYR CE1 HE1  sing N N 352 
TYR CE2 CZ   sing Y N 353 
TYR CE2 HE2  sing N N 354 
TYR CZ  OH   sing N N 355 
TYR OH  HH   sing N N 356 
TYR OXT HXT  sing N N 357 
VAL N   CA   sing N N 358 
VAL N   H    sing N N 359 
VAL N   H2   sing N N 360 
VAL CA  C    sing N N 361 
VAL CA  CB   sing N N 362 
VAL CA  HA   sing N N 363 
VAL C   O    doub N N 364 
VAL C   OXT  sing N N 365 
VAL CB  CG1  sing N N 366 
VAL CB  CG2  sing N N 367 
VAL CB  HB   sing N N 368 
VAL CG1 HG11 sing N N 369 
VAL CG1 HG12 sing N N 370 
VAL CG1 HG13 sing N N 371 
VAL CG2 HG21 sing N N 372 
VAL CG2 HG22 sing N N 373 
VAL CG2 HG23 sing N N 374 
VAL OXT HXT  sing N N 375 
# 
_atom_sites.entry_id                    3I9X 
_atom_sites.fract_transf_matrix[1][1]   -0.00394377 
_atom_sites.fract_transf_matrix[1][2]   0.00761912 
_atom_sites.fract_transf_matrix[1][3]   0.00840774 
_atom_sites.fract_transf_matrix[2][1]   0.00722157 
_atom_sites.fract_transf_matrix[2][2]   0.00867662 
_atom_sites.fract_transf_matrix[2][3]   0.00410527 
_atom_sites.fract_transf_matrix[3][1]   -0.00341719 
_atom_sites.fract_transf_matrix[3][2]   0.00630654 
_atom_sites.fract_transf_matrix[3][3]   -0.00731788 
_atom_sites.fract_transf_vector[1]      0.302934 
_atom_sites.fract_transf_vector[2]      0.378048 
_atom_sites.fract_transf_vector[3]      0.042418 
# 
loop_
_atom_type.symbol 
C 
N 
O 
S 
# 
loop_
_atom_site.group_PDB 
_atom_site.id 
_atom_site.type_symbol 
_atom_site.label_atom_id 
_atom_site.label_alt_id 
_atom_site.label_comp_id 
_atom_site.label_asym_id 
_atom_site.label_entity_id 
_atom_site.label_seq_id 
_atom_site.pdbx_PDB_ins_code 
_atom_site.Cartn_x 
_atom_site.Cartn_y 
_atom_site.Cartn_z 
_atom_site.occupancy 
_atom_site.B_iso_or_equiv 
_atom_site.pdbx_formal_charge 
_atom_site.auth_seq_id 
_atom_site.auth_comp_id 
_atom_site.auth_asym_id 
_atom_site.auth_atom_id 
_atom_site.pdbx_PDB_model_num 
ATOM   1    N N   . ARG A 1 23  ? 22.110  18.666  6.022   1.00 62.22 ? 21  ARG A N   1 
ATOM   2    C CA  . ARG A 1 23  ? 21.367  17.373  5.980   1.00 62.78 ? 21  ARG A CA  1 
ATOM   3    C C   . ARG A 1 23  ? 19.879  17.566  5.607   1.00 61.55 ? 21  ARG A C   1 
ATOM   4    O O   . ARG A 1 23  ? 19.124  18.179  6.373   1.00 61.56 ? 21  ARG A O   1 
ATOM   5    C CB  . ARG A 1 23  ? 21.465  16.706  7.347   1.00 63.54 ? 21  ARG A CB  1 
ATOM   6    C CG  . ARG A 1 23  ? 20.735  15.349  7.481   1.00 66.02 ? 21  ARG A CG  1 
ATOM   7    C CD  . ARG A 1 23  ? 21.613  14.124  7.104   1.00 69.68 ? 21  ARG A CD  1 
ATOM   8    N NE  . ARG A 1 23  ? 21.219  13.480  5.837   1.00 71.27 ? 21  ARG A NE  1 
ATOM   9    C CZ  . ARG A 1 23  ? 20.574  12.309  5.712   1.00 70.98 ? 21  ARG A CZ  1 
ATOM   10   N NH1 . ARG A 1 23  ? 20.191  11.593  6.775   1.00 71.02 ? 21  ARG A NH1 1 
ATOM   11   N NH2 . ARG A 1 23  ? 20.287  11.862  4.497   1.00 70.07 ? 21  ARG A NH2 1 
ATOM   12   N N   . THR A 1 24  ? 19.469  17.033  4.455   1.00 59.73 ? 22  THR A N   1 
ATOM   13   C CA  . THR A 1 24  ? 18.088  17.138  3.990   1.00 58.48 ? 22  THR A CA  1 
ATOM   14   C C   . THR A 1 24  ? 17.478  15.743  3.771   1.00 57.74 ? 22  THR A C   1 
ATOM   15   O O   . THR A 1 24  ? 18.196  14.731  3.844   1.00 57.35 ? 22  THR A O   1 
ATOM   16   C CB  . THR A 1 24  ? 18.005  17.939  2.691   1.00 58.71 ? 22  THR A CB  1 
ATOM   17   O OG1 . THR A 1 24  ? 18.674  17.219  1.662   1.00 58.71 ? 22  THR A OG1 1 
ATOM   18   C CG2 . THR A 1 24  ? 18.622  19.348  2.846   1.00 57.92 ? 22  THR A CG2 1 
ATOM   19   N N   . PRO A 1 25  ? 16.144  15.663  3.523   1.00 55.87 ? 23  PRO A N   1 
ATOM   20   C CA  . PRO A 1 25  ? 15.590  14.306  3.409   1.00 54.37 ? 23  PRO A CA  1 
ATOM   21   C C   . PRO A 1 25  ? 15.963  13.651  2.096   1.00 52.77 ? 23  PRO A C   1 
ATOM   22   O O   . PRO A 1 25  ? 16.181  14.305  1.078   1.00 51.59 ? 23  PRO A O   1 
ATOM   23   C CB  . PRO A 1 25  ? 14.074  14.520  3.475   1.00 54.11 ? 23  PRO A CB  1 
ATOM   24   C CG  . PRO A 1 25  ? 13.896  15.940  3.980   1.00 55.82 ? 23  PRO A CG  1 
ATOM   25   C CD  . PRO A 1 25  ? 15.078  16.675  3.429   1.00 55.65 ? 23  PRO A CD  1 
ATOM   26   N N   . ASP A 1 26  ? 15.997  12.341  2.137   1.00 51.43 ? 24  ASP A N   1 
ATOM   27   C CA  . ASP A 1 26  ? 16.383  11.546  0.990   1.00 50.57 ? 24  ASP A CA  1 
ATOM   28   C C   . ASP A 1 26  ? 15.229  11.228  0.083   1.00 49.86 ? 24  ASP A C   1 
ATOM   29   O O   . ASP A 1 26  ? 15.439  10.793  -1.062  1.00 50.83 ? 24  ASP A O   1 
ATOM   30   C CB  . ASP A 1 26  ? 17.055  10.283  1.492   1.00 50.48 ? 24  ASP A CB  1 
ATOM   31   C CG  . ASP A 1 26  ? 18.336  10.595  2.162   1.00 50.09 ? 24  ASP A CG  1 
ATOM   32   O OD1 . ASP A 1 26  ? 18.630  10.069  3.259   1.00 49.87 ? 24  ASP A OD1 1 
ATOM   33   O OD2 . ASP A 1 26  ? 19.037  11.462  1.584   1.00 55.57 ? 24  ASP A OD2 1 
ATOM   34   N N   . GLY A 1 27  ? 14.003  11.488  0.535   1.00 47.41 ? 25  GLY A N   1 
ATOM   35   C CA  . GLY A 1 27  ? 12.856  11.101  -0.284  1.00 45.07 ? 25  GLY A CA  1 
ATOM   36   C C   . GLY A 1 27  ? 11.518  11.395  0.348   1.00 43.29 ? 25  GLY A C   1 
ATOM   37   O O   . GLY A 1 27  ? 11.390  11.470  1.555   1.00 41.24 ? 25  GLY A O   1 
ATOM   38   N N   . TYR A 1 28  ? 10.532  11.545  -0.518  1.00 42.30 ? 26  TYR A N   1 
ATOM   39   C CA  . TYR A 1 28  ? 9.160   11.703  -0.143  1.00 41.42 ? 26  TYR A CA  1 
ATOM   40   C C   . TYR A 1 28  ? 8.394   10.689  -0.941  1.00 41.45 ? 26  TYR A C   1 
ATOM   41   O O   . TYR A 1 28  ? 8.481   10.704  -2.168  1.00 41.53 ? 26  TYR A O   1 
ATOM   42   C CB  . TYR A 1 28  ? 8.721   13.118  -0.554  1.00 41.00 ? 26  TYR A CB  1 
ATOM   43   C CG  . TYR A 1 28  ? 7.349   13.548  -0.137  1.00 38.58 ? 26  TYR A CG  1 
ATOM   44   C CD1 . TYR A 1 28  ? 6.820   13.208  1.123   1.00 36.10 ? 26  TYR A CD1 1 
ATOM   45   C CD2 . TYR A 1 28  ? 6.599   14.398  -0.952  1.00 35.37 ? 26  TYR A CD2 1 
ATOM   46   C CE1 . TYR A 1 28  ? 5.580   13.659  1.509   1.00 34.70 ? 26  TYR A CE1 1 
ATOM   47   C CE2 . TYR A 1 28  ? 5.358   14.850  -0.566  1.00 37.25 ? 26  TYR A CE2 1 
ATOM   48   C CZ  . TYR A 1 28  ? 4.841   14.495  0.667   1.00 35.18 ? 26  TYR A CZ  1 
ATOM   49   O OH  . TYR A 1 28  ? 3.576   14.968  1.041   1.00 33.68 ? 26  TYR A OH  1 
ATOM   50   N N   . THR A 1 29  ? 7.599   9.858   -0.259  1.00 40.38 ? 27  THR A N   1 
ATOM   51   C CA  . THR A 1 29  ? 6.749   8.876   -0.926  1.00 40.17 ? 27  THR A CA  1 
ATOM   52   C C   . THR A 1 29  ? 5.250   9.049   -0.637  1.00 40.35 ? 27  THR A C   1 
ATOM   53   O O   . THR A 1 29  ? 4.849   9.660   0.348   1.00 40.04 ? 27  THR A O   1 
ATOM   54   C CB  . THR A 1 29  ? 7.151   7.432   -0.579  1.00 39.64 ? 27  THR A CB  1 
ATOM   55   O OG1 . THR A 1 29  ? 6.932   7.218   0.805   1.00 38.71 ? 27  THR A OG1 1 
ATOM   56   C CG2 . THR A 1 29  ? 8.626   7.186   -0.861  1.00 38.05 ? 27  THR A CG2 1 
ATOM   57   N N   . SER A 1 30  ? 4.455   8.553   -1.577  1.00 40.08 ? 28  SER A N   1 
ATOM   58   C CA  . SER A 1 30  ? 3.014   8.483   -1.501  1.00 40.84 ? 28  SER A CA  1 
ATOM   59   C C   . SER A 1 30  ? 2.655   7.002   -1.441  1.00 40.16 ? 28  SER A C   1 
ATOM   60   O O   . SER A 1 30  ? 2.870   6.283   -2.414  1.00 40.20 ? 28  SER A O   1 
ATOM   61   C CB  . SER A 1 30  ? 2.441   9.086   -2.763  1.00 41.03 ? 28  SER A CB  1 
ATOM   62   O OG  . SER A 1 30  ? 1.102   9.458   -2.577  1.00 44.82 ? 28  SER A OG  1 
ATOM   63   N N   . ASP A 1 31  ? 2.218   6.529   -0.281  1.00 39.36 ? 29  ASP A N   1 
ATOM   64   C CA  . ASP A 1 31  ? 1.880   5.103   -0.080  1.00 38.31 ? 29  ASP A CA  1 
ATOM   65   C C   . ASP A 1 31  ? 0.382   4.912   0.132   1.00 38.59 ? 29  ASP A C   1 
ATOM   66   O O   . ASP A 1 31  ? -0.264  5.700   0.834   1.00 35.27 ? 29  ASP A O   1 
ATOM   67   C CB  . ASP A 1 31  ? 2.693   4.562   1.102   1.00 38.00 ? 29  ASP A CB  1 
ATOM   68   C CG  . ASP A 1 31  ? 4.184   4.524   0.794   1.00 38.70 ? 29  ASP A CG  1 
ATOM   69   O OD1 . ASP A 1 31  ? 4.526   3.939   -0.264  1.00 35.19 ? 29  ASP A OD1 1 
ATOM   70   O OD2 . ASP A 1 31  ? 5.000   5.103   1.561   1.00 37.23 ? 29  ASP A OD2 1 
ATOM   71   N N   . MET A 1 32  ? -0.144  3.844   -0.469  1.00 38.14 ? 30  MET A N   1 
ATOM   72   C CA  . MET A 1 32  ? -1.576  3.617   -0.609  1.00 39.70 ? 30  MET A CA  1 
ATOM   73   C C   . MET A 1 32  ? -2.057  2.322   0.038   1.00 39.10 ? 30  MET A C   1 
ATOM   74   O O   . MET A 1 32  ? -1.675  1.226   -0.373  1.00 39.25 ? 30  MET A O   1 
ATOM   75   C CB  . MET A 1 32  ? -1.947  3.549   -2.084  1.00 40.11 ? 30  MET A CB  1 
ATOM   76   C CG  . MET A 1 32  ? -1.385  4.756   -2.937  1.00 46.69 ? 30  MET A CG  1 
ATOM   77   S SD  . MET A 1 32  ? -2.135  4.876   -4.623  1.00 51.04 ? 30  MET A SD  1 
ATOM   78   C CE  . MET A 1 32  ? -3.684  4.012   -4.111  1.00 41.84 ? 30  MET A CE  1 
ATOM   79   N N   . ILE A 1 33  ? -2.904  2.449   1.039   1.00 38.54 ? 31  ILE A N   1 
ATOM   80   C CA  . ILE A 1 33  ? -3.656  1.317   1.564   1.00 38.28 ? 31  ILE A CA  1 
ATOM   81   C C   . ILE A 1 33  ? -4.865  1.148   0.647   1.00 38.42 ? 31  ILE A C   1 
ATOM   82   O O   . ILE A 1 33  ? -5.828  1.934   0.689   1.00 38.20 ? 31  ILE A O   1 
ATOM   83   C CB  . ILE A 1 33  ? -4.064  1.573   2.968   1.00 38.04 ? 31  ILE A CB  1 
ATOM   84   C CG1 . ILE A 1 33  ? -2.812  1.670   3.838   1.00 42.16 ? 31  ILE A CG1 1 
ATOM   85   C CG2 . ILE A 1 33  ? -4.963  0.519   3.507   1.00 38.13 ? 31  ILE A CG2 1 
ATOM   86   C CD1 . ILE A 1 33  ? -2.218  0.377   4.057   1.00 46.18 ? 31  ILE A CD1 1 
ATOM   87   N N   . LEU A 1 34  ? -4.804  0.119   -0.178  1.00 37.72 ? 32  LEU A N   1 
ATOM   88   C CA  . LEU A 1 34  ? -5.808  -0.130  -1.199  1.00 39.09 ? 32  LEU A CA  1 
ATOM   89   C C   . LEU A 1 34  ? -6.732  -1.256  -0.813  1.00 38.46 ? 32  LEU A C   1 
ATOM   90   O O   . LEU A 1 34  ? -6.343  -2.434  -0.888  1.00 37.02 ? 32  LEU A O   1 
ATOM   91   C CB  . LEU A 1 34  ? -5.101  -0.499  -2.497  1.00 40.19 ? 32  LEU A CB  1 
ATOM   92   C CG  . LEU A 1 34  ? -5.727  -0.216  -3.833  1.00 43.86 ? 32  LEU A CG  1 
ATOM   93   C CD1 . LEU A 1 34  ? -6.474  1.103   -3.723  1.00 48.05 ? 32  LEU A CD1 1 
ATOM   94   C CD2 . LEU A 1 34  ? -4.614  -0.134  -4.933  1.00 44.25 ? 32  LEU A CD2 1 
ATOM   95   N N   . THR A 1 35  ? -7.950  -0.913  -0.423  1.00 38.85 ? 33  THR A N   1 
ATOM   96   C CA  . THR A 1 35  ? -8.870  -1.900  0.160   1.00 39.37 ? 33  THR A CA  1 
ATOM   97   C C   . THR A 1 35  ? -10.153 -2.122  -0.611  1.00 40.44 ? 33  THR A C   1 
ATOM   98   O O   . THR A 1 35  ? -10.556 -1.293  -1.440  1.00 40.86 ? 33  THR A O   1 
ATOM   99   C CB  . THR A 1 35  ? -9.228  -1.541  1.586   1.00 39.29 ? 33  THR A CB  1 
ATOM   100  O OG1 . THR A 1 35  ? -10.137 -0.448  1.614   1.00 38.55 ? 33  THR A OG1 1 
ATOM   101  C CG2 . THR A 1 35  ? -7.980  -1.183  2.402   1.00 39.07 ? 33  THR A CG2 1 
ATOM   102  N N   . THR A 1 36  ? -10.772 -3.268  -0.348  1.00 40.77 ? 34  THR A N   1 
ATOM   103  C CA  . THR A 1 36  ? -12.108 -3.599  -0.844  1.00 42.69 ? 34  THR A CA  1 
ATOM   104  C C   . THR A 1 36  ? -12.826 -4.434  0.200   1.00 43.91 ? 34  THR A C   1 
ATOM   105  O O   . THR A 1 36  ? -12.255 -4.792  1.229   1.00 43.80 ? 34  THR A O   1 
ATOM   106  C CB  . THR A 1 36  ? -12.100 -4.318  -2.181  1.00 42.84 ? 34  THR A CB  1 
ATOM   107  O OG1 . THR A 1 36  ? -13.438 -4.389  -2.694  1.00 44.47 ? 34  THR A OG1 1 
ATOM   108  C CG2 . THR A 1 36  ? -11.542 -5.711  -2.068  1.00 40.95 ? 34  THR A CG2 1 
ATOM   109  N N   . VAL A 1 37  ? -14.103 -4.673  -0.036  1.00 45.46 ? 35  VAL A N   1 
ATOM   110  C CA  . VAL A 1 37  ? -14.894 -5.518  0.838   1.00 45.76 ? 35  VAL A CA  1 
ATOM   111  C C   . VAL A 1 37  ? -15.350 -6.661  -0.050  1.00 48.06 ? 35  VAL A C   1 
ATOM   112  O O   . VAL A 1 37  ? -15.774 -6.441  -1.178  1.00 47.97 ? 35  VAL A O   1 
ATOM   113  C CB  . VAL A 1 37  ? -16.067 -4.763  1.477   1.00 45.61 ? 35  VAL A CB  1 
ATOM   114  C CG1 . VAL A 1 37  ? -17.087 -5.749  2.121   1.00 44.87 ? 35  VAL A CG1 1 
ATOM   115  C CG2 . VAL A 1 37  ? -15.575 -3.779  2.549   1.00 43.00 ? 35  VAL A CG2 1 
ATOM   116  N N   . LYS A 1 38  ? -15.139 -7.887  0.399   1.00 50.06 ? 36  LYS A N   1 
ATOM   117  C CA  . LYS A 1 38  ? -15.663 -9.036  -0.327  1.00 52.21 ? 36  LYS A CA  1 
ATOM   118  C C   . LYS A 1 38  ? -15.856 -10.206 0.613   1.00 53.68 ? 36  LYS A C   1 
ATOM   119  O O   . LYS A 1 38  ? -15.357 -10.201 1.756   1.00 53.31 ? 36  LYS A O   1 
ATOM   120  C CB  . LYS A 1 38  ? -14.766 -9.435  -1.510  1.00 52.39 ? 36  LYS A CB  1 
ATOM   121  C CG  . LYS A 1 38  ? -13.431 -10.080 -1.140  1.00 53.40 ? 36  LYS A CG  1 
ATOM   122  C CD  . LYS A 1 38  ? -12.605 -10.445 -2.396  1.00 54.91 ? 36  LYS A CD  1 
ATOM   123  C CE  . LYS A 1 38  ? -11.991 -11.858 -2.353  1.00 56.40 ? 36  LYS A CE  1 
ATOM   124  N NZ  . LYS A 1 38  ? -12.070 -12.515 -3.681  1.00 57.33 ? 36  LYS A NZ  1 
ATOM   125  N N   . GLU A 1 39  ? -16.547 -11.223 0.114   1.00 55.89 ? 37  GLU A N   1 
ATOM   126  C CA  . GLU A 1 39  ? -17.009 -12.305 0.981   1.00 58.20 ? 37  GLU A CA  1 
ATOM   127  C C   . GLU A 1 39  ? -15.908 -13.315 1.236   1.00 57.95 ? 37  GLU A C   1 
ATOM   128  O O   . GLU A 1 39  ? -15.279 -13.841 0.319   1.00 58.48 ? 37  GLU A O   1 
ATOM   129  C CB  . GLU A 1 39  ? -18.263 -12.985 0.411   1.00 59.26 ? 37  GLU A CB  1 
ATOM   130  C CG  . GLU A 1 39  ? -19.396 -11.988 0.106   1.00 63.82 ? 37  GLU A CG  1 
ATOM   131  C CD  . GLU A 1 39  ? -20.600 -12.116 1.034   1.00 70.82 ? 37  GLU A CD  1 
ATOM   132  O OE1 . GLU A 1 39  ? -21.136 -13.254 1.174   1.00 73.40 ? 37  GLU A OE1 1 
ATOM   133  O OE2 . GLU A 1 39  ? -21.024 -11.064 1.586   1.00 74.62 ? 37  GLU A OE2 1 
ATOM   134  N N   . LEU A 1 40  ? -15.669 -13.558 2.508   1.00 58.41 ? 38  LEU A N   1 
ATOM   135  C CA  . LEU A 1 40  ? -14.807 -14.644 2.930   1.00 59.32 ? 38  LEU A CA  1 
ATOM   136  C C   . LEU A 1 40  ? -15.653 -15.516 3.864   1.00 59.28 ? 38  LEU A C   1 
ATOM   137  O O   . LEU A 1 40  ? -16.152 -15.029 4.879   1.00 58.64 ? 38  LEU A O   1 
ATOM   138  C CB  . LEU A 1 40  ? -13.577 -14.088 3.646   1.00 59.13 ? 38  LEU A CB  1 
ATOM   139  C CG  . LEU A 1 40  ? -12.595 -15.108 4.202   1.00 59.53 ? 38  LEU A CG  1 
ATOM   140  C CD1 . LEU A 1 40  ? -11.853 -15.795 3.078   1.00 60.04 ? 38  LEU A CD1 1 
ATOM   141  C CD2 . LEU A 1 40  ? -11.648 -14.436 5.163   1.00 60.33 ? 38  LEU A CD2 1 
ATOM   142  N N   . ASN A 1 41  ? -15.827 -16.783 3.495   1.00 60.38 ? 39  ASN A N   1 
ATOM   143  C CA  . ASN A 1 41  ? -16.707 -17.719 4.222   1.00 60.84 ? 39  ASN A CA  1 
ATOM   144  C C   . ASN A 1 41  ? -18.104 -17.088 4.382   1.00 61.41 ? 39  ASN A C   1 
ATOM   145  O O   . ASN A 1 41  ? -18.651 -16.975 5.496   1.00 61.70 ? 39  ASN A O   1 
ATOM   146  C CB  . ASN A 1 41  ? -16.076 -18.106 5.574   1.00 60.76 ? 39  ASN A CB  1 
ATOM   147  C CG  . ASN A 1 41  ? -14.624 -18.612 5.431   1.00 60.97 ? 39  ASN A CG  1 
ATOM   148  O OD1 . ASN A 1 41  ? -14.314 -19.420 4.546   1.00 60.11 ? 39  ASN A OD1 1 
ATOM   149  N ND2 . ASN A 1 41  ? -13.732 -18.125 6.303   1.00 61.11 ? 39  ASN A ND2 1 
ATOM   150  N N   . GLY A 1 42  ? -18.636 -16.595 3.258   1.00 62.11 ? 40  GLY A N   1 
ATOM   151  C CA  . GLY A 1 42  ? -19.936 -15.919 3.230   1.00 62.11 ? 40  GLY A CA  1 
ATOM   152  C C   . GLY A 1 42  ? -20.098 -14.716 4.143   1.00 62.18 ? 40  GLY A C   1 
ATOM   153  O O   . GLY A 1 42  ? -21.231 -14.313 4.427   1.00 62.92 ? 40  GLY A O   1 
ATOM   154  N N   . LYS A 1 43  ? -18.989 -14.123 4.597   1.00 61.71 ? 41  LYS A N   1 
ATOM   155  C CA  . LYS A 1 43  ? -19.036 -12.874 5.379   1.00 61.10 ? 41  LYS A CA  1 
ATOM   156  C C   . LYS A 1 43  ? -18.235 -11.721 4.722   1.00 59.12 ? 41  LYS A C   1 
ATOM   157  O O   . LYS A 1 43  ? -17.075 -11.914 4.310   1.00 58.36 ? 41  LYS A O   1 
ATOM   158  C CB  . LYS A 1 43  ? -18.537 -13.121 6.805   1.00 62.15 ? 41  LYS A CB  1 
ATOM   159  C CG  . LYS A 1 43  ? -19.131 -12.166 7.856   1.00 65.32 ? 41  LYS A CG  1 
ATOM   160  C CD  . LYS A 1 43  ? -18.642 -12.494 9.298   1.00 69.14 ? 41  LYS A CD  1 
ATOM   161  C CE  . LYS A 1 43  ? -17.507 -11.571 9.765   1.00 70.53 ? 41  LYS A CE  1 
ATOM   162  N NZ  . LYS A 1 43  ? -17.597 -11.262 11.243  1.00 71.85 ? 41  LYS A NZ  1 
ATOM   163  N N   . PRO A 1 44  ? -18.859 -10.523 4.617   1.00 56.73 ? 42  PRO A N   1 
ATOM   164  C CA  . PRO A 1 44  ? -18.165 -9.362  4.022   1.00 54.51 ? 42  PRO A CA  1 
ATOM   165  C C   . PRO A 1 44  ? -16.946 -8.959  4.828   1.00 51.68 ? 42  PRO A C   1 
ATOM   166  O O   . PRO A 1 44  ? -17.064 -8.571  5.988   1.00 50.68 ? 42  PRO A O   1 
ATOM   167  C CB  . PRO A 1 44  ? -19.210 -8.242  4.016   1.00 55.16 ? 42  PRO A CB  1 
ATOM   168  C CG  . PRO A 1 44  ? -20.390 -8.737  4.873   1.00 56.68 ? 42  PRO A CG  1 
ATOM   169  C CD  . PRO A 1 44  ? -20.255 -10.232 5.011   1.00 56.72 ? 42  PRO A CD  1 
ATOM   170  N N   . THR A 1 45  ? -15.774 -9.067  4.203   1.00 48.64 ? 43  THR A N   1 
ATOM   171  C CA  . THR A 1 45  ? -14.512 -8.847  4.906   1.00 45.88 ? 43  THR A CA  1 
ATOM   172  C C   . THR A 1 45  ? -13.611 -7.844  4.151   1.00 43.70 ? 43  THR A C   1 
ATOM   173  O O   . THR A 1 45  ? -13.505 -7.865  2.913   1.00 42.59 ? 43  THR A O   1 
ATOM   174  C CB  . THR A 1 45  ? -13.782 -10.210 5.148   1.00 46.53 ? 43  THR A CB  1 
ATOM   175  O OG1 . THR A 1 45  ? -14.665 -11.087 5.864   1.00 49.07 ? 43  THR A OG1 1 
ATOM   176  C CG2 . THR A 1 45  ? -12.455 -10.040 5.953   1.00 41.80 ? 43  THR A CG2 1 
ATOM   177  N N   . LEU A 1 46  ? -12.994 -6.965  4.926   1.00 41.76 ? 44  LEU A N   1 
ATOM   178  C CA  . LEU A 1 46  ? -12.083 -5.947  4.415   1.00 40.90 ? 44  LEU A CA  1 
ATOM   179  C C   . LEU A 1 46  ? -10.856 -6.662  3.910   1.00 39.55 ? 44  LEU A C   1 
ATOM   180  O O   . LEU A 1 46  ? -10.280 -7.451  4.640   1.00 37.63 ? 44  LEU A O   1 
ATOM   181  C CB  . LEU A 1 46  ? -11.690 -4.986  5.537   1.00 40.55 ? 44  LEU A CB  1 
ATOM   182  C CG  . LEU A 1 46  ? -10.953 -3.719  5.057   1.00 42.82 ? 44  LEU A CG  1 
ATOM   183  C CD1 . LEU A 1 46  ? -11.961 -2.777  4.375   1.00 38.72 ? 44  LEU A CD1 1 
ATOM   184  C CD2 . LEU A 1 46  ? -10.241 -2.999  6.211   1.00 41.61 ? 44  LEU A CD2 1 
ATOM   185  N N   . HIS A 1 47  ? -10.514 -6.437  2.647   1.00 39.41 ? 45  HIS A N   1 
ATOM   186  C CA  . HIS A 1 47  ? -9.282  -6.965  2.044   1.00 38.78 ? 45  HIS A CA  1 
ATOM   187  C C   . HIS A 1 47  ? -8.344  -5.846  1.616   1.00 38.69 ? 45  HIS A C   1 
ATOM   188  O O   . HIS A 1 47  ? -8.800  -4.746  1.250   1.00 38.70 ? 45  HIS A O   1 
ATOM   189  C CB  . HIS A 1 47  ? -9.608  -7.790  0.794   1.00 39.11 ? 45  HIS A CB  1 
ATOM   190  C CG  . HIS A 1 47  ? -10.203 -9.132  1.074   1.00 40.95 ? 45  HIS A CG  1 
ATOM   191  N ND1 . HIS A 1 47  ? -11.351 -9.298  1.821   1.00 43.52 ? 45  HIS A ND1 1 
ATOM   192  C CD2 . HIS A 1 47  ? -9.800  -10.379 0.712   1.00 44.87 ? 45  HIS A CD2 1 
ATOM   193  C CE1 . HIS A 1 47  ? -11.633 -10.590 1.895   1.00 46.64 ? 45  HIS A CE1 1 
ATOM   194  N NE2 . HIS A 1 47  ? -10.713 -11.268 1.227   1.00 46.11 ? 45  HIS A NE2 1 
ATOM   195  N N   . ILE A 1 48  ? -7.039  -6.156  1.565   1.00 36.89 ? 46  ILE A N   1 
ATOM   196  C CA  . ILE A 1 48  ? -6.016  -5.223  1.124   1.00 35.79 ? 46  ILE A CA  1 
ATOM   197  C C   . ILE A 1 48  ? -5.131  -5.794  0.008   1.00 35.95 ? 46  ILE A C   1 
ATOM   198  O O   . ILE A 1 48  ? -4.770  -6.984  0.041   1.00 34.40 ? 46  ILE A O   1 
ATOM   199  C CB  . ILE A 1 48  ? -5.189  -4.735  2.328   1.00 35.63 ? 46  ILE A CB  1 
ATOM   200  C CG1 . ILE A 1 48  ? -4.141  -3.754  1.884   1.00 34.34 ? 46  ILE A CG1 1 
ATOM   201  C CG2 . ILE A 1 48  ? -4.529  -5.923  3.112   1.00 37.34 ? 46  ILE A CG2 1 
ATOM   202  C CD1 . ILE A 1 48  ? -3.438  -3.020  3.008   1.00 32.83 ? 46  ILE A CD1 1 
ATOM   203  N N   . LEU A 1 49  ? -4.818  -4.960  -0.999  1.00 34.39 ? 47  LEU A N   1 
ATOM   204  C CA  . LEU A 1 49  ? -3.847  -5.309  -2.030  1.00 34.98 ? 47  LEU A CA  1 
ATOM   205  C C   . LEU A 1 49  ? -2.401  -5.022  -1.594  1.00 36.13 ? 47  LEU A C   1 
ATOM   206  O O   . LEU A 1 49  ? -2.029  -3.893  -1.242  1.00 36.43 ? 47  LEU A O   1 
ATOM   207  C CB  . LEU A 1 49  ? -4.088  -4.566  -3.334  1.00 33.67 ? 47  LEU A CB  1 
ATOM   208  C CG  . LEU A 1 49  ? -3.395  -5.195  -4.542  1.00 36.98 ? 47  LEU A CG  1 
ATOM   209  C CD1 . LEU A 1 49  ? -4.142  -6.448  -5.064  1.00 37.96 ? 47  LEU A CD1 1 
ATOM   210  C CD2 . LEU A 1 49  ? -3.219  -4.189  -5.738  1.00 39.03 ? 47  LEU A CD2 1 
ATOM   211  N N   . LEU A 1 50  ? -1.556  -6.037  -1.684  1.00 36.80 ? 48  LEU A N   1 
ATOM   212  C CA  . LEU A 1 50  ? -0.153  -5.882  -1.322  1.00 36.85 ? 48  LEU A CA  1 
ATOM   213  C C   . LEU A 1 50  ? 0.733   -6.519  -2.363  1.00 37.30 ? 48  LEU A C   1 
ATOM   214  O O   . LEU A 1 50  ? 0.301   -7.418  -3.080  1.00 37.58 ? 48  LEU A O   1 
ATOM   215  C CB  . LEU A 1 50  ? 0.114   -6.496  0.022   1.00 36.20 ? 48  LEU A CB  1 
ATOM   216  C CG  . LEU A 1 50  ? -0.597  -5.939  1.227   1.00 36.98 ? 48  LEU A CG  1 
ATOM   217  C CD1 . LEU A 1 50  ? -0.345  -6.912  2.470   1.00 33.52 ? 48  LEU A CD1 1 
ATOM   218  C CD2 . LEU A 1 50  ? -0.163  -4.526  1.518   1.00 34.05 ? 48  LEU A CD2 1 
ATOM   219  N N   . ILE A 1 51  ? 1.969   -6.019  -2.422  1.00 37.15 ? 49  ILE A N   1 
ATOM   220  C CA  . ILE A 1 51  ? 2.908   -6.360  -3.455  1.00 37.73 ? 49  ILE A CA  1 
ATOM   221  C C   . ILE A 1 51  ? 4.230   -6.847  -2.806  1.00 38.18 ? 49  ILE A C   1 
ATOM   222  O O   . ILE A 1 51  ? 4.894   -6.144  -2.016  1.00 36.99 ? 49  ILE A O   1 
ATOM   223  C CB  . ILE A 1 51  ? 3.175   -5.153  -4.354  1.00 36.80 ? 49  ILE A CB  1 
ATOM   224  C CG1 . ILE A 1 51  ? 1.848   -4.598  -4.946  1.00 38.90 ? 49  ILE A CG1 1 
ATOM   225  C CG2 . ILE A 1 51  ? 4.180   -5.508  -5.467  1.00 36.50 ? 49  ILE A CG2 1 
ATOM   226  C CD1 . ILE A 1 51  ? 2.057   -3.409  -5.876  1.00 38.45 ? 49  ILE A CD1 1 
ATOM   227  N N   . LYS A 1 52  ? 4.619   -8.069  -3.134  1.00 39.25 ? 50  LYS A N   1 
ATOM   228  C CA  . LYS A 1 52  ? 5.840   -8.631  -2.496  1.00 39.62 ? 50  LYS A CA  1 
ATOM   229  C C   . LYS A 1 52  ? 7.050   -8.008  -3.156  1.00 38.58 ? 50  LYS A C   1 
ATOM   230  O O   . LYS A 1 52  ? 7.141   -7.982  -4.374  1.00 38.63 ? 50  LYS A O   1 
ATOM   231  C CB  . LYS A 1 52  ? 5.852   -10.123 -2.656  1.00 40.49 ? 50  LYS A CB  1 
ATOM   232  C CG  . LYS A 1 52  ? 6.961   -10.887 -1.926  1.00 43.34 ? 50  LYS A CG  1 
ATOM   233  C CD  . LYS A 1 52  ? 6.919   -12.339 -2.383  1.00 49.60 ? 50  LYS A CD  1 
ATOM   234  C CE  . LYS A 1 52  ? 6.735   -13.306 -1.229  1.00 55.23 ? 50  LYS A CE  1 
ATOM   235  N NZ  . LYS A 1 52  ? 6.313   -14.641 -1.745  1.00 57.26 ? 50  LYS A NZ  1 
ATOM   236  N N   . ARG A 1 53  ? 7.961   -7.467  -2.360  1.00 38.99 ? 51  ARG A N   1 
ATOM   237  C CA  . ARG A 1 53  ? 9.221   -6.961  -2.919  1.00 39.87 ? 51  ARG A CA  1 
ATOM   238  C C   . ARG A 1 53  ? 10.070  -8.098  -3.497  1.00 40.33 ? 51  ARG A C   1 
ATOM   239  O O   . ARG A 1 53  ? 10.179  -9.164  -2.905  1.00 40.03 ? 51  ARG A O   1 
ATOM   240  C CB  . ARG A 1 53  ? 10.019  -6.207  -1.879  1.00 40.09 ? 51  ARG A CB  1 
ATOM   241  C CG  . ARG A 1 53  ? 9.357   -4.857  -1.479  1.00 38.94 ? 51  ARG A CG  1 
ATOM   242  C CD  . ARG A 1 53  ? 10.194  -4.136  -0.462  1.00 39.65 ? 51  ARG A CD  1 
ATOM   243  N NE  . ARG A 1 53  ? 11.541  -3.829  -0.962  1.00 40.16 ? 51  ARG A NE  1 
ATOM   244  C CZ  . ARG A 1 53  ? 11.846  -2.833  -1.791  1.00 41.90 ? 51  ARG A CZ  1 
ATOM   245  N NH1 . ARG A 1 53  ? 10.920  -1.988  -2.233  1.00 41.52 ? 51  ARG A NH1 1 
ATOM   246  N NH2 . ARG A 1 53  ? 13.092  -2.673  -2.178  1.00 43.29 ? 51  ARG A NH2 1 
ATOM   247  N N   . SER A 1 54  ? 10.609  -7.853  -4.673  1.00 40.76 ? 52  SER A N   1 
ATOM   248  C CA  . SER A 1 54  ? 11.574  -8.743  -5.300  1.00 42.40 ? 52  SER A CA  1 
ATOM   249  C C   . SER A 1 54  ? 12.701  -9.164  -4.342  1.00 40.73 ? 52  SER A C   1 
ATOM   250  O O   . SER A 1 54  ? 13.126  -8.393  -3.480  1.00 39.66 ? 52  SER A O   1 
ATOM   251  C CB  . SER A 1 54  ? 12.177  -8.068  -6.557  1.00 43.08 ? 52  SER A CB  1 
ATOM   252  O OG  . SER A 1 54  ? 13.131  -8.923  -7.186  1.00 46.62 ? 52  SER A OG  1 
ATOM   253  N N   . LEU A 1 55  ? 13.179  -10.393 -4.498  1.00 40.98 ? 53  LEU A N   1 
ATOM   254  C CA  . LEU A 1 55  ? 14.428  -10.843 -3.807  1.00 40.01 ? 53  LEU A CA  1 
ATOM   255  C C   . LEU A 1 55  ? 15.668  -10.041 -4.197  1.00 39.18 ? 53  LEU A C   1 
ATOM   256  O O   . LEU A 1 55  ? 16.563  -9.819  -3.375  1.00 37.79 ? 53  LEU A O   1 
ATOM   257  C CB  . LEU A 1 55  ? 14.673  -12.355 -4.025  1.00 41.26 ? 53  LEU A CB  1 
ATOM   258  C CG  . LEU A 1 55  ? 13.588  -13.301 -3.443  1.00 40.44 ? 53  LEU A CG  1 
ATOM   259  C CD1 . LEU A 1 55  ? 13.817  -14.753 -3.880  1.00 39.15 ? 53  LEU A CD1 1 
ATOM   260  C CD2 . LEU A 1 55  ? 13.493  -13.190 -1.941  1.00 41.22 ? 53  LEU A CD2 1 
ATOM   261  N N   . THR A 1 56  ? 15.706  -9.557  -5.426  1.00 39.34 ? 54  THR A N   1 
ATOM   262  C CA  . THR A 1 56  ? 16.839  -8.809  -5.896  1.00 41.33 ? 54  THR A CA  1 
ATOM   263  C C   . THR A 1 56  ? 16.541  -7.397  -6.361  1.00 42.66 ? 54  THR A C   1 
ATOM   264  O O   . THR A 1 56  ? 15.445  -7.095  -6.827  1.00 43.27 ? 54  THR A O   1 
ATOM   265  C CB  . THR A 1 56  ? 17.466  -9.506  -7.080  1.00 41.60 ? 54  THR A CB  1 
ATOM   266  O OG1 . THR A 1 56  ? 16.417  -9.901  -7.976  1.00 41.42 ? 54  THR A OG1 1 
ATOM   267  C CG2 . THR A 1 56  ? 18.211  -10.739 -6.605  1.00 43.72 ? 54  THR A CG2 1 
ATOM   268  N N   . ASN A 1 57  ? 17.569  -6.565  -6.270  1.00 44.37 ? 55  ASN A N   1 
ATOM   269  C CA  . ASN A 1 57  ? 17.569  -5.213  -6.848  1.00 46.10 ? 55  ASN A CA  1 
ATOM   270  C C   . ASN A 1 57  ? 17.873  -5.300  -8.332  1.00 46.74 ? 55  ASN A C   1 
ATOM   271  O O   . ASN A 1 57  ? 17.899  -6.391  -8.879  1.00 48.23 ? 55  ASN A O   1 
ATOM   272  C CB  . ASN A 1 57  ? 18.556  -4.309  -6.106  1.00 45.58 ? 55  ASN A CB  1 
ATOM   273  C CG  . ASN A 1 57  ? 20.056  -4.818  -6.178  1.00 48.70 ? 55  ASN A CG  1 
ATOM   274  O OD1 . ASN A 1 57  ? 20.506  -5.492  -7.140  1.00 47.07 ? 55  ASN A OD1 1 
ATOM   275  N ND2 . ASN A 1 57  ? 20.814  -4.442  -5.163  1.00 46.50 ? 55  ASN A ND2 1 
ATOM   276  N N   . ALA A 1 58  ? 18.107  -4.173  -8.980  1.00 47.33 ? 56  ALA A N   1 
ATOM   277  C CA  . ALA A 1 58  ? 18.243  -4.118  -10.439 1.00 48.44 ? 56  ALA A CA  1 
ATOM   278  C C   . ALA A 1 58  ? 19.538  -4.774  -10.923 1.00 49.13 ? 56  ALA A C   1 
ATOM   279  O O   . ALA A 1 58  ? 19.630  -5.197  -12.076 1.00 50.18 ? 56  ALA A O   1 
ATOM   280  C CB  . ALA A 1 58  ? 18.214  -2.627  -10.913 1.00 48.18 ? 56  ALA A CB  1 
ATOM   281  N N   . GLU A 1 59  ? 20.525  -4.815  -10.027 1.00 49.97 ? 57  GLU A N   1 
ATOM   282  C CA  . GLU A 1 59  ? 21.856  -5.342  -10.290 1.00 51.36 ? 57  GLU A CA  1 
ATOM   283  C C   . GLU A 1 59  ? 21.900  -6.869  -10.046 1.00 50.70 ? 57  GLU A C   1 
ATOM   284  O O   . GLU A 1 59  ? 22.881  -7.544  -10.402 1.00 51.14 ? 57  GLU A O   1 
ATOM   285  C CB  . GLU A 1 59  ? 22.880  -4.617  -9.398  1.00 52.08 ? 57  GLU A CB  1 
ATOM   286  C CG  . GLU A 1 59  ? 22.985  -3.055  -9.618  1.00 57.33 ? 57  GLU A CG  1 
ATOM   287  C CD  . GLU A 1 59  ? 21.707  -2.219  -9.257  1.00 64.14 ? 57  GLU A CD  1 
ATOM   288  O OE1 . GLU A 1 59  ? 21.257  -2.221  -8.079  1.00 68.03 ? 57  GLU A OE1 1 
ATOM   289  O OE2 . GLU A 1 59  ? 21.160  -1.520  -10.165 1.00 70.26 ? 57  GLU A OE2 1 
ATOM   290  N N   . GLY A 1 60  ? 20.842  -7.406  -9.436  1.00 49.72 ? 58  GLY A N   1 
ATOM   291  C CA  . GLY A 1 60  ? 20.737  -8.847  -9.188  1.00 49.07 ? 58  GLY A CA  1 
ATOM   292  C C   . GLY A 1 60  ? 21.338  -9.274  -7.876  1.00 47.79 ? 58  GLY A C   1 
ATOM   293  O O   . GLY A 1 60  ? 21.580  -10.454 -7.651  1.00 47.70 ? 58  GLY A O   1 
ATOM   294  N N   . LYS A 1 61  ? 21.559  -8.322  -6.990  1.00 46.90 ? 59  LYS A N   1 
ATOM   295  C CA  . LYS A 1 61  ? 21.996  -8.624  -5.641  1.00 47.30 ? 59  LYS A CA  1 
ATOM   296  C C   . LYS A 1 61  ? 20.841  -8.486  -4.661  1.00 47.32 ? 59  LYS A C   1 
ATOM   297  O O   . LYS A 1 61  ? 19.778  -7.998  -5.041  1.00 47.54 ? 59  LYS A O   1 
ATOM   298  C CB  . LYS A 1 61  ? 23.107  -7.673  -5.282  1.00 47.93 ? 59  LYS A CB  1 
ATOM   299  C CG  . LYS A 1 61  ? 24.293  -7.795  -6.217  1.00 50.18 ? 59  LYS A CG  1 
ATOM   300  C CD  . LYS A 1 61  ? 25.588  -7.674  -5.454  1.00 53.45 ? 59  LYS A CD  1 
ATOM   301  C CE  . LYS A 1 61  ? 26.808  -7.683  -6.371  1.00 56.14 ? 59  LYS A CE  1 
ATOM   302  N NZ  . LYS A 1 61  ? 28.008  -7.270  -5.548  1.00 57.20 ? 59  LYS A NZ  1 
ATOM   303  N N   . PRO A 1 62  ? 21.029  -8.923  -3.401  1.00 47.14 ? 60  PRO A N   1 
ATOM   304  C CA  . PRO A 1 62  ? 19.907  -8.945  -2.492  1.00 47.31 ? 60  PRO A CA  1 
ATOM   305  C C   . PRO A 1 62  ? 19.214  -7.584  -2.310  1.00 47.10 ? 60  PRO A C   1 
ATOM   306  O O   . PRO A 1 62  ? 19.882  -6.581  -2.110  1.00 45.84 ? 60  PRO A O   1 
ATOM   307  C CB  . PRO A 1 62  ? 20.527  -9.442  -1.199  1.00 47.29 ? 60  PRO A CB  1 
ATOM   308  C CG  . PRO A 1 62  ? 21.577  -10.426 -1.677  1.00 47.73 ? 60  PRO A CG  1 
ATOM   309  C CD  . PRO A 1 62  ? 22.145  -9.749  -2.888  1.00 48.15 ? 60  PRO A CD  1 
ATOM   310  N N   . ASN A 1 63  ? 17.883  -7.587  -2.413  1.00 46.73 ? 61  ASN A N   1 
ATOM   311  C CA  . ASN A 1 63  ? 17.082  -6.338  -2.422  1.00 46.83 ? 61  ASN A CA  1 
ATOM   312  C C   . ASN A 1 63  ? 16.897  -5.880  -0.991  1.00 46.23 ? 61  ASN A C   1 
ATOM   313  O O   . ASN A 1 63  ? 16.640  -6.700  -0.119  1.00 46.74 ? 61  ASN A O   1 
ATOM   314  C CB  . ASN A 1 63  ? 15.701  -6.587  -3.096  1.00 46.20 ? 61  ASN A CB  1 
ATOM   315  C CG  . ASN A 1 63  ? 15.002  -5.270  -3.573  1.00 46.61 ? 61  ASN A CG  1 
ATOM   316  O OD1 . ASN A 1 63  ? 15.610  -4.224  -3.597  1.00 45.75 ? 61  ASN A OD1 1 
ATOM   317  N ND2 . ASN A 1 63  ? 13.717  -5.353  -3.917  1.00 41.50 ? 61  ASN A ND2 1 
ATOM   318  N N   . MET A 1 64  ? 16.970  -4.590  -0.725  1.00 46.72 ? 62  MET A N   1 
ATOM   319  C CA  . MET A 1 64  ? 16.470  -4.093  0.578   1.00 47.14 ? 62  MET A CA  1 
ATOM   320  C C   . MET A 1 64  ? 15.024  -4.541  0.771   1.00 45.27 ? 62  MET A C   1 
ATOM   321  O O   . MET A 1 64  ? 14.224  -4.548  -0.162  1.00 43.99 ? 62  MET A O   1 
ATOM   322  C CB  . MET A 1 64  ? 16.530  -2.582  0.748   1.00 48.85 ? 62  MET A CB  1 
ATOM   323  C CG  . MET A 1 64  ? 17.078  -2.168  2.178   1.00 54.71 ? 62  MET A CG  1 
ATOM   324  S SD  . MET A 1 64  ? 18.945  -2.043  2.101   1.00 65.24 ? 62  MET A SD  1 
ATOM   325  C CE  . MET A 1 64  ? 19.179  -1.164  0.534   1.00 64.28 ? 62  MET A CE  1 
ATOM   326  N N   . GLU A 1 65  ? 14.740  -4.948  1.989   1.00 43.69 ? 63  GLU A N   1 
ATOM   327  C CA  . GLU A 1 65  ? 13.473  -5.533  2.347   1.00 44.15 ? 63  GLU A CA  1 
ATOM   328  C C   . GLU A 1 65  ? 12.989  -6.593  1.352   1.00 42.44 ? 63  GLU A C   1 
ATOM   329  O O   . GLU A 1 65  ? 11.790  -6.744  1.172   1.00 42.27 ? 63  GLU A O   1 
ATOM   330  C CB  . GLU A 1 65  ? 12.445  -4.400  2.511   1.00 44.07 ? 63  GLU A CB  1 
ATOM   331  C CG  . GLU A 1 65  ? 12.802  -3.407  3.631   1.00 46.21 ? 63  GLU A CG  1 
ATOM   332  C CD  . GLU A 1 65  ? 12.694  -4.026  5.006   1.00 49.77 ? 63  GLU A CD  1 
ATOM   333  O OE1 . GLU A 1 65  ? 11.664  -3.887  5.687   1.00 51.64 ? 63  GLU A OE1 1 
ATOM   334  O OE2 . GLU A 1 65  ? 13.627  -4.713  5.413   1.00 53.82 ? 63  GLU A OE2 1 
ATOM   335  N N   . GLY A 1 66  ? 13.913  -7.315  0.705   1.00 40.66 ? 64  GLY A N   1 
ATOM   336  C CA  . GLY A 1 66  ? 13.542  -8.266  -0.326  1.00 39.10 ? 64  GLY A CA  1 
ATOM   337  C C   . GLY A 1 66  ? 12.614  -9.367  0.186   1.00 39.32 ? 64  GLY A C   1 
ATOM   338  O O   . GLY A 1 66  ? 12.715  -9.819  1.338   1.00 37.05 ? 64  GLY A O   1 
ATOM   339  N N   . GLY A 1 67  ? 11.698  -9.788  -0.666  1.00 39.08 ? 65  GLY A N   1 
ATOM   340  C CA  . GLY A 1 67  ? 10.730  -10.785 -0.278  1.00 40.67 ? 65  GLY A CA  1 
ATOM   341  C C   . GLY A 1 67  ? 9.637   -10.364 0.706   1.00 41.80 ? 65  GLY A C   1 
ATOM   342  O O   . GLY A 1 67  ? 8.818   -11.209 1.070   1.00 42.79 ? 65  GLY A O   1 
ATOM   343  N N   . LYS A 1 68  ? 9.611   -9.094  1.139   1.00 42.35 ? 66  LYS A N   1 
ATOM   344  C CA  . LYS A 1 68  ? 8.617   -8.632  2.119   1.00 42.65 ? 66  LYS A CA  1 
ATOM   345  C C   . LYS A 1 68  ? 7.467   -7.934  1.398   1.00 41.73 ? 66  LYS A C   1 
ATOM   346  O O   . LYS A 1 68  ? 7.656   -7.335  0.348   1.00 40.71 ? 66  LYS A O   1 
ATOM   347  C CB  . LYS A 1 68  ? 9.241   -7.692  3.145   1.00 43.12 ? 66  LYS A CB  1 
ATOM   348  C CG  . LYS A 1 68  ? 10.270  -8.392  4.066   1.00 46.12 ? 66  LYS A CG  1 
ATOM   349  C CD  . LYS A 1 68  ? 10.907  -7.374  5.008   1.00 48.45 ? 66  LYS A CD  1 
ATOM   350  C CE  . LYS A 1 68  ? 11.828  -7.986  6.057   1.00 50.04 ? 66  LYS A CE  1 
ATOM   351  N NZ  . LYS A 1 68  ? 12.224  -6.959  7.099   1.00 51.49 ? 66  LYS A NZ  1 
ATOM   352  N N   . TRP A 1 69  ? 6.270   -8.073  1.947   1.00 40.68 ? 67  TRP A N   1 
ATOM   353  C CA  . TRP A 1 69  ? 5.065   -7.454  1.361   1.00 39.33 ? 67  TRP A CA  1 
ATOM   354  C C   . TRP A 1 69  ? 4.992   -5.955  1.662   1.00 37.85 ? 67  TRP A C   1 
ATOM   355  O O   . TRP A 1 69  ? 5.263   -5.513  2.774   1.00 37.79 ? 67  TRP A O   1 
ATOM   356  C CB  . TRP A 1 69  ? 3.826   -8.188  1.896   1.00 39.84 ? 67  TRP A CB  1 
ATOM   357  C CG  . TRP A 1 69  ? 3.726   -9.590  1.418   1.00 41.35 ? 67  TRP A CG  1 
ATOM   358  C CD1 . TRP A 1 69  ? 4.192   -10.723 2.056   1.00 44.66 ? 67  TRP A CD1 1 
ATOM   359  C CD2 . TRP A 1 69  ? 3.124   -10.040 0.201   1.00 40.49 ? 67  TRP A CD2 1 
ATOM   360  N NE1 . TRP A 1 69  ? 3.913   -11.837 1.297   1.00 44.30 ? 67  TRP A NE1 1 
ATOM   361  C CE2 . TRP A 1 69  ? 3.284   -11.454 0.150   1.00 41.91 ? 67  TRP A CE2 1 
ATOM   362  C CE3 . TRP A 1 69  ? 2.501   -9.390  -0.870  1.00 39.57 ? 67  TRP A CE3 1 
ATOM   363  C CZ2 . TRP A 1 69  ? 2.836   -12.223 -0.920  1.00 40.67 ? 67  TRP A CZ2 1 
ATOM   364  C CZ3 . TRP A 1 69  ? 2.038   -10.162 -1.940  1.00 39.59 ? 67  TRP A CZ3 1 
ATOM   365  C CH2 . TRP A 1 69  ? 2.197   -11.574 -1.938  1.00 41.69 ? 67  TRP A CH2 1 
ATOM   366  N N   . ALA A 1 70  ? 4.628   -5.167  0.664   1.00 36.77 ? 68  ALA A N   1 
ATOM   367  C CA  . ALA A 1 70  ? 4.538   -3.729  0.800   1.00 35.91 ? 68  ALA A CA  1 
ATOM   368  C C   . ALA A 1 70  ? 3.219   -3.249  0.190   1.00 35.92 ? 68  ALA A C   1 
ATOM   369  O O   . ALA A 1 70  ? 2.726   -3.858  -0.769  1.00 35.01 ? 68  ALA A O   1 
ATOM   370  C CB  . ALA A 1 70  ? 5.691   -3.041  0.056   1.00 35.50 ? 68  ALA A CB  1 
ATOM   371  N N   . VAL A 1 71  ? 2.702   -2.132  0.709   1.00 34.76 ? 69  VAL A N   1 
ATOM   372  C CA  . VAL A 1 71  ? 1.583   -1.474  0.043   1.00 35.42 ? 69  VAL A CA  1 
ATOM   373  C C   . VAL A 1 71  ? 2.056   -0.913  -1.281  1.00 34.73 ? 69  VAL A C   1 
ATOM   374  O O   . VAL A 1 71  ? 3.209   -0.567  -1.432  1.00 35.68 ? 69  VAL A O   1 
ATOM   375  C CB  . VAL A 1 71  ? 0.911   -0.383  0.916   1.00 35.30 ? 69  VAL A CB  1 
ATOM   376  C CG1 . VAL A 1 71  ? 0.433   -1.028  2.180   1.00 33.93 ? 69  VAL A CG1 1 
ATOM   377  C CG2 . VAL A 1 71  ? 1.856   0.840   1.185   1.00 33.05 ? 69  VAL A CG2 1 
ATOM   378  N N   . PRO A 1 72  ? 1.168   -0.820  -2.246  1.00 34.41 ? 70  PRO A N   1 
ATOM   379  C CA  . PRO A 1 72  ? 1.507   -0.023  -3.417  1.00 34.62 ? 70  PRO A CA  1 
ATOM   380  C C   . PRO A 1 72  ? 1.876   1.431   -3.074  1.00 36.20 ? 70  PRO A C   1 
ATOM   381  O O   . PRO A 1 72  ? 1.369   2.000   -2.092  1.00 32.95 ? 70  PRO A O   1 
ATOM   382  C CB  . PRO A 1 72  ? 0.215   -0.021  -4.207  1.00 35.19 ? 70  PRO A CB  1 
ATOM   383  C CG  . PRO A 1 72  ? -0.577  -1.223  -3.625  1.00 34.41 ? 70  PRO A CG  1 
ATOM   384  C CD  . PRO A 1 72  ? -0.221  -1.259  -2.246  1.00 34.57 ? 70  PRO A CD  1 
ATOM   385  N N   . GLY A 1 73  ? 2.769   1.998   -3.888  1.00 37.38 ? 71  GLY A N   1 
ATOM   386  C CA  . GLY A 1 73  ? 3.147   3.401   -3.773  1.00 38.81 ? 71  GLY A CA  1 
ATOM   387  C C   . GLY A 1 73  ? 4.374   3.708   -4.595  1.00 39.88 ? 71  GLY A C   1 
ATOM   388  O O   . GLY A 1 73  ? 4.851   2.869   -5.354  1.00 39.95 ? 71  GLY A O   1 
ATOM   389  N N   . GLY A 1 74  ? 4.899   4.913   -4.437  1.00 42.20 ? 72  GLY A N   1 
ATOM   390  C CA  . GLY A 1 74  ? 6.097   5.330   -5.169  1.00 42.42 ? 72  GLY A CA  1 
ATOM   391  C C   . GLY A 1 74  ? 6.607   6.661   -4.670  1.00 44.35 ? 72  GLY A C   1 
ATOM   392  O O   . GLY A 1 74  ? 5.962   7.314   -3.809  1.00 42.52 ? 72  GLY A O   1 
ATOM   393  N N   . PHE A 1 75  ? 7.767   7.071   -5.211  1.00 45.67 ? 73  PHE A N   1 
ATOM   394  C CA  . PHE A 1 75  ? 8.346   8.395   -4.926  1.00 47.14 ? 73  PHE A CA  1 
ATOM   395  C C   . PHE A 1 75  ? 7.551   9.528   -5.553  1.00 47.11 ? 73  PHE A C   1 
ATOM   396  O O   . PHE A 1 75  ? 7.056   9.369   -6.651  1.00 48.20 ? 73  PHE A O   1 
ATOM   397  C CB  . PHE A 1 75  ? 9.823   8.417   -5.338  1.00 48.27 ? 73  PHE A CB  1 
ATOM   398  C CG  . PHE A 1 75  ? 10.668  7.557   -4.454  1.00 49.20 ? 73  PHE A CG  1 
ATOM   399  C CD1 . PHE A 1 75  ? 11.107  8.031   -3.234  1.00 50.38 ? 73  PHE A CD1 1 
ATOM   400  C CD2 . PHE A 1 75  ? 10.944  6.246   -4.798  1.00 52.55 ? 73  PHE A CD2 1 
ATOM   401  C CE1 . PHE A 1 75  ? 11.863  7.235   -2.381  1.00 51.50 ? 73  PHE A CE1 1 
ATOM   402  C CE2 . PHE A 1 75  ? 11.694  5.436   -3.945  1.00 52.02 ? 73  PHE A CE2 1 
ATOM   403  C CZ  . PHE A 1 75  ? 12.165  5.939   -2.751  1.00 52.99 ? 73  PHE A CZ  1 
ATOM   404  N N   . VAL A 1 76  ? 7.347   10.622  -4.799  1.00 46.54 ? 74  VAL A N   1 
ATOM   405  C CA  . VAL A 1 76  ? 6.723   11.824  -5.293  1.00 45.87 ? 74  VAL A CA  1 
ATOM   406  C C   . VAL A 1 76  ? 7.809   12.633  -6.046  1.00 48.38 ? 74  VAL A C   1 
ATOM   407  O O   . VAL A 1 76  ? 8.955   12.684  -5.627  1.00 46.94 ? 74  VAL A O   1 
ATOM   408  C CB  . VAL A 1 76  ? 6.106   12.710  -4.153  1.00 46.09 ? 74  VAL A CB  1 
ATOM   409  C CG1 . VAL A 1 76  ? 5.527   14.048  -4.720  1.00 41.66 ? 74  VAL A CG1 1 
ATOM   410  C CG2 . VAL A 1 76  ? 5.002   11.942  -3.350  1.00 41.18 ? 74  VAL A CG2 1 
ATOM   411  N N   . ASP A 1 77  ? 7.416   13.204  -7.180  1.00 51.95 ? 75  ASP A N   1 
ATOM   412  C CA  . ASP A 1 77  ? 8.302   14.007  -8.050  1.00 55.20 ? 75  ASP A CA  1 
ATOM   413  C C   . ASP A 1 77  ? 8.272   15.461  -7.592  1.00 56.45 ? 75  ASP A C   1 
ATOM   414  O O   . ASP A 1 77  ? 7.216   15.986  -7.163  1.00 54.98 ? 75  ASP A O   1 
ATOM   415  C CB  . ASP A 1 77  ? 7.783   13.965  -9.506  1.00 56.76 ? 75  ASP A CB  1 
ATOM   416  C CG  . ASP A 1 77  ? 8.770   14.569  -10.509 1.00 59.83 ? 75  ASP A CG  1 
ATOM   417  O OD1 . ASP A 1 77  ? 9.748   13.856  -10.843 1.00 63.70 ? 75  ASP A OD1 1 
ATOM   418  O OD2 . ASP A 1 77  ? 8.551   15.722  -10.965 1.00 62.30 ? 75  ASP A OD2 1 
ATOM   419  N N   . GLU A 1 78  ? 9.425   16.114  -7.715  1.00 58.13 ? 76  GLU A N   1 
ATOM   420  C CA  . GLU A 1 78  ? 9.563   17.526  -7.382  1.00 59.12 ? 76  GLU A CA  1 
ATOM   421  C C   . GLU A 1 78  ? 8.404   18.356  -7.867  1.00 58.33 ? 76  GLU A C   1 
ATOM   422  O O   . GLU A 1 78  ? 7.984   19.271  -7.169  1.00 58.45 ? 76  GLU A O   1 
ATOM   423  C CB  . GLU A 1 78  ? 10.878  18.105  -7.934  1.00 60.46 ? 76  GLU A CB  1 
ATOM   424  C CG  . GLU A 1 78  ? 11.068  17.924  -9.442  1.00 64.36 ? 76  GLU A CG  1 
ATOM   425  C CD  . GLU A 1 78  ? 12.225  18.735  -10.004 1.00 69.57 ? 76  GLU A CD  1 
ATOM   426  O OE1 . GLU A 1 78  ? 12.970  18.147  -10.845 1.00 71.58 ? 76  GLU A OE1 1 
ATOM   427  O OE2 . GLU A 1 78  ? 12.369  19.944  -9.622  1.00 71.68 ? 76  GLU A OE2 1 
ATOM   428  N N   . ASN A 1 79  ? 7.849   18.030  -9.029  1.00 58.12 ? 77  ASN A N   1 
ATOM   429  C CA  . ASN A 1 79  ? 6.771   18.858  -9.585  1.00 58.18 ? 77  ASN A CA  1 
ATOM   430  C C   . ASN A 1 79  ? 5.338   18.341  -9.380  1.00 57.00 ? 77  ASN A C   1 
ATOM   431  O O   . ASN A 1 79  ? 4.414   18.722  -10.104 1.00 57.17 ? 77  ASN A O   1 
ATOM   432  C CB  . ASN A 1 79  ? 7.097   19.198  -11.056 1.00 59.20 ? 77  ASN A CB  1 
ATOM   433  C CG  . ASN A 1 79  ? 8.351   20.103  -11.180 1.00 62.65 ? 77  ASN A CG  1 
ATOM   434  O OD1 . ASN A 1 79  ? 9.435   19.639  -11.586 1.00 67.47 ? 77  ASN A OD1 1 
ATOM   435  N ND2 . ASN A 1 79  ? 8.212   21.389  -10.789 1.00 64.41 ? 77  ASN A ND2 1 
ATOM   436  N N   . GLU A 1 80  ? 5.128   17.530  -8.339  1.00 55.47 ? 78  GLU A N   1 
ATOM   437  C CA  . GLU A 1 80  ? 3.766   17.143  -7.925  1.00 53.81 ? 78  GLU A CA  1 
ATOM   438  C C   . GLU A 1 80  ? 3.552   17.039  -6.384  1.00 51.30 ? 78  GLU A C   1 
ATOM   439  O O   . GLU A 1 80  ? 4.501   17.032  -5.591  1.00 50.30 ? 78  GLU A O   1 
ATOM   440  C CB  . GLU A 1 80  ? 3.391   15.813  -8.594  1.00 54.30 ? 78  GLU A CB  1 
ATOM   441  C CG  . GLU A 1 80  ? 4.217   14.646  -8.092  1.00 55.83 ? 78  GLU A CG  1 
ATOM   442  C CD  . GLU A 1 80  ? 4.060   13.369  -8.936  1.00 55.11 ? 78  GLU A CD  1 
ATOM   443  O OE1 . GLU A 1 80  ? 3.292   13.353  -9.928  1.00 55.07 ? 78  GLU A OE1 1 
ATOM   444  O OE2 . GLU A 1 80  ? 4.749   12.399  -8.601  1.00 51.78 ? 78  GLU A OE2 1 
ATOM   445  N N   . SER A 1 81  ? 2.287   16.996  -5.993  1.00 49.02 ? 79  SER A N   1 
ATOM   446  C CA  . SER A 1 81  ? 1.912   16.740  -4.613  1.00 48.21 ? 79  SER A CA  1 
ATOM   447  C C   . SER A 1 81  ? 1.846   15.232  -4.403  1.00 47.09 ? 79  SER A C   1 
ATOM   448  O O   . SER A 1 81  ? 1.776   14.452  -5.382  1.00 45.31 ? 79  SER A O   1 
ATOM   449  C CB  . SER A 1 81  ? 0.557   17.360  -4.328  1.00 48.23 ? 79  SER A CB  1 
ATOM   450  O OG  . SER A 1 81  ? -0.434  16.673  -5.060  1.00 48.42 ? 79  SER A OG  1 
ATOM   451  N N   . ALA A 1 82  ? 1.892   14.815  -3.135  1.00 46.13 ? 80  ALA A N   1 
ATOM   452  C CA  . ALA A 1 82  ? 1.806   13.403  -2.799  1.00 45.30 ? 80  ALA A CA  1 
ATOM   453  C C   . ALA A 1 82  ? 0.465   12.819  -3.298  1.00 45.28 ? 80  ALA A C   1 
ATOM   454  O O   . ALA A 1 82  ? 0.417   11.672  -3.716  1.00 44.20 ? 80  ALA A O   1 
ATOM   455  C CB  . ALA A 1 82  ? 1.995   13.169  -1.297  1.00 44.33 ? 80  ALA A CB  1 
ATOM   456  N N   . GLU A 1 83  ? -0.583  13.624  -3.241  1.00 46.86 ? 81  GLU A N   1 
ATOM   457  C CA  . GLU A 1 83  ? -1.901  13.323  -3.799  1.00 49.29 ? 81  GLU A CA  1 
ATOM   458  C C   . GLU A 1 83  ? -1.868  13.037  -5.289  1.00 50.21 ? 81  GLU A C   1 
ATOM   459  O O   . GLU A 1 83  ? -2.471  12.065  -5.751  1.00 50.16 ? 81  GLU A O   1 
ATOM   460  C CB  . GLU A 1 83  ? -2.839  14.489  -3.560  1.00 50.58 ? 81  GLU A CB  1 
ATOM   461  C CG  . GLU A 1 83  ? -4.268  14.244  -4.069  1.00 56.11 ? 81  GLU A CG  1 
ATOM   462  C CD  . GLU A 1 83  ? -5.326  15.128  -3.387  1.00 62.47 ? 81  GLU A CD  1 
ATOM   463  O OE1 . GLU A 1 83  ? -6.048  14.607  -2.502  1.00 67.24 ? 81  GLU A OE1 1 
ATOM   464  O OE2 . GLU A 1 83  ? -5.444  16.331  -3.743  1.00 67.31 ? 81  GLU A OE2 1 
ATOM   465  N N   . GLN A 1 84  ? -1.149  13.872  -6.041  1.00 51.45 ? 82  GLN A N   1 
ATOM   466  C CA  . GLN A 1 84  ? -1.029  13.660  -7.468  1.00 52.11 ? 82  GLN A CA  1 
ATOM   467  C C   . GLN A 1 84  ? -0.303  12.366  -7.718  1.00 51.74 ? 82  GLN A C   1 
ATOM   468  O O   . GLN A 1 84  ? -0.737  11.574  -8.535  1.00 52.11 ? 82  GLN A O   1 
ATOM   469  C CB  . GLN A 1 84  ? -0.364  14.859  -8.173  1.00 52.61 ? 82  GLN A CB  1 
ATOM   470  C CG  . GLN A 1 84  ? -1.375  15.944  -8.551  1.00 54.28 ? 82  GLN A CG  1 
ATOM   471  C CD  . GLN A 1 84  ? -0.836  17.387  -8.503  1.00 57.38 ? 82  GLN A CD  1 
ATOM   472  O OE1 . GLN A 1 84  ? 0.377   17.632  -8.448  1.00 57.75 ? 82  GLN A OE1 1 
ATOM   473  N NE2 . GLN A 1 84  ? -1.766  18.350  -8.512  1.00 58.49 ? 82  GLN A NE2 1 
ATOM   474  N N   . ALA A 1 85  ? 0.773   12.120  -6.978  1.00 51.54 ? 83  ALA A N   1 
ATOM   475  C CA  . ALA A 1 85  ? 1.498   10.874  -7.104  1.00 51.45 ? 83  ALA A CA  1 
ATOM   476  C C   . ALA A 1 85  ? 0.655   9.620   -6.736  1.00 52.20 ? 83  ALA A C   1 
ATOM   477  O O   . ALA A 1 85  ? 0.807   8.563   -7.368  1.00 52.21 ? 83  ALA A O   1 
ATOM   478  C CB  . ALA A 1 85  ? 2.759   10.915  -6.288  1.00 50.42 ? 83  ALA A CB  1 
ATOM   479  N N   . ALA A 1 86  ? -0.196  9.732   -5.719  1.00 52.32 ? 84  ALA A N   1 
ATOM   480  C CA  . ALA A 1 86  ? -1.090  8.638   -5.347  1.00 53.10 ? 84  ALA A CA  1 
ATOM   481  C C   . ALA A 1 86  ? -2.160  8.400   -6.419  1.00 54.00 ? 84  ALA A C   1 
ATOM   482  O O   . ALA A 1 86  ? -2.500  7.263   -6.686  1.00 52.90 ? 84  ALA A O   1 
ATOM   483  C CB  . ALA A 1 86  ? -1.764  8.902   -3.978  1.00 52.38 ? 84  ALA A CB  1 
ATOM   484  N N   . GLU A 1 87  ? -2.699  9.472   -7.001  1.00 55.46 ? 85  GLU A N   1 
ATOM   485  C CA  . GLU A 1 87  ? -3.705  9.340   -8.060  1.00 57.39 ? 85  GLU A CA  1 
ATOM   486  C C   . GLU A 1 87  ? -3.134  8.630   -9.266  1.00 57.93 ? 85  GLU A C   1 
ATOM   487  O O   . GLU A 1 87  ? -3.802  7.761   -9.836  1.00 57.58 ? 85  GLU A O   1 
ATOM   488  C CB  . GLU A 1 87  ? -4.297  10.694  -8.470  1.00 57.85 ? 85  GLU A CB  1 
ATOM   489  C CG  . GLU A 1 87  ? -5.683  10.920  -7.923  1.00 60.71 ? 85  GLU A CG  1 
ATOM   490  C CD  . GLU A 1 87  ? -5.952  12.350  -7.507  1.00 64.96 ? 85  GLU A CD  1 
ATOM   491  O OE1 . GLU A 1 87  ? -6.712  12.508  -6.524  1.00 67.49 ? 85  GLU A OE1 1 
ATOM   492  O OE2 . GLU A 1 87  ? -5.419  13.306  -8.144  1.00 69.48 ? 85  GLU A OE2 1 
ATOM   493  N N   . ARG A 1 88  ? -1.904  8.994   -9.625  1.00 59.09 ? 86  ARG A N   1 
ATOM   494  C CA  . ARG A 1 88  ? -1.166  8.314   -10.691 1.00 60.28 ? 86  ARG A CA  1 
ATOM   495  C C   . ARG A 1 88  ? -0.912  6.855   -10.342 1.00 61.01 ? 86  ARG A C   1 
ATOM   496  O O   . ARG A 1 88  ? -1.189  5.980   -11.175 1.00 60.77 ? 86  ARG A O   1 
ATOM   497  C CB  . ARG A 1 88  ? 0.197   8.987   -11.036 1.00 60.24 ? 86  ARG A CB  1 
ATOM   498  C CG  . ARG A 1 88  ? 1.026   8.118   -12.026 1.00 61.60 ? 86  ARG A CG  1 
ATOM   499  C CD  . ARG A 1 88  ? 2.428   8.596   -12.361 1.00 65.04 ? 86  ARG A CD  1 
ATOM   500  N NE  . ARG A 1 88  ? 3.325   8.574   -11.202 1.00 67.20 ? 86  ARG A NE  1 
ATOM   501  C CZ  . ARG A 1 88  ? 3.670   9.646   -10.499 1.00 65.84 ? 86  ARG A CZ  1 
ATOM   502  N NH1 . ARG A 1 88  ? 3.203   10.831  -10.833 1.00 66.41 ? 86  ARG A NH1 1 
ATOM   503  N NH2 . ARG A 1 88  ? 4.473   9.523   -9.453  1.00 66.08 ? 86  ARG A NH2 1 
ATOM   504  N N   . GLU A 1 89  ? -0.349  6.596   -9.150  1.00 61.65 ? 87  GLU A N   1 
ATOM   505  C CA  . GLU A 1 89  ? 0.018   5.218   -8.770  1.00 62.66 ? 87  GLU A CA  1 
ATOM   506  C C   . GLU A 1 89  ? -1.218  4.320   -8.659  1.00 62.56 ? 87  GLU A C   1 
ATOM   507  O O   . GLU A 1 89  ? -1.139  3.146   -8.949  1.00 62.83 ? 87  GLU A O   1 
ATOM   508  C CB  . GLU A 1 89  ? 0.893   5.135   -7.497  1.00 62.83 ? 87  GLU A CB  1 
ATOM   509  C CG  . GLU A 1 89  ? 2.371   5.596   -7.696  1.00 64.79 ? 87  GLU A CG  1 
ATOM   510  C CD  . GLU A 1 89  ? 3.307   4.519   -8.301  1.00 68.36 ? 87  GLU A CD  1 
ATOM   511  O OE1 . GLU A 1 89  ? 2.818   3.520   -8.898  1.00 71.38 ? 87  GLU A OE1 1 
ATOM   512  O OE2 . GLU A 1 89  ? 4.552   4.663   -8.167  1.00 70.17 ? 87  GLU A OE2 1 
ATOM   513  N N   . LEU A 1 90  ? -2.363  4.875   -8.295  1.00 62.92 ? 88  LEU A N   1 
ATOM   514  C CA  . LEU A 1 90  ? -3.592  4.109   -8.328  1.00 63.57 ? 88  LEU A CA  1 
ATOM   515  C C   . LEU A 1 90  ? -3.857  3.603   -9.761  1.00 65.28 ? 88  LEU A C   1 
ATOM   516  O O   . LEU A 1 90  ? -4.063  2.404   -9.966  1.00 64.65 ? 88  LEU A O   1 
ATOM   517  C CB  . LEU A 1 90  ? -4.762  4.944   -7.818  1.00 62.85 ? 88  LEU A CB  1 
ATOM   518  C CG  . LEU A 1 90  ? -6.128  4.275   -7.765  1.00 61.29 ? 88  LEU A CG  1 
ATOM   519  C CD1 . LEU A 1 90  ? -6.030  2.898   -7.073  1.00 60.37 ? 88  LEU A CD1 1 
ATOM   520  C CD2 . LEU A 1 90  ? -7.105  5.167   -7.067  1.00 57.50 ? 88  LEU A CD2 1 
ATOM   521  N N   . GLU A 1 91  ? -3.816  4.506   -10.745 1.00 67.08 ? 89  GLU A N   1 
ATOM   522  C CA  . GLU A 1 91  ? -4.052  4.127   -12.149 1.00 68.82 ? 89  GLU A CA  1 
ATOM   523  C C   . GLU A 1 91  ? -3.028  3.147   -12.726 1.00 69.43 ? 89  GLU A C   1 
ATOM   524  O O   . GLU A 1 91  ? -3.421  2.203   -13.407 1.00 70.18 ? 89  GLU A O   1 
ATOM   525  C CB  . GLU A 1 91  ? -4.175  5.359   -13.074 1.00 69.44 ? 89  GLU A CB  1 
ATOM   526  C CG  . GLU A 1 91  ? -4.250  4.980   -14.583 1.00 71.91 ? 89  GLU A CG  1 
ATOM   527  C CD  . GLU A 1 91  ? -5.085  5.942   -15.411 1.00 76.45 ? 89  GLU A CD  1 
ATOM   528  O OE1 . GLU A 1 91  ? -5.023  7.168   -15.137 1.00 77.96 ? 89  GLU A OE1 1 
ATOM   529  O OE2 . GLU A 1 91  ? -5.797  5.460   -16.346 1.00 79.60 ? 89  GLU A OE2 1 
ATOM   530  N N   . GLU A 1 92  ? -1.741  3.354   -12.469 1.00 70.25 ? 90  GLU A N   1 
ATOM   531  C CA  . GLU A 1 92  ? -0.703  2.448   -12.991 1.00 71.46 ? 90  GLU A CA  1 
ATOM   532  C C   . GLU A 1 92  ? -0.879  1.024   -12.485 1.00 71.85 ? 90  GLU A C   1 
ATOM   533  O O   . GLU A 1 92  ? -0.519  0.065   -13.163 1.00 72.25 ? 90  GLU A O   1 
ATOM   534  C CB  . GLU A 1 92  ? 0.707   2.906   -12.606 1.00 71.70 ? 90  GLU A CB  1 
ATOM   535  C CG  . GLU A 1 92  ? 1.126   4.250   -13.202 1.00 74.21 ? 90  GLU A CG  1 
ATOM   536  C CD  . GLU A 1 92  ? 2.638   4.469   -13.170 1.00 77.62 ? 90  GLU A CD  1 
ATOM   537  O OE1 . GLU A 1 92  ? 3.095   5.473   -13.764 1.00 80.13 ? 90  GLU A OE1 1 
ATOM   538  O OE2 . GLU A 1 92  ? 3.367   3.639   -12.568 1.00 79.73 ? 90  GLU A OE2 1 
ATOM   539  N N   . GLU A 1 93  ? -1.427  0.895   -11.286 1.00 72.15 ? 91  GLU A N   1 
ATOM   540  C CA  . GLU A 1 93  ? -1.521  -0.393  -10.636 1.00 72.37 ? 91  GLU A CA  1 
ATOM   541  C C   . GLU A 1 93  ? -2.889  -1.026  -10.836 1.00 71.59 ? 91  GLU A C   1 
ATOM   542  O O   . GLU A 1 93  ? -3.008  -2.224  -10.670 1.00 71.33 ? 91  GLU A O   1 
ATOM   543  C CB  . GLU A 1 93  ? -1.226  -0.263  -9.129  1.00 72.98 ? 91  GLU A CB  1 
ATOM   544  C CG  . GLU A 1 93  ? -0.343  -1.371  -8.575  1.00 74.65 ? 91  GLU A CG  1 
ATOM   545  C CD  . GLU A 1 93  ? 1.162   -1.062  -8.650  1.00 77.95 ? 91  GLU A CD  1 
ATOM   546  O OE1 . GLU A 1 93  ? 1.580   0.048   -8.240  1.00 80.97 ? 91  GLU A OE1 1 
ATOM   547  O OE2 . GLU A 1 93  ? 1.940   -1.946  -9.084  1.00 79.48 ? 91  GLU A OE2 1 
ATOM   548  N N   . THR A 1 94  ? -3.914  -0.241  -11.176 1.00 70.99 ? 92  THR A N   1 
ATOM   549  C CA  . THR A 1 94  ? -5.287  -0.770  -11.271 1.00 70.29 ? 92  THR A CA  1 
ATOM   550  C C   . THR A 1 94  ? -6.220  -0.185  -12.337 1.00 69.57 ? 92  THR A C   1 
ATOM   551  O O   . THR A 1 94  ? -7.359  -0.643  -12.437 1.00 69.52 ? 92  THR A O   1 
ATOM   552  C CB  . THR A 1 94  ? -6.038  -0.592  -9.921  1.00 70.47 ? 92  THR A CB  1 
ATOM   553  O OG1 . THR A 1 94  ? -6.672  0.693   -9.878  1.00 70.12 ? 92  THR A OG1 1 
ATOM   554  C CG2 . THR A 1 94  ? -5.091  -0.752  -8.759  1.00 69.53 ? 92  THR A CG2 1 
ATOM   555  N N   . SER A 1 95  ? -5.769  0.829   -13.086 1.00 68.74 ? 93  SER A N   1 
ATOM   556  C CA  . SER A 1 95  ? -6.600  1.565   -14.069 1.00 68.02 ? 93  SER A CA  1 
ATOM   557  C C   . SER A 1 95  ? -7.825  2.275   -13.487 1.00 67.23 ? 93  SER A C   1 
ATOM   558  O O   . SER A 1 95  ? -8.665  2.745   -14.237 1.00 67.24 ? 93  SER A O   1 
ATOM   559  C CB  . SER A 1 95  ? -7.046  0.651   -15.234 1.00 68.24 ? 93  SER A CB  1 
ATOM   560  O OG  . SER A 1 95  ? -5.926  0.168   -15.960 1.00 68.01 ? 93  SER A OG  1 
ATOM   561  N N   . LEU A 1 96  ? -7.937  2.375   -12.164 1.00 66.20 ? 94  LEU A N   1 
ATOM   562  C CA  . LEU A 1 96  ? -9.019  3.169   -11.576 1.00 65.55 ? 94  LEU A CA  1 
ATOM   563  C C   . LEU A 1 96  ? -8.652  4.656   -11.609 1.00 64.66 ? 94  LEU A C   1 
ATOM   564  O O   . LEU A 1 96  ? -7.491  5.013   -11.449 1.00 63.75 ? 94  LEU A O   1 
ATOM   565  C CB  . LEU A 1 96  ? -9.326  2.708   -10.144 1.00 65.74 ? 94  LEU A CB  1 
ATOM   566  C CG  . LEU A 1 96  ? -10.021 1.343   -10.058 1.00 66.20 ? 94  LEU A CG  1 
ATOM   567  C CD1 . LEU A 1 96  ? -9.822  0.740   -8.678  1.00 65.51 ? 94  LEU A CD1 1 
ATOM   568  C CD2 . LEU A 1 96  ? -11.505 1.462   -10.427 1.00 65.70 ? 94  LEU A CD2 1 
ATOM   569  N N   . THR A 1 97  ? -9.669  5.503   -11.764 1.00 64.61 ? 95  THR A N   1 
ATOM   570  C CA  . THR A 1 97  ? -9.499  6.882   -12.199 1.00 64.38 ? 95  THR A CA  1 
ATOM   571  C C   . THR A 1 97  ? -10.358 7.918   -11.454 1.00 63.81 ? 95  THR A C   1 
ATOM   572  O O   . THR A 1 97  ? -9.986  9.086   -11.324 1.00 63.57 ? 95  THR A O   1 
ATOM   573  C CB  . THR A 1 97  ? -9.790  6.964   -13.728 1.00 64.77 ? 95  THR A CB  1 
ATOM   574  O OG1 . THR A 1 97  ? -8.755  7.730   -14.363 1.00 66.00 ? 95  THR A OG1 1 
ATOM   575  C CG2 . THR A 1 97  ? -11.186 7.558   -14.039 1.00 64.75 ? 95  THR A CG2 1 
ATOM   576  N N   . ASP A 1 98  ? -11.518 7.520   -10.960 1.00 62.96 ? 96  ASP A N   1 
ATOM   577  C CA  . ASP A 1 98  ? -12.389 8.496   -10.320 1.00 61.96 ? 96  ASP A CA  1 
ATOM   578  C C   . ASP A 1 98  ? -12.486 8.168   -8.834  1.00 60.56 ? 96  ASP A C   1 
ATOM   579  O O   . ASP A 1 98  ? -13.593 8.177   -8.278  1.00 60.57 ? 96  ASP A O   1 
ATOM   580  C CB  . ASP A 1 98  ? -13.785 8.461   -10.993 1.00 62.65 ? 96  ASP A CB  1 
ATOM   581  N N   . ILE A 1 99  ? -11.330 7.869   -8.203  1.00 58.56 ? 97  ILE A N   1 
ATOM   582  C CA  . ILE A 1 99  ? -11.294 7.361   -6.818  1.00 56.42 ? 97  ILE A CA  1 
ATOM   583  C C   . ILE A 1 99  ? -10.684 8.370   -5.857  1.00 53.70 ? 97  ILE A C   1 
ATOM   584  O O   . ILE A 1 99  ? -9.502  8.680   -5.939  1.00 52.32 ? 97  ILE A O   1 
ATOM   585  C CB  . ILE A 1 99  ? -10.523 6.005   -6.697  1.00 56.88 ? 97  ILE A CB  1 
ATOM   586  C CG1 . ILE A 1 99  ? -11.136 4.945   -7.621  1.00 57.95 ? 97  ILE A CG1 1 
ATOM   587  C CG2 . ILE A 1 99  ? -10.573 5.488   -5.264  1.00 55.36 ? 97  ILE A CG2 1 
ATOM   588  C CD1 . ILE A 1 99  ? -12.616 4.547   -7.259  1.00 59.71 ? 97  ILE A CD1 1 
ATOM   589  N N   . PRO A 1 100 ? -11.503 8.889   -4.942  1.00 51.41 ? 98  PRO A N   1 
ATOM   590  C CA  . PRO A 1 100 ? -10.928 9.740   -3.910  1.00 50.21 ? 98  PRO A CA  1 
ATOM   591  C C   . PRO A 1 100 ? -10.097 8.925   -2.927  1.00 47.78 ? 98  PRO A C   1 
ATOM   592  O O   . PRO A 1 100 ? -10.506 7.862   -2.470  1.00 47.05 ? 98  PRO A O   1 
ATOM   593  C CB  . PRO A 1 100 ? -12.149 10.375  -3.226  1.00 50.55 ? 98  PRO A CB  1 
ATOM   594  C CG  . PRO A 1 100 ? -13.306 10.150  -4.170  1.00 50.89 ? 98  PRO A CG  1 
ATOM   595  C CD  . PRO A 1 100 ? -12.971 8.841   -4.847  1.00 52.27 ? 98  PRO A CD  1 
ATOM   596  N N   . LEU A 1 101 ? -8.918  9.459   -2.684  1.00 45.93 ? 99  LEU A N   1 
ATOM   597  C CA  . LEU A 1 101 ? -7.902  8.928   -1.815  1.00 44.93 ? 99  LEU A CA  1 
ATOM   598  C C   . LEU A 1 101 ? -7.993  9.711   -0.521  1.00 43.27 ? 99  LEU A C   1 
ATOM   599  O O   . LEU A 1 101 ? -7.973  10.955  -0.561  1.00 43.52 ? 99  LEU A O   1 
ATOM   600  C CB  . LEU A 1 101 ? -6.550  9.167   -2.467  1.00 44.96 ? 99  LEU A CB  1 
ATOM   601  C CG  . LEU A 1 101 ? -6.255  8.356   -3.747  1.00 45.48 ? 99  LEU A CG  1 
ATOM   602  C CD1 . LEU A 1 101 ? -4.947  8.813   -4.305  1.00 47.49 ? 99  LEU A CD1 1 
ATOM   603  C CD2 . LEU A 1 101 ? -6.185  6.863   -3.451  1.00 48.19 ? 99  LEU A CD2 1 
ATOM   604  N N   . ILE A 1 102 ? -8.171  9.000   0.597   1.00 40.03 ? 100 ILE A N   1 
ATOM   605  C CA  . ILE A 1 102 ? -8.317  9.611   1.900   1.00 38.52 ? 100 ILE A CA  1 
ATOM   606  C C   . ILE A 1 102 ? -6.936  9.647   2.625   1.00 38.09 ? 100 ILE A C   1 
ATOM   607  O O   . ILE A 1 102 ? -6.308  8.623   2.833   1.00 34.40 ? 100 ILE A O   1 
ATOM   608  C CB  . ILE A 1 102 ? -9.329  8.825   2.744   1.00 38.69 ? 100 ILE A CB  1 
ATOM   609  C CG1 . ILE A 1 102 ? -10.649 8.633   1.957   1.00 40.69 ? 100 ILE A CG1 1 
ATOM   610  C CG2 . ILE A 1 102 ? -9.517  9.473   4.186   1.00 36.80 ? 100 ILE A CG2 1 
ATOM   611  C CD1 . ILE A 1 102 ? -11.259 9.955   1.397   1.00 41.55 ? 100 ILE A CD1 1 
ATOM   612  N N   . PRO A 1 103 ? -6.448  10.843  2.975   1.00 38.62 ? 101 PRO A N   1 
ATOM   613  C CA  . PRO A 1 103 ? -5.142  10.885  3.675   1.00 38.49 ? 101 PRO A CA  1 
ATOM   614  C C   . PRO A 1 103 ? -5.318  10.355  5.069   1.00 38.19 ? 101 PRO A C   1 
ATOM   615  O O   . PRO A 1 103 ? -6.350  10.638  5.691   1.00 36.17 ? 101 PRO A O   1 
ATOM   616  C CB  . PRO A 1 103 ? -4.784  12.367  3.718   1.00 39.63 ? 101 PRO A CB  1 
ATOM   617  C CG  . PRO A 1 103 ? -5.970  13.145  3.135   1.00 40.77 ? 101 PRO A CG  1 
ATOM   618  C CD  . PRO A 1 103 ? -6.969  12.167  2.585   1.00 39.60 ? 101 PRO A CD  1 
ATOM   619  N N   . PHE A 1 104 ? -4.398  9.542   5.565   1.00 37.32 ? 102 PHE A N   1 
ATOM   620  C CA  . PHE A 1 104 ? -4.569  9.145   6.959   1.00 38.98 ? 102 PHE A CA  1 
ATOM   621  C C   . PHE A 1 104 ? -3.363  9.312   7.814   1.00 39.21 ? 102 PHE A C   1 
ATOM   622  O O   . PHE A 1 104 ? -3.474  9.192   9.039   1.00 41.44 ? 102 PHE A O   1 
ATOM   623  C CB  . PHE A 1 104 ? -5.156  7.728   7.131   1.00 39.09 ? 102 PHE A CB  1 
ATOM   624  C CG  . PHE A 1 104 ? -4.211  6.640   6.765   1.00 38.15 ? 102 PHE A CG  1 
ATOM   625  C CD1 . PHE A 1 104 ? -3.447  6.036   7.722   1.00 37.82 ? 102 PHE A CD1 1 
ATOM   626  C CD2 . PHE A 1 104 ? -4.080  6.235   5.476   1.00 39.72 ? 102 PHE A CD2 1 
ATOM   627  C CE1 . PHE A 1 104 ? -2.567  5.066   7.390   1.00 39.14 ? 102 PHE A CE1 1 
ATOM   628  C CE2 . PHE A 1 104 ? -3.177  5.194   5.134   1.00 42.47 ? 102 PHE A CE2 1 
ATOM   629  C CZ  . PHE A 1 104 ? -2.443  4.629   6.085   1.00 39.52 ? 102 PHE A CZ  1 
ATOM   630  N N   . GLY A 1 105 ? -2.212  9.524   7.211   1.00 39.22 ? 103 GLY A N   1 
ATOM   631  C CA  . GLY A 1 105 ? -1.107  10.069  8.006   1.00 38.70 ? 103 GLY A CA  1 
ATOM   632  C C   . GLY A 1 105 ? 0.155   10.425  7.262   1.00 37.11 ? 103 GLY A C   1 
ATOM   633  O O   . GLY A 1 105 ? 0.198   10.497  6.018   1.00 36.37 ? 103 GLY A O   1 
ATOM   634  N N   . VAL A 1 106 ? 1.161   10.717  8.065   1.00 37.03 ? 104 VAL A N   1 
ATOM   635  C CA  . VAL A 1 106 ? 2.533   10.864  7.615   1.00 37.50 ? 104 VAL A CA  1 
ATOM   636  C C   . VAL A 1 106 ? 3.326   9.831   8.434   1.00 37.74 ? 104 VAL A C   1 
ATOM   637  O O   . VAL A 1 106 ? 3.063   9.641   9.603   1.00 37.74 ? 104 VAL A O   1 
ATOM   638  C CB  . VAL A 1 106 ? 3.007   12.307  7.806   1.00 37.60 ? 104 VAL A CB  1 
ATOM   639  C CG1 . VAL A 1 106 ? 4.370   12.480  7.312   1.00 37.60 ? 104 VAL A CG1 1 
ATOM   640  C CG2 . VAL A 1 106 ? 2.075   13.251  7.017   1.00 35.61 ? 104 VAL A CG2 1 
ATOM   641  N N   . PHE A 1 107 ? 4.223   9.120   7.786   1.00 37.56 ? 105 PHE A N   1 
ATOM   642  C CA  . PHE A 1 107 ? 5.087   8.172   8.449   1.00 38.57 ? 105 PHE A CA  1 
ATOM   643  C C   . PHE A 1 107 ? 6.465   8.713   8.231   1.00 38.83 ? 105 PHE A C   1 
ATOM   644  O O   . PHE A 1 107 ? 6.927   8.759   7.116   1.00 39.17 ? 105 PHE A O   1 
ATOM   645  C CB  . PHE A 1 107 ? 4.860   6.768   7.900   1.00 38.70 ? 105 PHE A CB  1 
ATOM   646  C CG  . PHE A 1 107 ? 3.550   6.239   8.302   1.00 38.53 ? 105 PHE A CG  1 
ATOM   647  C CD1 . PHE A 1 107 ? 3.426   5.470   9.454   1.00 40.16 ? 105 PHE A CD1 1 
ATOM   648  C CD2 . PHE A 1 107 ? 2.423   6.651   7.637   1.00 37.01 ? 105 PHE A CD2 1 
ATOM   649  C CE1 . PHE A 1 107 ? 2.161   5.050   9.874   1.00 40.52 ? 105 PHE A CE1 1 
ATOM   650  C CE2 . PHE A 1 107 ? 1.163   6.250   8.045   1.00 41.18 ? 105 PHE A CE2 1 
ATOM   651  C CZ  . PHE A 1 107 ? 1.037   5.442   9.152   1.00 40.27 ? 105 PHE A CZ  1 
ATOM   652  N N   . ASP A 1 108 ? 7.029   9.251   9.301   1.00 39.78 ? 106 ASP A N   1 
ATOM   653  C CA  . ASP A 1 108 ? 8.283   9.978   9.249   1.00 42.16 ? 106 ASP A CA  1 
ATOM   654  C C   . ASP A 1 108 ? 9.273   9.535   10.347  1.00 44.02 ? 106 ASP A C   1 
ATOM   655  O O   . ASP A 1 108 ? 10.337  10.092  10.454  1.00 45.83 ? 106 ASP A O   1 
ATOM   656  C CB  . ASP A 1 108 ? 8.010   11.489  9.323   1.00 41.26 ? 106 ASP A CB  1 
ATOM   657  C CG  . ASP A 1 108 ? 7.301   11.903  10.601  1.00 39.59 ? 106 ASP A CG  1 
ATOM   658  O OD1 . ASP A 1 108 ? 6.936   11.036  11.395  1.00 40.71 ? 106 ASP A OD1 1 
ATOM   659  O OD2 . ASP A 1 108 ? 7.059   13.115  10.799  1.00 38.58 ? 106 ASP A OD2 1 
ATOM   660  N N   . LYS A 1 109 ? 8.916   8.516   11.123  1.00 46.91 ? 107 LYS A N   1 
ATOM   661  C CA  . LYS A 1 109 ? 9.731   8.024   12.223  1.00 48.69 ? 107 LYS A CA  1 
ATOM   662  C C   . LYS A 1 109 ? 11.158  7.719   11.771  1.00 50.33 ? 107 LYS A C   1 
ATOM   663  O O   . LYS A 1 109 ? 11.371  7.030   10.763  1.00 50.73 ? 107 LYS A O   1 
ATOM   664  C CB  . LYS A 1 109 ? 9.094   6.787   12.861  1.00 49.28 ? 107 LYS A CB  1 
ATOM   665  N N   . PRO A 1 110 ? 12.155  8.263   12.492  1.00 51.79 ? 108 PRO A N   1 
ATOM   666  C CA  . PRO A 1 110 ? 13.524  8.061   12.006  1.00 52.04 ? 108 PRO A CA  1 
ATOM   667  C C   . PRO A 1 110 ? 13.864  6.569   11.971  1.00 50.97 ? 108 PRO A C   1 
ATOM   668  O O   . PRO A 1 110 ? 13.497  5.820   12.860  1.00 50.77 ? 108 PRO A O   1 
ATOM   669  C CB  . PRO A 1 110 ? 14.399  8.843   13.000  1.00 52.72 ? 108 PRO A CB  1 
ATOM   670  C CG  . PRO A 1 110 ? 13.493  9.307   14.097  1.00 53.32 ? 108 PRO A CG  1 
ATOM   671  C CD  . PRO A 1 110 ? 12.098  8.825   13.856  1.00 52.46 ? 108 PRO A CD  1 
ATOM   672  N N   . GLY A 1 111 ? 14.463  6.131   10.885  1.00 50.91 ? 109 GLY A N   1 
ATOM   673  C CA  . GLY A 1 111 ? 14.778  4.711   10.725  1.00 50.70 ? 109 GLY A CA  1 
ATOM   674  C C   . GLY A 1 111 ? 13.731  3.866   9.996   1.00 50.48 ? 109 GLY A C   1 
ATOM   675  O O   . GLY A 1 111 ? 13.999  2.687   9.741   1.00 50.61 ? 109 GLY A O   1 
ATOM   676  N N   . ARG A 1 112 ? 12.564  4.444   9.638   1.00 48.45 ? 110 ARG A N   1 
ATOM   677  C CA  . ARG A 1 112 ? 11.455  3.660   9.085   1.00 47.34 ? 110 ARG A CA  1 
ATOM   678  C C   . ARG A 1 112 ? 11.866  2.947   7.812   1.00 47.77 ? 110 ARG A C   1 
ATOM   679  O O   . ARG A 1 112 ? 11.468  1.814   7.569   1.00 46.98 ? 110 ARG A O   1 
ATOM   680  C CB  . ARG A 1 112 ? 10.194  4.522   8.840   1.00 46.57 ? 110 ARG A CB  1 
ATOM   681  C CG  . ARG A 1 112 ? 10.392  5.798   8.005   1.00 43.11 ? 110 ARG A CG  1 
ATOM   682  C CD  . ARG A 1 112 ? 9.043   6.538   7.830   1.00 43.63 ? 110 ARG A CD  1 
ATOM   683  N NE  . ARG A 1 112 ? 8.151   5.599   7.139   1.00 38.77 ? 110 ARG A NE  1 
ATOM   684  C CZ  . ARG A 1 112 ? 8.180   5.406   5.841   1.00 36.10 ? 110 ARG A CZ  1 
ATOM   685  N NH1 . ARG A 1 112 ? 8.931   6.168   5.073   1.00 37.31 ? 110 ARG A NH1 1 
ATOM   686  N NH2 . ARG A 1 112 ? 7.430   4.461   5.309   1.00 39.24 ? 110 ARG A NH2 1 
ATOM   687  N N   . ASP A 1 113 ? 12.665  3.636   7.015   1.00 48.57 ? 111 ASP A N   1 
ATOM   688  C CA  . ASP A 1 113 ? 13.184  3.149   5.772   1.00 49.76 ? 111 ASP A CA  1 
ATOM   689  C C   . ASP A 1 113 ? 14.717  3.107   5.905   1.00 51.59 ? 111 ASP A C   1 
ATOM   690  O O   . ASP A 1 113 ? 15.372  4.140   6.144   1.00 51.05 ? 111 ASP A O   1 
ATOM   691  C CB  . ASP A 1 113 ? 12.762  4.093   4.652   1.00 49.58 ? 111 ASP A CB  1 
ATOM   692  C CG  . ASP A 1 113 ? 12.943  3.508   3.255   1.00 50.00 ? 111 ASP A CG  1 
ATOM   693  O OD1 . ASP A 1 113 ? 14.022  2.940   2.950   1.00 51.30 ? 111 ASP A OD1 1 
ATOM   694  O OD2 . ASP A 1 113 ? 12.023  3.694   2.407   1.00 49.28 ? 111 ASP A OD2 1 
ATOM   695  N N   . PRO A 1 114 ? 15.303  1.910   5.739   1.00 53.79 ? 112 PRO A N   1 
ATOM   696  C CA  . PRO A 1 114 ? 16.774  1.770   5.854   1.00 54.69 ? 112 PRO A CA  1 
ATOM   697  C C   . PRO A 1 114 ? 17.523  2.467   4.743   1.00 55.37 ? 112 PRO A C   1 
ATOM   698  O O   . PRO A 1 114 ? 18.676  2.790   4.919   1.00 56.66 ? 112 PRO A O   1 
ATOM   699  C CB  . PRO A 1 114 ? 16.987  0.245   5.761   1.00 55.67 ? 112 PRO A CB  1 
ATOM   700  C CG  . PRO A 1 114 ? 15.738  -0.267  5.006   1.00 54.69 ? 112 PRO A CG  1 
ATOM   701  C CD  . PRO A 1 114 ? 14.636  0.605   5.561   1.00 54.15 ? 112 PRO A CD  1 
ATOM   702  N N   . ARG A 1 115 ? 16.864  2.730   3.617   1.00 56.02 ? 113 ARG A N   1 
ATOM   703  C CA  . ARG A 1 115 ? 17.511  3.366   2.490   1.00 56.68 ? 113 ARG A CA  1 
ATOM   704  C C   . ARG A 1 115 ? 17.877  4.847   2.738   1.00 56.90 ? 113 ARG A C   1 
ATOM   705  O O   . ARG A 1 115 ? 18.680  5.409   1.995   1.00 58.45 ? 113 ARG A O   1 
ATOM   706  C CB  . ARG A 1 115 ? 16.668  3.171   1.223   1.00 57.04 ? 113 ARG A CB  1 
ATOM   707  C CG  . ARG A 1 115 ? 16.384  1.651   0.881   1.00 59.00 ? 113 ARG A CG  1 
ATOM   708  C CD  . ARG A 1 115 ? 15.346  1.451   -0.258  1.00 60.64 ? 113 ARG A CD  1 
ATOM   709  N NE  . ARG A 1 115 ? 14.042  2.095   0.011   1.00 62.04 ? 113 ARG A NE  1 
ATOM   710  C CZ  . ARG A 1 115 ? 12.960  2.015   -0.774  1.00 62.14 ? 113 ARG A CZ  1 
ATOM   711  N NH1 . ARG A 1 115 ? 12.993  1.307   -1.903  1.00 61.78 ? 113 ARG A NH1 1 
ATOM   712  N NH2 . ARG A 1 115 ? 11.829  2.645   -0.430  1.00 60.75 ? 113 ARG A NH2 1 
ATOM   713  N N   . GLY A 1 116 ? 17.315  5.458   3.791   1.00 56.18 ? 114 GLY A N   1 
ATOM   714  C CA  . GLY A 1 116 ? 17.645  6.836   4.212   1.00 55.07 ? 114 GLY A CA  1 
ATOM   715  C C   . GLY A 1 116 ? 16.541  7.577   4.995   1.00 53.41 ? 114 GLY A C   1 
ATOM   716  O O   . GLY A 1 116 ? 15.749  6.976   5.716   1.00 53.64 ? 114 GLY A O   1 
ATOM   717  N N   . TRP A 1 117 ? 16.518  8.898   4.875   1.00 51.35 ? 115 TRP A N   1 
ATOM   718  C CA  . TRP A 1 117 ? 15.500  9.731   5.560   1.00 50.24 ? 115 TRP A CA  1 
ATOM   719  C C   . TRP A 1 117 ? 14.315  9.895   4.588   1.00 47.41 ? 115 TRP A C   1 
ATOM   720  O O   . TRP A 1 117 ? 14.356  10.753  3.685   1.00 45.94 ? 115 TRP A O   1 
ATOM   721  C CB  . TRP A 1 117 ? 16.127  11.082  5.955   1.00 51.10 ? 115 TRP A CB  1 
ATOM   722  C CG  . TRP A 1 117 ? 15.244  12.045  6.694   1.00 52.58 ? 115 TRP A CG  1 
ATOM   723  C CD1 . TRP A 1 117 ? 14.041  11.791  7.257   1.00 55.51 ? 115 TRP A CD1 1 
ATOM   724  C CD2 . TRP A 1 117 ? 15.556  13.410  6.997   1.00 54.47 ? 115 TRP A CD2 1 
ATOM   725  N NE1 . TRP A 1 117 ? 13.561  12.926  7.872   1.00 58.22 ? 115 TRP A NE1 1 
ATOM   726  C CE2 . TRP A 1 117 ? 14.479  13.932  7.725   1.00 56.22 ? 115 TRP A CE2 1 
ATOM   727  C CE3 . TRP A 1 117 ? 16.651  14.235  6.726   1.00 56.03 ? 115 TRP A CE3 1 
ATOM   728  C CZ2 . TRP A 1 117 ? 14.464  15.247  8.202   1.00 56.99 ? 115 TRP A CZ2 1 
ATOM   729  C CZ3 . TRP A 1 117 ? 16.635  15.554  7.185   1.00 57.03 ? 115 TRP A CZ3 1 
ATOM   730  C CH2 . TRP A 1 117 ? 15.552  16.045  7.912   1.00 57.11 ? 115 TRP A CH2 1 
ATOM   731  N N   . ILE A 1 118 ? 13.323  9.002   4.684   1.00 44.41 ? 116 ILE A N   1 
ATOM   732  C CA  . ILE A 1 118 ? 12.236  9.014   3.675   1.00 43.44 ? 116 ILE A CA  1 
ATOM   733  C C   . ILE A 1 118 ? 10.927  9.238   4.414   1.00 41.74 ? 116 ILE A C   1 
ATOM   734  O O   . ILE A 1 118 ? 10.646  8.581   5.418   1.00 41.00 ? 116 ILE A O   1 
ATOM   735  C CB  . ILE A 1 118 ? 12.238  7.736   2.783   1.00 43.78 ? 116 ILE A CB  1 
ATOM   736  C CG1 . ILE A 1 118 ? 13.532  7.672   1.957   1.00 45.34 ? 116 ILE A CG1 1 
ATOM   737  C CG2 . ILE A 1 118 ? 11.078  7.738   1.807   1.00 41.39 ? 116 ILE A CG2 1 
ATOM   738  C CD1 . ILE A 1 118 ? 13.902  6.279   1.520   1.00 48.04 ? 116 ILE A CD1 1 
ATOM   739  N N   . ILE A 1 119 ? 10.191  10.239  3.960   1.00 40.41 ? 117 ILE A N   1 
ATOM   740  C CA  . ILE A 1 119 ? 8.949   10.649  4.583   1.00 39.59 ? 117 ILE A CA  1 
ATOM   741  C C   . ILE A 1 119 ? 7.833   10.139  3.689   1.00 39.20 ? 117 ILE A C   1 
ATOM   742  O O   . ILE A 1 119 ? 7.852   10.376  2.455   1.00 39.74 ? 117 ILE A O   1 
ATOM   743  C CB  . ILE A 1 119 ? 8.889   12.169  4.682   1.00 40.00 ? 117 ILE A CB  1 
ATOM   744  C CG1 . ILE A 1 119 ? 10.008  12.678  5.619   1.00 40.61 ? 117 ILE A CG1 1 
ATOM   745  C CG2 . ILE A 1 119 ? 7.526   12.644  5.168   1.00 37.41 ? 117 ILE A CG2 1 
ATOM   746  C CD1 . ILE A 1 119 ? 10.637  13.993  5.106   1.00 40.29 ? 117 ILE A CD1 1 
ATOM   747  N N   . SER A 1 120 ? 6.923   9.369   4.293   1.00 37.55 ? 118 SER A N   1 
ATOM   748  C CA  . SER A 1 120 ? 5.779   8.821   3.583   1.00 36.32 ? 118 SER A CA  1 
ATOM   749  C C   . SER A 1 120 ? 4.474   9.532   3.908   1.00 35.47 ? 118 SER A C   1 
ATOM   750  O O   . SER A 1 120 ? 4.100   9.616   5.050   1.00 35.00 ? 118 SER A O   1 
ATOM   751  C CB  . SER A 1 120 ? 5.601   7.343   3.924   1.00 37.00 ? 118 SER A CB  1 
ATOM   752  O OG  . SER A 1 120 ? 4.284   6.951   3.607   1.00 38.49 ? 118 SER A OG  1 
ATOM   753  N N   . ARG A 1 121 ? 3.768   9.970   2.877   1.00 34.39 ? 119 ARG A N   1 
ATOM   754  C CA  . ARG A 1 121 ? 2.415   10.456  2.967   1.00 34.99 ? 119 ARG A CA  1 
ATOM   755  C C   . ARG A 1 121 ? 1.468   9.294   2.621   1.00 34.44 ? 119 ARG A C   1 
ATOM   756  O O   . ARG A 1 121 ? 1.484   8.734   1.523   1.00 33.93 ? 119 ARG A O   1 
ATOM   757  C CB  . ARG A 1 121 ? 2.261   11.653  2.021   1.00 35.61 ? 119 ARG A CB  1 
ATOM   758  C CG  . ARG A 1 121 ? 0.873   12.376  1.957   1.00 38.42 ? 119 ARG A CG  1 
ATOM   759  C CD  . ARG A 1 121 ? 0.231   12.471  3.223   1.00 42.95 ? 119 ARG A CD  1 
ATOM   760  N NE  . ARG A 1 121 ? -0.797  13.496  3.276   1.00 43.97 ? 119 ARG A NE  1 
ATOM   761  C CZ  . ARG A 1 121 ? -1.581  13.707  4.336   1.00 42.34 ? 119 ARG A CZ  1 
ATOM   762  N NH1 . ARG A 1 121 ? -1.471  12.952  5.421   1.00 40.90 ? 119 ARG A NH1 1 
ATOM   763  N NH2 . ARG A 1 121 ? -2.474  14.701  4.316   1.00 41.54 ? 119 ARG A NH2 1 
ATOM   764  N N   . ALA A 1 122 ? 0.657   8.894   3.579   1.00 34.08 ? 120 ALA A N   1 
ATOM   765  C CA  . ALA A 1 122 ? -0.140  7.698   3.408   1.00 34.27 ? 120 ALA A CA  1 
ATOM   766  C C   . ALA A 1 122 ? -1.620  8.002   3.163   1.00 34.48 ? 120 ALA A C   1 
ATOM   767  O O   . ALA A 1 122 ? -2.195  8.908   3.778   1.00 35.46 ? 120 ALA A O   1 
ATOM   768  C CB  . ALA A 1 122 ? 0.044   6.823   4.576   1.00 33.73 ? 120 ALA A CB  1 
ATOM   769  N N   . PHE A 1 123 ? -2.205  7.285   2.229   1.00 34.73 ? 121 PHE A N   1 
ATOM   770  C CA  . PHE A 1 123 ? -3.590  7.450   1.864   1.00 36.24 ? 121 PHE A CA  1 
ATOM   771  C C   . PHE A 1 123 ? -4.260  6.081   1.926   1.00 37.09 ? 121 PHE A C   1 
ATOM   772  O O   . PHE A 1 123 ? -3.571  5.055   1.716   1.00 38.36 ? 121 PHE A O   1 
ATOM   773  C CB  . PHE A 1 123 ? -3.704  7.932   0.417   1.00 35.38 ? 121 PHE A CB  1 
ATOM   774  C CG  . PHE A 1 123 ? -3.082  9.302   0.140   1.00 36.81 ? 121 PHE A CG  1 
ATOM   775  C CD1 . PHE A 1 123 ? -3.872  10.467  0.131   1.00 34.89 ? 121 PHE A CD1 1 
ATOM   776  C CD2 . PHE A 1 123 ? -1.748  9.407   -0.225  1.00 35.96 ? 121 PHE A CD2 1 
ATOM   777  C CE1 . PHE A 1 123 ? -3.329  11.717  -0.151  1.00 34.59 ? 121 PHE A CE1 1 
ATOM   778  C CE2 . PHE A 1 123 ? -1.180  10.655  -0.524  1.00 35.00 ? 121 PHE A CE2 1 
ATOM   779  C CZ  . PHE A 1 123 ? -1.971  11.815  -0.473  1.00 37.43 ? 121 PHE A CZ  1 
ATOM   780  N N   . TYR A 1 124 ? -5.570  6.041   2.169   1.00 36.36 ? 122 TYR A N   1 
ATOM   781  C CA  . TYR A 1 124 ? -6.342  4.842   1.827   1.00 36.71 ? 122 TYR A CA  1 
ATOM   782  C C   . TYR A 1 124 ? -7.409  5.079   0.778   1.00 37.03 ? 122 TYR A C   1 
ATOM   783  O O   . TYR A 1 124 ? -7.845  6.189   0.573   1.00 36.70 ? 122 TYR A O   1 
ATOM   784  C CB  . TYR A 1 124 ? -6.990  4.221   3.043   1.00 37.61 ? 122 TYR A CB  1 
ATOM   785  C CG  . TYR A 1 124 ? -8.178  4.928   3.695   1.00 37.08 ? 122 TYR A CG  1 
ATOM   786  C CD1 . TYR A 1 124 ? -9.466  4.774   3.214   1.00 38.53 ? 122 TYR A CD1 1 
ATOM   787  C CD2 . TYR A 1 124 ? -8.004  5.643   4.861   1.00 39.22 ? 122 TYR A CD2 1 
ATOM   788  C CE1 . TYR A 1 124 ? -10.555 5.353   3.880   1.00 39.82 ? 122 TYR A CE1 1 
ATOM   789  C CE2 . TYR A 1 124 ? -9.070  6.241   5.525   1.00 39.78 ? 122 TYR A CE2 1 
ATOM   790  C CZ  . TYR A 1 124 ? -10.343 6.091   5.036   1.00 40.32 ? 122 TYR A CZ  1 
ATOM   791  O OH  . TYR A 1 124 ? -11.382 6.705   5.715   1.00 43.17 ? 122 TYR A OH  1 
ATOM   792  N N   . ALA A 1 125 ? -7.828  4.009   0.133   1.00 37.76 ? 123 ALA A N   1 
ATOM   793  C CA  . ALA A 1 125 ? -8.950  4.037   -0.794  1.00 38.31 ? 123 ALA A CA  1 
ATOM   794  C C   . ALA A 1 125 ? -9.753  2.753   -0.619  1.00 39.77 ? 123 ALA A C   1 
ATOM   795  O O   . ALA A 1 125 ? -9.190  1.692   -0.280  1.00 39.05 ? 123 ALA A O   1 
ATOM   796  C CB  . ALA A 1 125 ? -8.451  4.150   -2.227  1.00 37.54 ? 123 ALA A CB  1 
ATOM   797  N N   . ILE A 1 126 ? -11.061 2.860   -0.855  1.00 41.42 ? 124 ILE A N   1 
ATOM   798  C CA  . ILE A 1 126 ? -11.970 1.724   -0.878  1.00 42.59 ? 124 ILE A CA  1 
ATOM   799  C C   . ILE A 1 126 ? -12.523 1.571   -2.287  1.00 43.39 ? 124 ILE A C   1 
ATOM   800  O O   . ILE A 1 126 ? -13.272 2.404   -2.758  1.00 44.20 ? 124 ILE A O   1 
ATOM   801  C CB  . ILE A 1 126 ? -13.081 1.884   0.139   1.00 42.80 ? 124 ILE A CB  1 
ATOM   802  C CG1 . ILE A 1 126 ? -12.484 2.008   1.533   1.00 44.33 ? 124 ILE A CG1 1 
ATOM   803  C CG2 . ILE A 1 126 ? -14.066 0.679   0.110   1.00 42.95 ? 124 ILE A CG2 1 
ATOM   804  C CD1 . ILE A 1 126 ? -13.382 2.711   2.488   1.00 44.53 ? 124 ILE A CD1 1 
ATOM   805  N N   . VAL A 1 127 ? -12.114 0.524   -2.990  1.00 43.76 ? 125 VAL A N   1 
ATOM   806  C CA  . VAL A 1 127 ? -12.479 0.377   -4.387  1.00 43.19 ? 125 VAL A CA  1 
ATOM   807  C C   . VAL A 1 127 ? -13.293 -0.900  -4.546  1.00 43.65 ? 125 VAL A C   1 
ATOM   808  O O   . VAL A 1 127 ? -13.400 -1.673  -3.605  1.00 42.93 ? 125 VAL A O   1 
ATOM   809  C CB  . VAL A 1 127 ? -11.237 0.427   -5.273  1.00 43.29 ? 125 VAL A CB  1 
ATOM   810  C CG1 . VAL A 1 127 ? -10.371 1.640   -4.877  1.00 41.78 ? 125 VAL A CG1 1 
ATOM   811  C CG2 . VAL A 1 127 ? -10.431 -0.870  -5.156  1.00 43.30 ? 125 VAL A CG2 1 
ATOM   812  N N   . PRO A 1 128 ? -13.956 -1.069  -5.704  1.00 45.55 ? 126 PRO A N   1 
ATOM   813  C CA  . PRO A 1 128 ? -14.673 -2.301  -5.941  1.00 46.38 ? 126 PRO A CA  1 
ATOM   814  C C   . PRO A 1 128 ? -13.684 -3.447  -6.081  1.00 47.16 ? 126 PRO A C   1 
ATOM   815  O O   . PRO A 1 128 ? -12.564 -3.249  -6.563  1.00 47.05 ? 126 PRO A O   1 
ATOM   816  C CB  . PRO A 1 128 ? -15.445 -2.035  -7.260  1.00 46.92 ? 126 PRO A CB  1 
ATOM   817  C CG  . PRO A 1 128 ? -15.568 -0.534  -7.341  1.00 46.50 ? 126 PRO A CG  1 
ATOM   818  C CD  . PRO A 1 128 ? -14.211 -0.085  -6.780  1.00 45.60 ? 126 PRO A CD  1 
ATOM   819  N N   . PRO A 1 129 ? -14.103 -4.645  -5.671  1.00 48.54 ? 127 PRO A N   1 
ATOM   820  C CA  . PRO A 1 129 ? -13.174 -5.768  -5.571  1.00 49.51 ? 127 PRO A CA  1 
ATOM   821  C C   . PRO A 1 129 ? -12.595 -6.210  -6.890  1.00 50.81 ? 127 PRO A C   1 
ATOM   822  O O   . PRO A 1 129 ? -11.504 -6.774  -6.900  1.00 51.11 ? 127 PRO A O   1 
ATOM   823  C CB  . PRO A 1 129 ? -14.010 -6.884  -4.922  1.00 49.45 ? 127 PRO A CB  1 
ATOM   824  C CG  . PRO A 1 129 ? -15.418 -6.491  -5.108  1.00 49.28 ? 127 PRO A CG  1 
ATOM   825  C CD  . PRO A 1 129 ? -15.482 -5.004  -5.284  1.00 47.65 ? 127 PRO A CD  1 
ATOM   826  N N   . GLU A 1 130 ? -13.285 -5.936  -8.000  1.00 51.97 ? 128 GLU A N   1 
ATOM   827  C CA  . GLU A 1 130 ? -12.914 -6.546  -9.272  1.00 53.06 ? 128 GLU A CA  1 
ATOM   828  C C   . GLU A 1 130 ? -11.555 -6.091  -9.827  1.00 52.77 ? 128 GLU A C   1 
ATOM   829  O O   . GLU A 1 130 ? -10.785 -6.901  -10.281 1.00 52.24 ? 128 GLU A O   1 
ATOM   830  C CB  . GLU A 1 130 ? -14.037 -6.361  -10.323 1.00 54.58 ? 128 GLU A CB  1 
ATOM   831  C CG  . GLU A 1 130 ? -15.340 -7.201  -10.038 1.00 57.50 ? 128 GLU A CG  1 
ATOM   832  C CD  . GLU A 1 130 ? -16.340 -6.527  -9.067  1.00 62.35 ? 128 GLU A CD  1 
ATOM   833  O OE1 . GLU A 1 130 ? -16.192 -5.293  -8.782  1.00 60.98 ? 128 GLU A OE1 1 
ATOM   834  O OE2 . GLU A 1 130 ? -17.280 -7.254  -8.594  1.00 63.21 ? 128 GLU A OE2 1 
ATOM   835  N N   . ALA A 1 131 ? -11.257 -4.798  -9.788  1.00 52.98 ? 129 ALA A N   1 
ATOM   836  C CA  . ALA A 1 131 ? -9.937  -4.314  -10.201 1.00 52.82 ? 129 ALA A CA  1 
ATOM   837  C C   . ALA A 1 131 ? -8.788  -4.890  -9.356  1.00 52.18 ? 129 ALA A C   1 
ATOM   838  O O   . ALA A 1 131 ? -7.715  -5.176  -9.877  1.00 53.20 ? 129 ALA A O   1 
ATOM   839  C CB  . ALA A 1 131 ? -9.902  -2.821  -10.115 1.00 53.95 ? 129 ALA A CB  1 
ATOM   840  N N   . LEU A 1 132 ? -9.002  -5.045  -8.059  1.00 51.01 ? 130 LEU A N   1 
ATOM   841  C CA  . LEU A 1 132 ? -7.964  -5.620  -7.189  1.00 50.85 ? 130 LEU A CA  1 
ATOM   842  C C   . LEU A 1 132 ? -7.773  -7.110  -7.468  1.00 51.92 ? 130 LEU A C   1 
ATOM   843  O O   . LEU A 1 132 ? -6.650  -7.571  -7.538  1.00 50.60 ? 130 LEU A O   1 
ATOM   844  C CB  . LEU A 1 132 ? -8.282  -5.378  -5.710  1.00 49.29 ? 130 LEU A CB  1 
ATOM   845  C CG  . LEU A 1 132 ? -8.535  -3.931  -5.331  1.00 45.72 ? 130 LEU A CG  1 
ATOM   846  C CD1 . LEU A 1 132 ? -8.496  -3.728  -3.787  1.00 39.35 ? 130 LEU A CD1 1 
ATOM   847  C CD2 . LEU A 1 132 ? -7.556  -3.018  -6.086  1.00 39.09 ? 130 LEU A CD2 1 
ATOM   848  N N   . GLU A 1 133 ? -8.870  -7.847  -7.644  1.00 54.05 ? 131 GLU A N   1 
ATOM   849  C CA  . GLU A 1 133 ? -8.803  -9.272  -8.055  1.00 55.66 ? 131 GLU A CA  1 
ATOM   850  C C   . GLU A 1 133 ? -8.072  -9.432  -9.381  1.00 56.82 ? 131 GLU A C   1 
ATOM   851  O O   . GLU A 1 133 ? -7.234  -10.309 -9.506  1.00 57.00 ? 131 GLU A O   1 
ATOM   852  C CB  . GLU A 1 133 ? -10.206 -9.907  -8.116  1.00 55.95 ? 131 GLU A CB  1 
ATOM   853  C CG  . GLU A 1 133 ? -10.868 -10.117 -6.745  1.00 56.83 ? 131 GLU A CG  1 
ATOM   854  C CD  . GLU A 1 133 ? -12.388 -10.374 -6.800  1.00 60.72 ? 131 GLU A CD  1 
ATOM   855  O OE1 . GLU A 1 133 ? -13.054 -10.030 -7.811  1.00 59.99 ? 131 GLU A OE1 1 
ATOM   856  O OE2 . GLU A 1 133 ? -12.929 -10.905 -5.791  1.00 62.70 ? 131 GLU A OE2 1 
ATOM   857  N N   . LYS A 1 134 ? -8.340  -8.565  -10.352 1.00 58.89 ? 132 LYS A N   1 
ATOM   858  C CA  . LYS A 1 134 ? -7.610  -8.612  -11.642 1.00 60.94 ? 132 LYS A CA  1 
ATOM   859  C C   . LYS A 1 134 ? -6.092  -8.600  -11.464 1.00 61.46 ? 132 LYS A C   1 
ATOM   860  O O   . LYS A 1 134 ? -5.381  -9.453  -12.029 1.00 61.96 ? 132 LYS A O   1 
ATOM   861  C CB  . LYS A 1 134 ? -8.010  -7.458  -12.568 1.00 61.64 ? 132 LYS A CB  1 
ATOM   862  C CG  . LYS A 1 134 ? -9.222  -7.724  -13.472 1.00 65.39 ? 132 LYS A CG  1 
ATOM   863  C CD  . LYS A 1 134 ? -9.308  -6.715  -14.663 1.00 69.49 ? 132 LYS A CD  1 
ATOM   864  C CE  . LYS A 1 134 ? -8.125  -6.869  -15.676 1.00 71.99 ? 132 LYS A CE  1 
ATOM   865  N NZ  . LYS A 1 134 ? -8.151  -5.872  -16.813 1.00 71.39 ? 132 LYS A NZ  1 
ATOM   866  N N   . ARG A 1 135 ? -5.585  -7.640  -10.687 1.00 61.89 ? 133 ARG A N   1 
ATOM   867  C CA  . ARG A 1 135 ? -4.126  -7.517  -10.498 1.00 62.23 ? 133 ARG A CA  1 
ATOM   868  C C   . ARG A 1 135 ? -3.544  -8.673  -9.700  1.00 61.49 ? 133 ARG A C   1 
ATOM   869  O O   . ARG A 1 135 ? -2.449  -9.131  -10.000 1.00 61.14 ? 133 ARG A O   1 
ATOM   870  C CB  . ARG A 1 135 ? -3.749  -6.180  -9.840  1.00 63.00 ? 133 ARG A CB  1 
ATOM   871  C CG  . ARG A 1 135 ? -3.514  -5.077  -10.847 1.00 66.77 ? 133 ARG A CG  1 
ATOM   872  C CD  . ARG A 1 135 ? -2.119  -5.178  -11.530 1.00 69.78 ? 133 ARG A CD  1 
ATOM   873  N NE  . ARG A 1 135 ? -1.034  -4.578  -10.747 1.00 72.53 ? 133 ARG A NE  1 
ATOM   874  C CZ  . ARG A 1 135 ? 0.271   -4.769  -10.973 1.00 74.90 ? 133 ARG A CZ  1 
ATOM   875  N NH1 . ARG A 1 135 ? 0.695   -5.568  -11.957 1.00 74.92 ? 133 ARG A NH1 1 
ATOM   876  N NH2 . ARG A 1 135 ? 1.168   -4.178  -10.185 1.00 75.34 ? 133 ARG A NH2 1 
ATOM   877  N N   . ALA A 1 136 ? -4.275  -9.148  -8.698  1.00 61.00 ? 134 ALA A N   1 
ATOM   878  C CA  . ALA A 1 136 ? -3.821  -10.285 -7.907  1.00 61.46 ? 134 ALA A CA  1 
ATOM   879  C C   . ALA A 1 136 ? -3.814  -11.586 -8.733  1.00 62.68 ? 134 ALA A C   1 
ATOM   880  O O   . ALA A 1 136 ? -3.086  -12.522 -8.413  1.00 61.70 ? 134 ALA A O   1 
ATOM   881  C CB  . ALA A 1 136 ? -4.654  -10.444 -6.681  1.00 59.92 ? 134 ALA A CB  1 
ATOM   882  N N   . ALA A 1 137 ? -4.629  -11.633 -9.790  1.00 64.72 ? 135 ALA A N   1 
ATOM   883  C CA  . ALA A 1 137 ? -4.754  -12.836 -10.624 1.00 66.35 ? 135 ALA A CA  1 
ATOM   884  C C   . ALA A 1 137 ? -4.007  -12.728 -11.965 1.00 67.71 ? 135 ALA A C   1 
ATOM   885  O O   . ALA A 1 137 ? -3.869  -13.724 -12.658 1.00 68.18 ? 135 ALA A O   1 
ATOM   886  C CB  . ALA A 1 137 ? -6.238  -13.179 -10.855 1.00 65.98 ? 135 ALA A CB  1 
ATOM   887  N N   . GLY A 1 138 ? -3.520  -11.538 -12.323 1.00 69.20 ? 136 GLY A N   1 
ATOM   888  C CA  . GLY A 1 138 ? -2.815  -11.340 -13.590 1.00 70.15 ? 136 GLY A CA  1 
ATOM   889  C C   . GLY A 1 138 ? -1.428  -11.967 -13.690 1.00 71.43 ? 136 GLY A C   1 
ATOM   890  O O   . GLY A 1 138 ? -1.101  -12.945 -12.995 1.00 71.03 ? 136 GLY A O   1 
ATOM   891  N N   . ASP A 1 139 ? -0.596  -11.369 -14.544 1.00 72.79 ? 137 ASP A N   1 
ATOM   892  C CA  . ASP A 1 139 ? 0.723   -11.937 -14.921 1.00 73.86 ? 137 ASP A CA  1 
ATOM   893  C C   . ASP A 1 139 ? 1.847   -11.681 -13.879 1.00 73.98 ? 137 ASP A C   1 
ATOM   894  O O   . ASP A 1 139 ? 3.007   -12.068 -14.087 1.00 73.72 ? 137 ASP A O   1 
ATOM   895  C CB  . ASP A 1 139 ? 1.176   -11.363 -16.275 1.00 74.44 ? 137 ASP A CB  1 
ATOM   896  C CG  . ASP A 1 139 ? 0.106   -11.470 -17.380 1.00 76.20 ? 137 ASP A CG  1 
ATOM   897  O OD1 . ASP A 1 139 ? -1.090  -11.761 -17.099 1.00 78.16 ? 137 ASP A OD1 1 
ATOM   898  O OD2 . ASP A 1 139 ? 0.485   -11.232 -18.554 1.00 78.49 ? 137 ASP A OD2 1 
ATOM   899  N N   . ASP A 1 140 ? 1.495   -10.997 -12.785 1.00 73.73 ? 138 ASP A N   1 
ATOM   900  C CA  . ASP A 1 140 ? 2.401   -10.730 -11.670 1.00 73.33 ? 138 ASP A CA  1 
ATOM   901  C C   . ASP A 1 140 ? 1.916   -11.488 -10.422 1.00 72.03 ? 138 ASP A C   1 
ATOM   902  O O   . ASP A 1 140 ? 2.391   -11.239 -9.312  1.00 72.58 ? 138 ASP A O   1 
ATOM   903  C CB  . ASP A 1 140 ? 2.447   -9.215  -11.391 1.00 73.74 ? 138 ASP A CB  1 
ATOM   904  C CG  . ASP A 1 140 ? 3.110   -8.419  -12.518 1.00 76.02 ? 138 ASP A CG  1 
ATOM   905  O OD1 . ASP A 1 140 ? 4.228   -8.815  -12.949 1.00 80.14 ? 138 ASP A OD1 1 
ATOM   906  O OD2 . ASP A 1 140 ? 2.528   -7.389  -12.951 1.00 75.40 ? 138 ASP A OD2 1 
ATOM   907  N N   . ALA A 1 141 ? 1.008   -12.441 -10.640 1.00 70.21 ? 139 ALA A N   1 
ATOM   908  C CA  . ALA A 1 141 ? 0.223   -13.129 -9.604  1.00 68.81 ? 139 ALA A CA  1 
ATOM   909  C C   . ALA A 1 141 ? 0.974   -13.607 -8.340  1.00 67.52 ? 139 ALA A C   1 
ATOM   910  O O   . ALA A 1 141 ? 0.438   -13.490 -7.220  1.00 67.13 ? 139 ALA A O   1 
ATOM   911  C CB  . ALA A 1 141 ? -0.543  -14.330 -10.253 1.00 68.23 ? 139 ALA A CB  1 
ATOM   912  N N   . ALA A 1 142 ? 2.180   -14.172 -8.517  1.00 65.62 ? 140 ALA A N   1 
ATOM   913  C CA  . ALA A 1 142 ? 3.008   -14.658 -7.377  1.00 63.96 ? 140 ALA A CA  1 
ATOM   914  C C   . ALA A 1 142 ? 3.482   -13.503 -6.458  1.00 62.09 ? 140 ALA A C   1 
ATOM   915  O O   . ALA A 1 142 ? 3.766   -13.692 -5.266  1.00 61.99 ? 140 ALA A O   1 
ATOM   916  C CB  . ALA A 1 142 ? 4.231   -15.454 -7.918  1.00 64.15 ? 140 ALA A CB  1 
ATOM   917  N N   . GLU A 1 143 ? 3.529   -12.321 -7.076  1.00 59.29 ? 141 GLU A N   1 
ATOM   918  C CA  . GLU A 1 143 ? 4.070   -11.086 -6.577  1.00 57.70 ? 141 GLU A CA  1 
ATOM   919  C C   . GLU A 1 143 ? 2.957   -10.215 -5.890  1.00 55.16 ? 141 GLU A C   1 
ATOM   920  O O   . GLU A 1 143 ? 3.252   -9.403  -5.020  1.00 53.15 ? 141 GLU A O   1 
ATOM   921  C CB  . GLU A 1 143 ? 4.600   -10.379 -7.838  1.00 58.64 ? 141 GLU A CB  1 
ATOM   922  C CG  . GLU A 1 143 ? 5.617   -9.285  -7.685  1.00 62.33 ? 141 GLU A CG  1 
ATOM   923  C CD  . GLU A 1 143 ? 5.711   -8.380  -8.958  1.00 65.10 ? 141 GLU A CD  1 
ATOM   924  O OE1 . GLU A 1 143 ? 5.701   -7.134  -8.804  1.00 65.46 ? 141 GLU A OE1 1 
ATOM   925  O OE2 . GLU A 1 143 ? 5.775   -8.919  -10.103 1.00 68.19 ? 141 GLU A OE2 1 
ATOM   926  N N   . ILE A 1 144 ? 1.685   -10.410 -6.283  1.00 52.54 ? 142 ILE A N   1 
ATOM   927  C CA  . ILE A 1 144 ? 0.557   -9.577  -5.818  1.00 50.10 ? 142 ILE A CA  1 
ATOM   928  C C   . ILE A 1 144 ? -0.535  -10.380 -5.164  1.00 48.65 ? 142 ILE A C   1 
ATOM   929  O O   . ILE A 1 144 ? -1.022  -11.326 -5.744  1.00 48.62 ? 142 ILE A O   1 
ATOM   930  C CB  . ILE A 1 144 ? -0.076  -8.830  -6.997  1.00 50.11 ? 142 ILE A CB  1 
ATOM   931  C CG1 . ILE A 1 144 ? 1.026   -8.063  -7.739  1.00 49.77 ? 142 ILE A CG1 1 
ATOM   932  C CG2 . ILE A 1 144 ? -1.217  -7.917  -6.503  1.00 49.22 ? 142 ILE A CG2 1 
ATOM   933  C CD1 . ILE A 1 144 ? 0.538   -7.175  -8.831  1.00 50.14 ? 142 ILE A CD1 1 
ATOM   934  N N   . GLY A 1 145 ? -0.953  -9.996  -3.959  1.00 46.74 ? 143 GLY A N   1 
ATOM   935  C CA  . GLY A 1 145 ? -2.051  -10.671 -3.295  1.00 44.73 ? 143 GLY A CA  1 
ATOM   936  C C   . GLY A 1 145 ? -3.137  -9.735  -2.774  1.00 44.37 ? 143 GLY A C   1 
ATOM   937  O O   . GLY A 1 145 ? -2.878  -8.583  -2.412  1.00 41.93 ? 143 GLY A O   1 
ATOM   938  N N   . LEU A 1 146 ? -4.366  -10.249 -2.737  1.00 43.37 ? 144 LEU A N   1 
ATOM   939  C CA  . LEU A 1 146 ? -5.486  -9.550  -2.142  1.00 43.23 ? 144 LEU A CA  1 
ATOM   940  C C   . LEU A 1 146 ? -5.824  -10.269 -0.860  1.00 42.98 ? 144 LEU A C   1 
ATOM   941  O O   . LEU A 1 146 ? -6.416  -11.351 -0.904  1.00 44.56 ? 144 LEU A O   1 
ATOM   942  C CB  . LEU A 1 146 ? -6.643  -9.521  -3.125  1.00 42.06 ? 144 LEU A CB  1 
ATOM   943  C CG  . LEU A 1 146 ? -7.887  -8.713  -2.778  1.00 43.29 ? 144 LEU A CG  1 
ATOM   944  C CD1 . LEU A 1 146 ? -7.646  -7.162  -2.438  1.00 37.06 ? 144 LEU A CD1 1 
ATOM   945  C CD2 . LEU A 1 146 ? -8.862  -8.896  -3.971  1.00 41.53 ? 144 LEU A CD2 1 
ATOM   946  N N   . PHE A 1 147 ? -5.429  -9.694  0.279   1.00 42.53 ? 145 PHE A N   1 
ATOM   947  C CA  . PHE A 1 147 ? -5.493  -10.389 1.568   1.00 42.84 ? 145 PHE A CA  1 
ATOM   948  C C   . PHE A 1 147 ? -6.612  -9.848  2.451   1.00 42.86 ? 145 PHE A C   1 
ATOM   949  O O   . PHE A 1 147 ? -6.765  -8.629  2.576   1.00 41.96 ? 145 PHE A O   1 
ATOM   950  C CB  . PHE A 1 147 ? -4.169  -10.242 2.380   1.00 42.19 ? 145 PHE A CB  1 
ATOM   951  C CG  . PHE A 1 147 ? -2.957  -10.864 1.724   1.00 43.95 ? 145 PHE A CG  1 
ATOM   952  C CD1 . PHE A 1 147 ? -2.631  -12.204 1.949   1.00 44.61 ? 145 PHE A CD1 1 
ATOM   953  C CD2 . PHE A 1 147 ? -2.153  -10.121 0.876   1.00 43.19 ? 145 PHE A CD2 1 
ATOM   954  C CE1 . PHE A 1 147 ? -1.522  -12.775 1.334   1.00 46.46 ? 145 PHE A CE1 1 
ATOM   955  C CE2 . PHE A 1 147 ? -1.035  -10.675 0.277   1.00 45.18 ? 145 PHE A CE2 1 
ATOM   956  C CZ  . PHE A 1 147 ? -0.719  -12.007 0.496   1.00 46.95 ? 145 PHE A CZ  1 
ATOM   957  N N   . PRO A 1 148 ? -7.304  -10.748 3.166   1.00 43.03 ? 146 PRO A N   1 
ATOM   958  C CA  . PRO A 1 148 ? -8.141  -10.296 4.260   1.00 43.58 ? 146 PRO A CA  1 
ATOM   959  C C   . PRO A 1 148 ? -7.241  -9.532  5.185   1.00 43.83 ? 146 PRO A C   1 
ATOM   960  O O   . PRO A 1 148 ? -6.053  -9.833  5.250   1.00 43.35 ? 146 PRO A O   1 
ATOM   961  C CB  . PRO A 1 148 ? -8.636  -11.592 4.924   1.00 43.17 ? 146 PRO A CB  1 
ATOM   962  C CG  . PRO A 1 148 ? -8.322  -12.690 3.997   1.00 44.41 ? 146 PRO A CG  1 
ATOM   963  C CD  . PRO A 1 148 ? -7.186  -12.227 3.118   1.00 43.89 ? 146 PRO A CD  1 
ATOM   964  N N   . MET A 1 149 ? -7.759  -8.533  5.868   1.00 44.49 ? 147 MET A N   1 
ATOM   965  C CA  . MET A 1 149 ? -6.851  -7.602  6.523   1.00 45.78 ? 147 MET A CA  1 
ATOM   966  C C   . MET A 1 149 ? -6.222  -8.269  7.723   1.00 46.58 ? 147 MET A C   1 
ATOM   967  O O   . MET A 1 149 ? -5.060  -8.023  8.018   1.00 45.89 ? 147 MET A O   1 
ATOM   968  C CB  . MET A 1 149 ? -7.517  -6.276  6.896   1.00 45.58 ? 147 MET A CB  1 
ATOM   969  C CG  . MET A 1 149 ? -6.641  -5.351  7.746   1.00 44.95 ? 147 MET A CG  1 
ATOM   970  S SD  . MET A 1 149 ? -5.327  -4.454  6.883   1.00 39.75 ? 147 MET A SD  1 
ATOM   971  C CE  . MET A 1 149 ? -6.365  -3.074  6.233   1.00 43.73 ? 147 MET A CE  1 
ATOM   972  N N   . THR A 1 150 ? -6.952  -9.168  8.380   1.00 48.40 ? 148 THR A N   1 
ATOM   973  C CA  . THR A 1 150 ? -6.399  -9.853  9.549   1.00 49.07 ? 148 THR A CA  1 
ATOM   974  C C   . THR A 1 150 ? -5.217  -10.771 9.178   1.00 48.43 ? 148 THR A C   1 
ATOM   975  O O   . THR A 1 150 ? -4.258  -10.832 9.918   1.00 49.37 ? 148 THR A O   1 
ATOM   976  C CB  . THR A 1 150 ? -7.476  -10.608 10.351  1.00 50.11 ? 148 THR A CB  1 
ATOM   977  O OG1 . THR A 1 150 ? -8.018  -11.662 9.551   1.00 52.04 ? 148 THR A OG1 1 
ATOM   978  C CG2 . THR A 1 150 ? -8.587  -9.645  10.803  1.00 50.58 ? 148 THR A CG2 1 
ATOM   979  N N   . GLU A 1 151 ? -5.284  -11.436 8.027   1.00 48.10 ? 149 GLU A N   1 
ATOM   980  C CA  . GLU A 1 151 ? -4.164  -12.200 7.455   1.00 47.78 ? 149 GLU A CA  1 
ATOM   981  C C   . GLU A 1 151 ? -2.990  -11.288 7.004   1.00 47.13 ? 149 GLU A C   1 
ATOM   982  O O   . GLU A 1 151 ? -1.805  -11.610 7.240   1.00 47.09 ? 149 GLU A O   1 
ATOM   983  C CB  . GLU A 1 151 ? -4.668  -13.035 6.270   1.00 48.21 ? 149 GLU A CB  1 
ATOM   984  C CG  . GLU A 1 151 ? -3.646  -14.039 5.682   1.00 52.04 ? 149 GLU A CG  1 
ATOM   985  C CD  . GLU A 1 151 ? -4.153  -14.819 4.456   1.00 54.43 ? 149 GLU A CD  1 
ATOM   986  O OE1 . GLU A 1 151 ? -3.293  -15.297 3.645   1.00 55.38 ? 149 GLU A OE1 1 
ATOM   987  O OE2 . GLU A 1 151 ? -5.396  -14.962 4.313   1.00 56.59 ? 149 GLU A OE2 1 
ATOM   988  N N   . ALA A 1 152 ? -3.320  -10.151 6.383   1.00 44.52 ? 150 ALA A N   1 
ATOM   989  C CA  . ALA A 1 152 ? -2.296  -9.195  5.945   1.00 43.92 ? 150 ALA A CA  1 
ATOM   990  C C   . ALA A 1 152 ? -1.479  -8.709  7.123   1.00 43.22 ? 150 ALA A C   1 
ATOM   991  O O   . ALA A 1 152 ? -0.265  -8.545  7.018   1.00 42.72 ? 150 ALA A O   1 
ATOM   992  C CB  . ALA A 1 152 ? -2.900  -8.026  5.185   1.00 41.47 ? 150 ALA A CB  1 
ATOM   993  N N   . LEU A 1 153 ? -2.128  -8.498  8.252   1.00 43.70 ? 151 LEU A N   1 
ATOM   994  C CA  . LEU A 1 153 ? -1.410  -8.072  9.449   1.00 45.58 ? 151 LEU A CA  1 
ATOM   995  C C   . LEU A 1 153 ? -0.361  -9.089  9.966   1.00 46.75 ? 151 LEU A C   1 
ATOM   996  O O   . LEU A 1 153 ? 0.469   -8.728  10.806  1.00 46.88 ? 151 LEU A O   1 
ATOM   997  C CB  . LEU A 1 153 ? -2.377  -7.748  10.595  1.00 45.87 ? 151 LEU A CB  1 
ATOM   998  C CG  . LEU A 1 153 ? -3.255  -6.495  10.424  1.00 47.02 ? 151 LEU A CG  1 
ATOM   999  C CD1 . LEU A 1 153 ? -4.308  -6.432  11.554  1.00 47.81 ? 151 LEU A CD1 1 
ATOM   1000 C CD2 . LEU A 1 153 ? -2.401  -5.218  10.398  1.00 44.36 ? 151 LEU A CD2 1 
ATOM   1001 N N   . GLU A 1 154 ? -0.393  -10.331 9.484   1.00 47.62 ? 152 GLU A N   1 
ATOM   1002 C CA  . GLU A 1 154 ? 0.546   -11.343 9.965   1.00 49.15 ? 152 GLU A CA  1 
ATOM   1003 C C   . GLU A 1 154 ? 1.637   -11.651 8.975   1.00 47.98 ? 152 GLU A C   1 
ATOM   1004 O O   . GLU A 1 154 ? 2.520   -12.444 9.269   1.00 49.09 ? 152 GLU A O   1 
ATOM   1005 C CB  . GLU A 1 154 ? -0.208  -12.636 10.283  1.00 50.86 ? 152 GLU A CB  1 
ATOM   1006 C CG  . GLU A 1 154 ? -1.375  -12.415 11.238  1.00 55.97 ? 152 GLU A CG  1 
ATOM   1007 C CD  . GLU A 1 154 ? -1.348  -13.404 12.376  1.00 65.41 ? 152 GLU A CD  1 
ATOM   1008 O OE1 . GLU A 1 154 ? -0.245  -13.550 12.984  1.00 71.71 ? 152 GLU A OE1 1 
ATOM   1009 O OE2 . GLU A 1 154 ? -2.410  -14.023 12.661  1.00 69.25 ? 152 GLU A OE2 1 
ATOM   1010 N N   . LEU A 1 155 ? 1.545   -11.070 7.781   1.00 45.87 ? 153 LEU A N   1 
ATOM   1011 C CA  . LEU A 1 155 ? 2.566   -11.210 6.779   1.00 44.15 ? 153 LEU A CA  1 
ATOM   1012 C C   . LEU A 1 155 ? 3.911   -10.585 7.215   1.00 42.94 ? 153 LEU A C   1 
ATOM   1013 O O   . LEU A 1 155 ? 3.959   -9.684  8.073   1.00 43.43 ? 153 LEU A O   1 
ATOM   1014 C CB  . LEU A 1 155 ? 2.099   -10.577 5.435   1.00 43.38 ? 153 LEU A CB  1 
ATOM   1015 C CG  . LEU A 1 155 ? 0.962   -11.255 4.652   1.00 42.62 ? 153 LEU A CG  1 
ATOM   1016 C CD1 . LEU A 1 155 ? 0.551   -10.343 3.467   1.00 37.37 ? 153 LEU A CD1 1 
ATOM   1017 C CD2 . LEU A 1 155 ? 1.333   -12.698 4.128   1.00 42.46 ? 153 LEU A CD2 1 
ATOM   1018 N N   . PRO A 1 156 ? 5.009   -11.056 6.609   1.00 41.92 ? 154 PRO A N   1 
ATOM   1019 C CA  . PRO A 1 156 ? 6.254   -10.322 6.682   1.00 41.66 ? 154 PRO A CA  1 
ATOM   1020 C C   . PRO A 1 156 ? 6.182   -9.052  5.822   1.00 41.26 ? 154 PRO A C   1 
ATOM   1021 O O   . PRO A 1 156 ? 6.211   -9.146  4.587   1.00 40.78 ? 154 PRO A O   1 
ATOM   1022 C CB  . PRO A 1 156 ? 7.294   -11.307 6.132   1.00 41.57 ? 154 PRO A CB  1 
ATOM   1023 C CG  . PRO A 1 156 ? 6.508   -12.254 5.251   1.00 42.64 ? 154 PRO A CG  1 
ATOM   1024 C CD  . PRO A 1 156 ? 5.078   -12.233 5.715   1.00 41.71 ? 154 PRO A CD  1 
ATOM   1025 N N   . LEU A 1 157 ? 6.079   -7.893  6.492   1.00 40.56 ? 155 LEU A N   1 
ATOM   1026 C CA  . LEU A 1 157 ? 5.781   -6.606  5.853   1.00 38.90 ? 155 LEU A CA  1 
ATOM   1027 C C   . LEU A 1 157 ? 7.004   -5.693  5.770   1.00 38.07 ? 155 LEU A C   1 
ATOM   1028 O O   . LEU A 1 157 ? 7.727   -5.536  6.744   1.00 38.25 ? 155 LEU A O   1 
ATOM   1029 C CB  . LEU A 1 157 ? 4.649   -5.903  6.617   1.00 38.66 ? 155 LEU A CB  1 
ATOM   1030 C CG  . LEU A 1 157 ? 3.221   -6.453  6.435   1.00 38.80 ? 155 LEU A CG  1 
ATOM   1031 C CD1 . LEU A 1 157 ? 2.296   -5.933  7.490   1.00 37.87 ? 155 LEU A CD1 1 
ATOM   1032 C CD2 . LEU A 1 157 ? 2.641   -6.141  5.055   1.00 38.70 ? 155 LEU A CD2 1 
ATOM   1033 N N   . ALA A 1 158 ? 7.216   -5.072  4.618   1.00 36.72 ? 156 ALA A N   1 
ATOM   1034 C CA  . ALA A 1 158 ? 8.336   -4.168  4.403   1.00 37.77 ? 156 ALA A CA  1 
ATOM   1035 C C   . ALA A 1 158 ? 8.233   -2.864  5.237   1.00 39.27 ? 156 ALA A C   1 
ATOM   1036 O O   . ALA A 1 158 ? 7.125   -2.374  5.522   1.00 38.29 ? 156 ALA A O   1 
ATOM   1037 C CB  . ALA A 1 158 ? 8.462   -3.839  2.892   1.00 38.01 ? 156 ALA A CB  1 
ATOM   1038 N N   . PHE A 1 159 ? 9.386   -2.355  5.674   1.00 40.23 ? 157 PHE A N   1 
ATOM   1039 C CA  . PHE A 1 159 ? 9.517   -0.996  6.249   1.00 40.54 ? 157 PHE A CA  1 
ATOM   1040 C C   . PHE A 1 159 ? 8.635   -0.891  7.464   1.00 40.41 ? 157 PHE A C   1 
ATOM   1041 O O   . PHE A 1 159 ? 8.613   -1.811  8.300   1.00 41.16 ? 157 PHE A O   1 
ATOM   1042 C CB  . PHE A 1 159 ? 9.139   0.087   5.210   1.00 41.22 ? 157 PHE A CB  1 
ATOM   1043 C CG  . PHE A 1 159 ? 9.781   -0.104  3.848   1.00 42.22 ? 157 PHE A CG  1 
ATOM   1044 C CD1 . PHE A 1 159 ? 9.000   -0.423  2.737   1.00 43.01 ? 157 PHE A CD1 1 
ATOM   1045 C CD2 . PHE A 1 159 ? 11.148  0.089   3.666   1.00 41.72 ? 157 PHE A CD2 1 
ATOM   1046 C CE1 . PHE A 1 159 ? 9.571   -0.591  1.478   1.00 41.12 ? 157 PHE A CE1 1 
ATOM   1047 C CE2 . PHE A 1 159 ? 11.721  -0.097  2.403   1.00 43.25 ? 157 PHE A CE2 1 
ATOM   1048 C CZ  . PHE A 1 159 ? 10.935  -0.434  1.322   1.00 42.74 ? 157 PHE A CZ  1 
ATOM   1049 N N   . ASP A 1 160 ? 7.911   0.215   7.613   1.00 39.84 ? 158 ASP A N   1 
ATOM   1050 C CA  . ASP A 1 160 ? 6.966   0.312   8.731   1.00 39.48 ? 158 ASP A CA  1 
ATOM   1051 C C   . ASP A 1 160 ? 5.562   -0.035  8.286   1.00 38.84 ? 158 ASP A C   1 
ATOM   1052 O O   . ASP A 1 160 ? 4.593   0.412   8.909   1.00 40.37 ? 158 ASP A O   1 
ATOM   1053 C CB  . ASP A 1 160 ? 6.990   1.720   9.381   1.00 39.30 ? 158 ASP A CB  1 
ATOM   1054 C CG  . ASP A 1 160 ? 6.749   2.837   8.400   1.00 38.33 ? 158 ASP A CG  1 
ATOM   1055 O OD1 . ASP A 1 160 ? 6.642   2.610   7.174   1.00 43.12 ? 158 ASP A OD1 1 
ATOM   1056 O OD2 . ASP A 1 160 ? 6.744   3.990   8.848   1.00 41.51 ? 158 ASP A OD2 1 
ATOM   1057 N N   . HIS A 1 161 ? 5.414   -0.791  7.207   1.00 37.76 ? 159 HIS A N   1 
ATOM   1058 C CA  . HIS A 1 161 ? 4.088   -0.972  6.636   1.00 37.84 ? 159 HIS A CA  1 
ATOM   1059 C C   . HIS A 1 161 ? 3.078   -1.683  7.522   1.00 39.24 ? 159 HIS A C   1 
ATOM   1060 O O   . HIS A 1 161 ? 1.859   -1.487  7.305   1.00 38.68 ? 159 HIS A O   1 
ATOM   1061 C CB  . HIS A 1 161 ? 4.126   -1.563  5.229   1.00 36.65 ? 159 HIS A CB  1 
ATOM   1062 C CG  . HIS A 1 161 ? 4.654   -0.609  4.223   1.00 35.07 ? 159 HIS A CG  1 
ATOM   1063 N ND1 . HIS A 1 161 ? 4.637   -0.847  2.861   1.00 33.71 ? 159 HIS A ND1 1 
ATOM   1064 C CD2 . HIS A 1 161 ? 5.251   0.591   4.390   1.00 35.68 ? 159 HIS A CD2 1 
ATOM   1065 C CE1 . HIS A 1 161 ? 5.190   0.176   2.235   1.00 36.60 ? 159 HIS A CE1 1 
ATOM   1066 N NE2 . HIS A 1 161 ? 5.564   1.068   3.143   1.00 35.83 ? 159 HIS A NE2 1 
ATOM   1067 N N   . LEU A 1 162 ? 3.547   -2.457  8.503   1.00 39.61 ? 160 LEU A N   1 
ATOM   1068 C CA  . LEU A 1 162 ? 2.671   -3.018  9.507   1.00 41.52 ? 160 LEU A CA  1 
ATOM   1069 C C   . LEU A 1 162 ? 1.984   -1.883  10.298  1.00 43.23 ? 160 LEU A C   1 
ATOM   1070 O O   . LEU A 1 162 ? 0.786   -1.959  10.614  1.00 42.26 ? 160 LEU A O   1 
ATOM   1071 C CB  . LEU A 1 162 ? 3.431   -3.898  10.500  1.00 41.08 ? 160 LEU A CB  1 
ATOM   1072 C CG  . LEU A 1 162 ? 2.506   -4.488  11.590  1.00 43.67 ? 160 LEU A CG  1 
ATOM   1073 C CD1 . LEU A 1 162 ? 1.306   -5.189  10.958  1.00 39.99 ? 160 LEU A CD1 1 
ATOM   1074 C CD2 . LEU A 1 162 ? 3.234   -5.433  12.639  1.00 43.03 ? 160 LEU A CD2 1 
ATOM   1075 N N   . ASP A 1 163 ? 2.771   -0.868  10.658  1.00 44.57 ? 161 ASP A N   1 
ATOM   1076 C CA  . ASP A 1 163 ? 2.241   0.307   11.344  1.00 45.20 ? 161 ASP A CA  1 
ATOM   1077 C C   . ASP A 1 163 ? 1.233   1.050   10.482  1.00 44.44 ? 161 ASP A C   1 
ATOM   1078 O O   . ASP A 1 163 ? 0.170   1.447   10.979  1.00 44.91 ? 161 ASP A O   1 
ATOM   1079 C CB  . ASP A 1 163 ? 3.366   1.246   11.753  1.00 46.58 ? 161 ASP A CB  1 
ATOM   1080 C CG  . ASP A 1 163 ? 4.204   0.659   12.857  1.00 50.86 ? 161 ASP A CG  1 
ATOM   1081 O OD1 . ASP A 1 163 ? 3.623   -0.121  13.665  1.00 61.50 ? 161 ASP A OD1 1 
ATOM   1082 O OD2 . ASP A 1 163 ? 5.424   0.942   12.922  1.00 54.93 ? 161 ASP A OD2 1 
ATOM   1083 N N   . MET A 1 164 ? 1.558   1.224   9.202   1.00 42.65 ? 162 MET A N   1 
ATOM   1084 C CA  . MET A 1 164 ? 0.626   1.812   8.247   1.00 41.22 ? 162 MET A CA  1 
ATOM   1085 C C   . MET A 1 164 ? -0.700  1.002   8.214   1.00 40.81 ? 162 MET A C   1 
ATOM   1086 O O   . MET A 1 164 ? -1.774  1.585   8.290   1.00 39.05 ? 162 MET A O   1 
ATOM   1087 C CB  . MET A 1 164 ? 1.196   1.899   6.837   1.00 40.45 ? 162 MET A CB  1 
ATOM   1088 C CG  . MET A 1 164 ? 2.233   3.015   6.505   1.00 40.76 ? 162 MET A CG  1 
ATOM   1089 S SD  . MET A 1 164 ? 2.469   3.138   4.705   1.00 31.29 ? 162 MET A SD  1 
ATOM   1090 C CE  . MET A 1 164 ? 1.059   2.397   4.367   1.00 31.77 ? 162 MET A CE  1 
ATOM   1091 N N   . LEU A 1 165 ? -0.634  -0.323  8.116   1.00 40.71 ? 163 LEU A N   1 
ATOM   1092 C CA  . LEU A 1 165 ? -1.849  -1.100  7.987   1.00 41.53 ? 163 LEU A CA  1 
ATOM   1093 C C   . LEU A 1 165 ? -2.684  -1.064  9.250   1.00 42.45 ? 163 LEU A C   1 
ATOM   1094 O O   . LEU A 1 165 ? -3.902  -1.061  9.146   1.00 41.89 ? 163 LEU A O   1 
ATOM   1095 C CB  . LEU A 1 165 ? -1.650  -2.571  7.607   1.00 40.56 ? 163 LEU A CB  1 
ATOM   1096 C CG  . LEU A 1 165 ? -0.886  -3.041  6.377   1.00 43.94 ? 163 LEU A CG  1 
ATOM   1097 C CD1 . LEU A 1 165 ? -1.337  -4.486  6.068   1.00 44.85 ? 163 LEU A CD1 1 
ATOM   1098 C CD2 . LEU A 1 165 ? -0.966  -2.155  5.164   1.00 40.04 ? 163 LEU A CD2 1 
ATOM   1099 N N   . LYS A 1 166 ? -2.048  -1.102  10.425  1.00 44.22 ? 164 LYS A N   1 
ATOM   1100 C CA  . LYS A 1 166 ? -2.770  -1.036  11.692  1.00 45.82 ? 164 LYS A CA  1 
ATOM   1101 C C   . LYS A 1 166 ? -3.465  0.305   11.868  1.00 45.58 ? 164 LYS A C   1 
ATOM   1102 O O   . LYS A 1 166 ? -4.621  0.329   12.285  1.00 46.69 ? 164 LYS A O   1 
ATOM   1103 C CB  . LYS A 1 166 ? -1.839  -1.296  12.890  1.00 47.65 ? 164 LYS A CB  1 
ATOM   1104 C CG  . LYS A 1 166 ? -1.369  -2.735  13.013  1.00 50.94 ? 164 LYS A CG  1 
ATOM   1105 C CD  . LYS A 1 166 ? -0.365  -2.909  14.159  1.00 56.65 ? 164 LYS A CD  1 
ATOM   1106 C CE  . LYS A 1 166 ? -0.548  -4.255  14.860  1.00 61.82 ? 164 LYS A CE  1 
ATOM   1107 N NZ  . LYS A 1 166 ? 0.458   -4.463  15.974  1.00 65.13 ? 164 LYS A NZ  1 
ATOM   1108 N N   . LYS A 1 167 ? -2.799  1.420   11.541  1.00 44.99 ? 165 LYS A N   1 
ATOM   1109 C CA  . LYS A 1 167 ? -3.470  2.726   11.618  1.00 44.81 ? 165 LYS A CA  1 
ATOM   1110 C C   . LYS A 1 167 ? -4.591  2.900   10.532  1.00 45.43 ? 165 LYS A C   1 
ATOM   1111 O O   . LYS A 1 167 ? -5.599  3.594   10.756  1.00 44.87 ? 165 LYS A O   1 
ATOM   1112 C CB  . LYS A 1 167 ? -2.472  3.877   11.580  1.00 44.51 ? 165 LYS A CB  1 
ATOM   1113 N N   . ALA A 1 168 ? -4.436  2.255   9.379   1.00 44.89 ? 166 ALA A N   1 
ATOM   1114 C CA  . ALA A 1 168 ? -5.463  2.359   8.333   1.00 45.43 ? 166 ALA A CA  1 
ATOM   1115 C C   . ALA A 1 168 ? -6.653  1.520   8.747   1.00 45.67 ? 166 ALA A C   1 
ATOM   1116 O O   . ALA A 1 168 ? -7.764  1.986   8.722   1.00 44.78 ? 166 ALA A O   1 
ATOM   1117 C CB  . ALA A 1 168 ? -4.954  1.936   6.986   1.00 43.67 ? 166 ALA A CB  1 
ATOM   1118 N N   . PHE A 1 169 ? -6.401  0.280   9.116   1.00 46.96 ? 167 PHE A N   1 
ATOM   1119 C CA  . PHE A 1 169 ? -7.451  -0.617  9.534   1.00 48.89 ? 167 PHE A CA  1 
ATOM   1120 C C   . PHE A 1 169 ? -8.299  0.094   10.585  1.00 49.79 ? 167 PHE A C   1 
ATOM   1121 O O   . PHE A 1 169 ? -9.530  0.156   10.476  1.00 50.09 ? 167 PHE A O   1 
ATOM   1122 C CB  . PHE A 1 169 ? -6.818  -1.885  10.091  1.00 49.37 ? 167 PHE A CB  1 
ATOM   1123 C CG  . PHE A 1 169 ? -7.762  -3.039  10.314  1.00 52.92 ? 167 PHE A CG  1 
ATOM   1124 C CD1 . PHE A 1 169 ? -8.849  -3.287  9.473   1.00 57.08 ? 167 PHE A CD1 1 
ATOM   1125 C CD2 . PHE A 1 169 ? -7.525  -3.925  11.355  1.00 56.54 ? 167 PHE A CD2 1 
ATOM   1126 C CE1 . PHE A 1 169 ? -9.677  -4.412  9.666   1.00 57.62 ? 167 PHE A CE1 1 
ATOM   1127 C CE2 . PHE A 1 169 ? -8.366  -5.032  11.573  1.00 59.40 ? 167 PHE A CE2 1 
ATOM   1128 C CZ  . PHE A 1 169 ? -9.439  -5.273  10.708  1.00 59.57 ? 167 PHE A CZ  1 
ATOM   1129 N N   . SER A 1 170 ? -7.634  0.683   11.560  1.00 51.09 ? 168 SER A N   1 
ATOM   1130 C CA  . SER A 1 170 ? -8.306  1.356   12.665  1.00 52.40 ? 168 SER A CA  1 
ATOM   1131 C C   . SER A 1 170 ? -9.173  2.521   12.187  1.00 51.97 ? 168 SER A C   1 
ATOM   1132 O O   . SER A 1 170 ? -10.344 2.617   12.574  1.00 52.23 ? 168 SER A O   1 
ATOM   1133 C CB  . SER A 1 170 ? -7.261  1.852   13.674  1.00 53.20 ? 168 SER A CB  1 
ATOM   1134 O OG  . SER A 1 170 ? -7.868  2.623   14.686  1.00 56.67 ? 168 SER A OG  1 
ATOM   1135 N N   . ALA A 1 171 ? -8.615  3.384   11.342  1.00 50.62 ? 169 ALA A N   1 
ATOM   1136 C CA  . ALA A 1 171 ? -9.381  4.499   10.760  1.00 50.40 ? 169 ALA A CA  1 
ATOM   1137 C C   . ALA A 1 171 ? -10.545 4.067   9.856   1.00 49.72 ? 169 ALA A C   1 
ATOM   1138 O O   . ALA A 1 171 ? -11.603 4.714   9.846   1.00 48.67 ? 169 ALA A O   1 
ATOM   1139 C CB  . ALA A 1 171 ? -8.486  5.419   9.996   1.00 49.89 ? 169 ALA A CB  1 
ATOM   1140 N N   . ILE A 1 172 ? -10.340 2.999   9.083   1.00 49.35 ? 170 ILE A N   1 
ATOM   1141 C CA  . ILE A 1 172 ? -11.363 2.534   8.130   1.00 48.86 ? 170 ILE A CA  1 
ATOM   1142 C C   . ILE A 1 172 ? -12.523 1.912   8.916   1.00 50.38 ? 170 ILE A C   1 
ATOM   1143 O O   . ILE A 1 172 ? -13.678 2.221   8.669   1.00 50.29 ? 170 ILE A O   1 
ATOM   1144 C CB  . ILE A 1 172 ? -10.802 1.532   7.101   1.00 47.47 ? 170 ILE A CB  1 
ATOM   1145 C CG1 . ILE A 1 172 ? -9.934  2.272   6.085   1.00 47.95 ? 170 ILE A CG1 1 
ATOM   1146 C CG2 . ILE A 1 172 ? -11.941 0.754   6.401   1.00 44.87 ? 170 ILE A CG2 1 
ATOM   1147 C CD1 . ILE A 1 172 ? -9.022  1.370   5.213   1.00 47.10 ? 170 ILE A CD1 1 
ATOM   1148 N N   . THR A 1 173 ? -12.184 1.031   9.847   1.00 52.82 ? 171 THR A N   1 
ATOM   1149 C CA  . THR A 1 173 ? -13.122 0.468   10.793  1.00 55.96 ? 171 THR A CA  1 
ATOM   1150 C C   . THR A 1 173 ? -13.955 1.514   11.522  1.00 58.08 ? 171 THR A C   1 
ATOM   1151 O O   . THR A 1 173 ? -15.169 1.407   11.544  1.00 58.24 ? 171 THR A O   1 
ATOM   1152 C CB  . THR A 1 173 ? -12.430 -0.343  11.873  1.00 55.82 ? 171 THR A CB  1 
ATOM   1153 O OG1 . THR A 1 173 ? -11.988 -1.585  11.325  1.00 55.52 ? 171 THR A OG1 1 
ATOM   1154 C CG2 . THR A 1 173 ? -13.410 -0.626  13.017  1.00 57.99 ? 171 THR A CG2 1 
ATOM   1155 N N   . GLU A 1 174 ? -13.307 2.511   12.110  1.00 60.79 ? 172 GLU A N   1 
ATOM   1156 C CA  . GLU A 1 174 ? -14.022 3.602   12.767  1.00 63.17 ? 172 GLU A CA  1 
ATOM   1157 C C   . GLU A 1 174 ? -14.907 4.440   11.801  1.00 63.81 ? 172 GLU A C   1 
ATOM   1158 O O   . GLU A 1 174 ? -15.869 5.058   12.264  1.00 64.81 ? 172 GLU A O   1 
ATOM   1159 C CB  . GLU A 1 174 ? -13.054 4.524   13.520  1.00 64.44 ? 172 GLU A CB  1 
ATOM   1160 C CG  . GLU A 1 174 ? -13.612 5.141   14.839  1.00 68.72 ? 172 GLU A CG  1 
ATOM   1161 C CD  . GLU A 1 174 ? -12.830 6.406   15.281  1.00 74.79 ? 172 GLU A CD  1 
ATOM   1162 O OE1 . GLU A 1 174 ? -13.073 7.490   14.686  1.00 76.17 ? 172 GLU A OE1 1 
ATOM   1163 O OE2 . GLU A 1 174 ? -11.984 6.315   16.223  1.00 77.70 ? 172 GLU A OE2 1 
ATOM   1164 N N   . GLU A 1 175 ? -14.602 4.474   10.492  1.00 63.79 ? 173 GLU A N   1 
ATOM   1165 C CA  . GLU A 1 175 ? -15.496 5.105   9.502   1.00 63.46 ? 173 GLU A CA  1 
ATOM   1166 C C   . GLU A 1 175 ? -16.720 4.210   9.206   1.00 64.18 ? 173 GLU A C   1 
ATOM   1167 O O   . GLU A 1 175 ? -17.827 4.705   8.987   1.00 63.35 ? 173 GLU A O   1 
ATOM   1168 C CB  . GLU A 1 175 ? -14.803 5.368   8.166   1.00 63.20 ? 173 GLU A CB  1 
ATOM   1169 C CG  . GLU A 1 175 ? -13.794 6.488   8.101   1.00 62.71 ? 173 GLU A CG  1 
ATOM   1170 C CD  . GLU A 1 175 ? -14.329 7.849   8.493   1.00 62.56 ? 173 GLU A CD  1 
ATOM   1171 O OE1 . GLU A 1 175 ? -15.527 8.155   8.269   1.00 59.92 ? 173 GLU A OE1 1 
ATOM   1172 O OE2 . GLU A 1 175 ? -13.523 8.619   9.039   1.00 62.65 ? 173 GLU A OE2 1 
ATOM   1173 N N   . PHE A 1 176 ? -16.483 2.906   9.153   1.00 65.12 ? 174 PHE A N   1 
ATOM   1174 C CA  . PHE A 1 176 ? -17.528 1.921   8.917   1.00 66.47 ? 174 PHE A CA  1 
ATOM   1175 C C   . PHE A 1 176 ? -18.432 1.795   10.120  1.00 68.36 ? 174 PHE A C   1 
ATOM   1176 O O   . PHE A 1 176 ? -19.570 1.363   9.999   1.00 68.33 ? 174 PHE A O   1 
ATOM   1177 C CB  . PHE A 1 176 ? -16.940 0.536   8.659   1.00 66.02 ? 174 PHE A CB  1 
ATOM   1178 C CG  . PHE A 1 176 ? -16.756 0.207   7.212   1.00 65.77 ? 174 PHE A CG  1 
ATOM   1179 C CD1 . PHE A 1 176 ? -15.482 0.137   6.648   1.00 64.71 ? 174 PHE A CD1 1 
ATOM   1180 C CD2 . PHE A 1 176 ? -17.846 -0.065  6.417   1.00 64.24 ? 174 PHE A CD2 1 
ATOM   1181 C CE1 . PHE A 1 176 ? -15.317 -0.192  5.315   1.00 63.66 ? 174 PHE A CE1 1 
ATOM   1182 C CE2 . PHE A 1 176 ? -17.692 -0.379  5.088   1.00 64.00 ? 174 PHE A CE2 1 
ATOM   1183 C CZ  . PHE A 1 176 ? -16.428 -0.446  4.531   1.00 64.47 ? 174 PHE A CZ  1 
ATOM   1184 N N   . LEU A 1 177 ? -17.906 2.119   11.295  1.00 70.66 ? 175 LEU A N   1 
ATOM   1185 C CA  . LEU A 1 177 ? -18.676 1.966   12.508  1.00 72.33 ? 175 LEU A CA  1 
ATOM   1186 C C   . LEU A 1 177 ? -19.626 3.135   12.547  1.00 73.38 ? 175 LEU A C   1 
ATOM   1187 O O   . LEU A 1 177 ? -20.800 2.948   12.831  1.00 74.31 ? 175 LEU A O   1 
ATOM   1188 C CB  . LEU A 1 177 ? -17.787 1.899   13.759  1.00 72.56 ? 175 LEU A CB  1 
ATOM   1189 C CG  . LEU A 1 177 ? -18.076 0.726   14.704  1.00 73.69 ? 175 LEU A CG  1 
ATOM   1190 C CD1 . LEU A 1 177 ? -18.124 -0.643  13.992  1.00 73.33 ? 175 LEU A CD1 1 
ATOM   1191 C CD2 . LEU A 1 177 ? -17.023 0.726   15.815  1.00 76.31 ? 175 LEU A CD2 1 
ATOM   1192 N N   . LEU A 1 178 ? -19.151 4.324   12.189  1.00 74.41 ? 176 LEU A N   1 
ATOM   1193 C CA  . LEU A 1 178 ? -20.030 5.489   12.148  1.00 75.43 ? 176 LEU A CA  1 
ATOM   1194 C C   . LEU A 1 178 ? -21.229 5.344   11.196  1.00 76.04 ? 176 LEU A C   1 
ATOM   1195 O O   . LEU A 1 178 ? -22.053 6.261   11.108  1.00 76.42 ? 176 LEU A O   1 
ATOM   1196 C CB  . LEU A 1 178 ? -19.247 6.761   11.799  1.00 75.63 ? 176 LEU A CB  1 
ATOM   1197 C CG  . LEU A 1 178 ? -18.342 7.339   12.894  1.00 76.81 ? 176 LEU A CG  1 
ATOM   1198 C CD1 . LEU A 1 178 ? -17.597 8.556   12.329  1.00 77.08 ? 176 LEU A CD1 1 
ATOM   1199 C CD2 . LEU A 1 178 ? -19.108 7.704   14.193  1.00 76.40 ? 176 LEU A CD2 1 
ATOM   1200 N N   . THR A 1 179 ? -21.330 4.214   10.485  1.00 76.55 ? 177 THR A N   1 
ATOM   1201 C CA  . THR A 1 179 ? -22.494 3.915   9.647   1.00 76.66 ? 177 THR A CA  1 
ATOM   1202 C C   . THR A 1 179 ? -22.981 2.461   9.852   1.00 77.11 ? 177 THR A C   1 
ATOM   1203 O O   . THR A 1 179 ? -23.252 2.011   10.978  1.00 77.04 ? 177 THR A O   1 
ATOM   1204 C CB  . THR A 1 179 ? -22.181 4.200   8.121   1.00 76.74 ? 177 THR A CB  1 
ATOM   1205 O OG1 . THR A 1 179 ? -21.763 3.006   7.444   1.00 76.44 ? 177 THR A OG1 1 
ATOM   1206 C CG2 . THR A 1 179 ? -21.115 5.288   7.950   1.00 76.26 ? 177 THR A CG2 1 
HETATM 1207 C C1  . GOL B 2 .   ? 9.023   4.500   1.601   1.00 42.27 ? 186 GOL A C1  1 
HETATM 1208 O O1  . GOL B 2 .   ? 9.670   4.706   2.847   1.00 42.60 ? 186 GOL A O1  1 
HETATM 1209 C C2  . GOL B 2 .   ? 8.121   3.260   1.656   1.00 40.99 ? 186 GOL A C2  1 
HETATM 1210 O O2  . GOL B 2 .   ? 6.995   3.514   2.460   1.00 40.23 ? 186 GOL A O2  1 
HETATM 1211 C C3  . GOL B 2 .   ? 7.652   2.827   0.281   1.00 42.23 ? 186 GOL A C3  1 
HETATM 1212 O O3  . GOL B 2 .   ? 7.285   3.933   -0.548  1.00 41.62 ? 186 GOL A O3  1 
HETATM 1213 O O   . HOH C 3 .   ? 10.994  11.865  -3.253  1.00 55.26 ? 187 HOH A O   1 
HETATM 1214 O O   . HOH C 3 .   ? -18.037 7.021   7.786   1.00 61.22 ? 188 HOH A O   1 
HETATM 1215 O O   . HOH C 3 .   ? -8.085  11.829  -4.139  1.00 51.32 ? 189 HOH A O   1 
HETATM 1216 O O   . HOH C 3 .   ? -10.264 -13.922 0.622   1.00 45.39 ? 190 HOH A O   1 
HETATM 1217 O O   . HOH C 3 .   ? -0.629  15.995  -1.321  1.00 45.27 ? 191 HOH A O   1 
HETATM 1218 O O   . HOH C 3 .   ? 4.124   0.002   -5.752  1.00 48.45 ? 192 HOH A O   1 
HETATM 1219 O O   . HOH C 3 .   ? -11.879 5.639   -1.186  1.00 39.27 ? 193 HOH A O   1 
HETATM 1220 O O   . HOH C 3 .   ? -15.856 2.449   -4.450  1.00 51.26 ? 194 HOH A O   1 
HETATM 1221 O O   . HOH C 3 .   ? 16.859  19.752  6.202   1.00 59.03 ? 195 HOH A O   1 
HETATM 1222 O O   . HOH C 3 .   ? -2.046  -13.395 -6.630  1.00 48.43 ? 196 HOH A O   1 
HETATM 1223 O O   . HOH C 3 .   ? -6.094  0.784   -18.666 1.00 62.44 ? 197 HOH A O   1 
HETATM 1224 O O   . HOH C 3 .   ? 5.902   17.602  -3.415  1.00 55.86 ? 198 HOH A O   1 
HETATM 1225 O O   . HOH C 3 .   ? 5.778   -7.616  9.791   1.00 49.68 ? 199 HOH A O   1 
HETATM 1226 O O   . HOH C 3 .   ? -15.040 -17.593 0.597   1.00 57.52 ? 200 HOH A O   1 
HETATM 1227 O O   . HOH C 3 .   ? 21.194  15.959  2.360   1.00 55.36 ? 201 HOH A O   1 
HETATM 1228 O O   . HOH C 3 .   ? 3.389   -8.883  10.334  1.00 47.36 ? 202 HOH A O   1 
HETATM 1229 O O   . HOH C 3 .   ? 17.531  16.006  0.053   0.50 42.63 ? 203 HOH A O   1 
HETATM 1230 O O   . HOH C 3 .   ? -2.613  -1.529  0.136   1.00 35.83 ? 204 HOH A O   1 
HETATM 1231 O O   . HOH C 3 .   ? 5.034   1.555   -1.135  1.00 38.31 ? 205 HOH A O   1 
HETATM 1232 O O   . HOH C 3 .   ? 10.421  -5.098  -5.833  1.00 41.23 ? 206 HOH A O   1 
HETATM 1233 O O   . HOH C 3 .   ? 6.439   -3.865  -3.150  1.00 41.81 ? 207 HOH A O   1 
HETATM 1234 O O   . HOH C 3 .   ? 4.736   -1.648  -3.453  1.00 41.11 ? 208 HOH A O   1 
HETATM 1235 O O   . HOH C 3 .   ? 7.897   -2.003  -2.160  1.00 35.84 ? 209 HOH A O   1 
HETATM 1236 O O   . HOH C 3 .   ? 7.828   -4.326  -5.471  1.00 43.32 ? 210 HOH A O   1 
HETATM 1237 O O   . HOH C 3 .   ? 6.178   -1.270  11.689  1.00 52.96 ? 211 HOH A O   1 
# 
